data_3CEC
# 
_entry.id   3CEC 
# 
_audit_conform.dict_name       mmcif_pdbx.dic 
_audit_conform.dict_version    5.399 
_audit_conform.dict_location   http://mmcif.pdb.org/dictionaries/ascii/mmcif_pdbx.dic 
# 
loop_
_database_2.database_id 
_database_2.database_code 
_database_2.pdbx_database_accession 
_database_2.pdbx_DOI 
PDB   3CEC         pdb_00003cec 10.2210/pdb3cec/pdb 
RCSB  RCSB046672   ?            ?                   
WWPDB D_1000046672 ?            ?                   
# 
loop_
_pdbx_audit_revision_history.ordinal 
_pdbx_audit_revision_history.data_content_type 
_pdbx_audit_revision_history.major_revision 
_pdbx_audit_revision_history.minor_revision 
_pdbx_audit_revision_history.revision_date 
1 'Structure model' 1 0 2008-03-11 
2 'Structure model' 1 1 2011-07-13 
3 'Structure model' 1 2 2017-10-25 
4 'Structure model' 1 3 2019-07-24 
5 'Structure model' 1 4 2023-02-01 
6 'Structure model' 1 5 2024-11-20 
# 
_pdbx_audit_revision_details.ordinal             1 
_pdbx_audit_revision_details.revision_ordinal    1 
_pdbx_audit_revision_details.data_content_type   'Structure model' 
_pdbx_audit_revision_details.provider            repository 
_pdbx_audit_revision_details.type                'Initial release' 
_pdbx_audit_revision_details.description         ? 
_pdbx_audit_revision_details.details             ? 
# 
loop_
_pdbx_audit_revision_group.ordinal 
_pdbx_audit_revision_group.revision_ordinal 
_pdbx_audit_revision_group.data_content_type 
_pdbx_audit_revision_group.group 
1  2 'Structure model' Advisory                    
2  2 'Structure model' 'Source and taxonomy'       
3  2 'Structure model' 'Version format compliance' 
4  3 'Structure model' 'Refinement description'    
5  4 'Structure model' 'Data collection'           
6  4 'Structure model' 'Derived calculations'      
7  4 'Structure model' 'Refinement description'    
8  5 'Structure model' 'Database references'       
9  5 'Structure model' 'Derived calculations'      
10 6 'Structure model' 'Data collection'           
11 6 'Structure model' 'Structure summary'         
# 
loop_
_pdbx_audit_revision_category.ordinal 
_pdbx_audit_revision_category.revision_ordinal 
_pdbx_audit_revision_category.data_content_type 
_pdbx_audit_revision_category.category 
1  3 'Structure model' software                  
2  4 'Structure model' software                  
3  4 'Structure model' struct_conn               
4  5 'Structure model' database_2                
5  5 'Structure model' struct_ref_seq_dif        
6  5 'Structure model' struct_site               
7  6 'Structure model' chem_comp_atom            
8  6 'Structure model' chem_comp_bond            
9  6 'Structure model' pdbx_entry_details        
10 6 'Structure model' pdbx_modification_feature 
# 
loop_
_pdbx_audit_revision_item.ordinal 
_pdbx_audit_revision_item.revision_ordinal 
_pdbx_audit_revision_item.data_content_type 
_pdbx_audit_revision_item.item 
1  3 'Structure model' '_software.classification'                     
2  3 'Structure model' '_software.name'                               
3  4 'Structure model' '_software.classification'                     
4  4 'Structure model' '_software.contact_author'                     
5  4 'Structure model' '_software.contact_author_email'               
6  4 'Structure model' '_software.language'                           
7  4 'Structure model' '_software.location'                           
8  4 'Structure model' '_software.name'                               
9  4 'Structure model' '_software.type'                               
10 4 'Structure model' '_software.version'                            
11 4 'Structure model' '_struct_conn.pdbx_leaving_atom_flag'          
12 5 'Structure model' '_database_2.pdbx_DOI'                         
13 5 'Structure model' '_database_2.pdbx_database_accession'          
14 5 'Structure model' '_struct_ref_seq_dif.details'                  
15 5 'Structure model' '_struct_site.pdbx_auth_asym_id'               
16 5 'Structure model' '_struct_site.pdbx_auth_comp_id'               
17 5 'Structure model' '_struct_site.pdbx_auth_seq_id'                
18 6 'Structure model' '_pdbx_entry_details.has_protein_modification' 
# 
_pdbx_database_status.SG_entry                        Y 
_pdbx_database_status.entry_id                        3CEC 
_pdbx_database_status.deposit_site                    RCSB 
_pdbx_database_status.process_site                    RCSB 
_pdbx_database_status.recvd_initial_deposition_date   2008-02-28 
_pdbx_database_status.status_code                     REL 
_pdbx_database_status.status_code_sf                  REL 
_pdbx_database_status.status_code_mr                  ? 
_pdbx_database_status.status_code_cs                  ? 
_pdbx_database_status.pdb_format_compatible           Y 
_pdbx_database_status.methods_development_category    ? 
_pdbx_database_status.status_code_nmr_data            ? 
# 
_pdbx_database_related.db_name        TargetDB 
_pdbx_database_related.db_id          371811 
_pdbx_database_related.details        . 
_pdbx_database_related.content_type   unspecified 
# 
_audit_author.name           'Joint Center for Structural Genomics (JCSG)' 
_audit_author.pdbx_ordinal   1 
# 
_citation.id                        primary 
_citation.title                     
;Crystal structure of putative antidote protein of plasmid maintenance system (ZP_00107635.1) from Nostoc punctiforme PCC 73102 at 1.60 A resolution
;
_citation.journal_abbrev            'To be published' 
_citation.journal_volume            ? 
_citation.page_first                ? 
_citation.page_last                 ? 
_citation.year                      ? 
_citation.journal_id_ASTM           ? 
_citation.country                   ? 
_citation.journal_id_ISSN           ? 
_citation.journal_id_CSD            0353 
_citation.book_publisher            ? 
_citation.pdbx_database_id_PubMed   ? 
_citation.pdbx_database_id_DOI      ? 
# 
_citation_author.citation_id        primary 
_citation_author.name               'Joint Center for Structural Genomics (JCSG)' 
_citation_author.ordinal            1 
_citation_author.identifier_ORCID   ? 
# 
loop_
_entity.id 
_entity.type 
_entity.src_method 
_entity.pdbx_description 
_entity.formula_weight 
_entity.pdbx_number_of_molecules 
_entity.pdbx_ec 
_entity.pdbx_mutation 
_entity.pdbx_fragment 
_entity.details 
1 polymer     man 'Putative antidote protein of plasmid maintenance system' 11885.062 1  ? ? ? ? 
2 non-polymer syn '(4R)-2-METHYLPENTANE-2,4-DIOL'                           118.174   1  ? ? ? ? 
3 non-polymer syn 'DI(HYDROXYETHYL)ETHER'                                   106.120   1  ? ? ? ? 
4 water       nat water                                                     18.015    97 ? ? ? ? 
# 
_entity_poly.entity_id                      1 
_entity_poly.type                           'polypeptide(L)' 
_entity_poly.nstd_linkage                   no 
_entity_poly.nstd_monomer                   yes 
_entity_poly.pdbx_seq_one_letter_code       
;G(MSE)DNWQDITDDRLVRPIHPGEVIADILDDLDINTANFAEILGVSNQTIQEVINGQRSITVDIAIRLGKALGNGPRL
WLNLQQKVDLWYALQSHKEEYEQV(MSE)TLV
;
_entity_poly.pdbx_seq_one_letter_code_can   
;GMDNWQDITDDRLVRPIHPGEVIADILDDLDINTANFAEILGVSNQTIQEVINGQRSITVDIAIRLGKALGNGPRLWLNL
QQKVDLWYALQSHKEEYEQVMTLV
;
_entity_poly.pdbx_strand_id                 A 
_entity_poly.pdbx_target_identifier         371811 
# 
loop_
_pdbx_entity_nonpoly.entity_id 
_pdbx_entity_nonpoly.name 
_pdbx_entity_nonpoly.comp_id 
2 '(4R)-2-METHYLPENTANE-2,4-DIOL' MRD 
3 'DI(HYDROXYETHYL)ETHER'         PEG 
4 water                           HOH 
# 
loop_
_entity_poly_seq.entity_id 
_entity_poly_seq.num 
_entity_poly_seq.mon_id 
_entity_poly_seq.hetero 
1 1   GLY n 
1 2   MSE n 
1 3   ASP n 
1 4   ASN n 
1 5   TRP n 
1 6   GLN n 
1 7   ASP n 
1 8   ILE n 
1 9   THR n 
1 10  ASP n 
1 11  ASP n 
1 12  ARG n 
1 13  LEU n 
1 14  VAL n 
1 15  ARG n 
1 16  PRO n 
1 17  ILE n 
1 18  HIS n 
1 19  PRO n 
1 20  GLY n 
1 21  GLU n 
1 22  VAL n 
1 23  ILE n 
1 24  ALA n 
1 25  ASP n 
1 26  ILE n 
1 27  LEU n 
1 28  ASP n 
1 29  ASP n 
1 30  LEU n 
1 31  ASP n 
1 32  ILE n 
1 33  ASN n 
1 34  THR n 
1 35  ALA n 
1 36  ASN n 
1 37  PHE n 
1 38  ALA n 
1 39  GLU n 
1 40  ILE n 
1 41  LEU n 
1 42  GLY n 
1 43  VAL n 
1 44  SER n 
1 45  ASN n 
1 46  GLN n 
1 47  THR n 
1 48  ILE n 
1 49  GLN n 
1 50  GLU n 
1 51  VAL n 
1 52  ILE n 
1 53  ASN n 
1 54  GLY n 
1 55  GLN n 
1 56  ARG n 
1 57  SER n 
1 58  ILE n 
1 59  THR n 
1 60  VAL n 
1 61  ASP n 
1 62  ILE n 
1 63  ALA n 
1 64  ILE n 
1 65  ARG n 
1 66  LEU n 
1 67  GLY n 
1 68  LYS n 
1 69  ALA n 
1 70  LEU n 
1 71  GLY n 
1 72  ASN n 
1 73  GLY n 
1 74  PRO n 
1 75  ARG n 
1 76  LEU n 
1 77  TRP n 
1 78  LEU n 
1 79  ASN n 
1 80  LEU n 
1 81  GLN n 
1 82  GLN n 
1 83  LYS n 
1 84  VAL n 
1 85  ASP n 
1 86  LEU n 
1 87  TRP n 
1 88  TYR n 
1 89  ALA n 
1 90  LEU n 
1 91  GLN n 
1 92  SER n 
1 93  HIS n 
1 94  LYS n 
1 95  GLU n 
1 96  GLU n 
1 97  TYR n 
1 98  GLU n 
1 99  GLN n 
1 100 VAL n 
1 101 MSE n 
1 102 THR n 
1 103 LEU n 
1 104 VAL n 
# 
_entity_src_gen.entity_id                          1 
_entity_src_gen.pdbx_src_id                        1 
_entity_src_gen.pdbx_alt_source_flag               sample 
_entity_src_gen.pdbx_seq_type                      ? 
_entity_src_gen.pdbx_beg_seq_num                   ? 
_entity_src_gen.pdbx_end_seq_num                   ? 
_entity_src_gen.gene_src_common_name               ? 
_entity_src_gen.gene_src_genus                     Nostoc 
_entity_src_gen.pdbx_gene_src_gene                 ZP_00107635.1 
_entity_src_gen.gene_src_species                   'Nostoc punctiforme' 
_entity_src_gen.gene_src_strain                    'PCC 73102' 
_entity_src_gen.gene_src_tissue                    ? 
_entity_src_gen.gene_src_tissue_fraction           ? 
_entity_src_gen.gene_src_details                   ? 
_entity_src_gen.pdbx_gene_src_fragment             ? 
_entity_src_gen.pdbx_gene_src_scientific_name      'Nostoc punctiforme' 
_entity_src_gen.pdbx_gene_src_ncbi_taxonomy_id     63737 
_entity_src_gen.pdbx_gene_src_variant              ? 
_entity_src_gen.pdbx_gene_src_cell_line            ? 
_entity_src_gen.pdbx_gene_src_atcc                 ? 
_entity_src_gen.pdbx_gene_src_organ                ? 
_entity_src_gen.pdbx_gene_src_organelle            ? 
_entity_src_gen.pdbx_gene_src_cell                 ? 
_entity_src_gen.pdbx_gene_src_cellular_location    ? 
_entity_src_gen.host_org_common_name               ? 
_entity_src_gen.pdbx_host_org_scientific_name      'Escherichia coli' 
_entity_src_gen.pdbx_host_org_ncbi_taxonomy_id     562 
_entity_src_gen.host_org_genus                     Escherichia 
_entity_src_gen.pdbx_host_org_gene                 ? 
_entity_src_gen.pdbx_host_org_organ                ? 
_entity_src_gen.host_org_species                   ? 
_entity_src_gen.pdbx_host_org_tissue               ? 
_entity_src_gen.pdbx_host_org_tissue_fraction      ? 
_entity_src_gen.pdbx_host_org_strain               HK100 
_entity_src_gen.pdbx_host_org_variant              ? 
_entity_src_gen.pdbx_host_org_cell_line            ? 
_entity_src_gen.pdbx_host_org_atcc                 ? 
_entity_src_gen.pdbx_host_org_culture_collection   ? 
_entity_src_gen.pdbx_host_org_cell                 ? 
_entity_src_gen.pdbx_host_org_organelle            ? 
_entity_src_gen.pdbx_host_org_cellular_location    ? 
_entity_src_gen.pdbx_host_org_vector_type          Plasmid 
_entity_src_gen.pdbx_host_org_vector               ? 
_entity_src_gen.host_org_details                   ? 
_entity_src_gen.expression_system_id               ? 
_entity_src_gen.plasmid_name                       SpeedET 
_entity_src_gen.plasmid_details                    ? 
_entity_src_gen.pdbx_description                   ? 
# 
loop_
_chem_comp.id 
_chem_comp.type 
_chem_comp.mon_nstd_flag 
_chem_comp.name 
_chem_comp.pdbx_synonyms 
_chem_comp.formula 
_chem_comp.formula_weight 
ALA 'L-peptide linking' y ALANINE                         ? 'C3 H7 N O2'     89.093  
ARG 'L-peptide linking' y ARGININE                        ? 'C6 H15 N4 O2 1' 175.209 
ASN 'L-peptide linking' y ASPARAGINE                      ? 'C4 H8 N2 O3'    132.118 
ASP 'L-peptide linking' y 'ASPARTIC ACID'                 ? 'C4 H7 N O4'     133.103 
GLN 'L-peptide linking' y GLUTAMINE                       ? 'C5 H10 N2 O3'   146.144 
GLU 'L-peptide linking' y 'GLUTAMIC ACID'                 ? 'C5 H9 N O4'     147.129 
GLY 'peptide linking'   y GLYCINE                         ? 'C2 H5 N O2'     75.067  
HIS 'L-peptide linking' y HISTIDINE                       ? 'C6 H10 N3 O2 1' 156.162 
HOH non-polymer         . WATER                           ? 'H2 O'           18.015  
ILE 'L-peptide linking' y ISOLEUCINE                      ? 'C6 H13 N O2'    131.173 
LEU 'L-peptide linking' y LEUCINE                         ? 'C6 H13 N O2'    131.173 
LYS 'L-peptide linking' y LYSINE                          ? 'C6 H15 N2 O2 1' 147.195 
MRD non-polymer         . '(4R)-2-METHYLPENTANE-2,4-DIOL' ? 'C6 H14 O2'      118.174 
MSE 'L-peptide linking' n SELENOMETHIONINE                ? 'C5 H11 N O2 Se' 196.106 
PEG non-polymer         . 'DI(HYDROXYETHYL)ETHER'         ? 'C4 H10 O3'      106.120 
PHE 'L-peptide linking' y PHENYLALANINE                   ? 'C9 H11 N O2'    165.189 
PRO 'L-peptide linking' y PROLINE                         ? 'C5 H9 N O2'     115.130 
SER 'L-peptide linking' y SERINE                          ? 'C3 H7 N O3'     105.093 
THR 'L-peptide linking' y THREONINE                       ? 'C4 H9 N O3'     119.119 
TRP 'L-peptide linking' y TRYPTOPHAN                      ? 'C11 H12 N2 O2'  204.225 
TYR 'L-peptide linking' y TYROSINE                        ? 'C9 H11 N O3'    181.189 
VAL 'L-peptide linking' y VALINE                          ? 'C5 H11 N O2'    117.146 
# 
loop_
_pdbx_poly_seq_scheme.asym_id 
_pdbx_poly_seq_scheme.entity_id 
_pdbx_poly_seq_scheme.seq_id 
_pdbx_poly_seq_scheme.mon_id 
_pdbx_poly_seq_scheme.ndb_seq_num 
_pdbx_poly_seq_scheme.pdb_seq_num 
_pdbx_poly_seq_scheme.auth_seq_num 
_pdbx_poly_seq_scheme.pdb_mon_id 
_pdbx_poly_seq_scheme.auth_mon_id 
_pdbx_poly_seq_scheme.pdb_strand_id 
_pdbx_poly_seq_scheme.pdb_ins_code 
_pdbx_poly_seq_scheme.hetero 
A 1 1   GLY 1   0   ?   ?   ?   A . n 
A 1 2   MSE 2   1   ?   ?   ?   A . n 
A 1 3   ASP 3   2   ?   ?   ?   A . n 
A 1 4   ASN 4   3   ?   ?   ?   A . n 
A 1 5   TRP 5   4   ?   ?   ?   A . n 
A 1 6   GLN 6   5   ?   ?   ?   A . n 
A 1 7   ASP 7   6   ?   ?   ?   A . n 
A 1 8   ILE 8   7   ?   ?   ?   A . n 
A 1 9   THR 9   8   ?   ?   ?   A . n 
A 1 10  ASP 10  9   ?   ?   ?   A . n 
A 1 11  ASP 11  10  ?   ?   ?   A . n 
A 1 12  ARG 12  11  ?   ?   ?   A . n 
A 1 13  LEU 13  12  ?   ?   ?   A . n 
A 1 14  VAL 14  13  13  VAL VAL A . n 
A 1 15  ARG 15  14  14  ARG ARG A . n 
A 1 16  PRO 16  15  15  PRO PRO A . n 
A 1 17  ILE 17  16  16  ILE ILE A . n 
A 1 18  HIS 18  17  17  HIS HIS A . n 
A 1 19  PRO 19  18  18  PRO PRO A . n 
A 1 20  GLY 20  19  19  GLY GLY A . n 
A 1 21  GLU 21  20  20  GLU GLU A . n 
A 1 22  VAL 22  21  21  VAL VAL A . n 
A 1 23  ILE 23  22  22  ILE ILE A . n 
A 1 24  ALA 24  23  23  ALA ALA A . n 
A 1 25  ASP 25  24  24  ASP ASP A . n 
A 1 26  ILE 26  25  25  ILE ILE A . n 
A 1 27  LEU 27  26  26  LEU LEU A . n 
A 1 28  ASP 28  27  27  ASP ASP A . n 
A 1 29  ASP 29  28  28  ASP ASP A . n 
A 1 30  LEU 30  29  29  LEU LEU A . n 
A 1 31  ASP 31  30  30  ASP ASP A . n 
A 1 32  ILE 32  31  31  ILE ILE A . n 
A 1 33  ASN 33  32  32  ASN ASN A . n 
A 1 34  THR 34  33  33  THR THR A . n 
A 1 35  ALA 35  34  34  ALA ALA A . n 
A 1 36  ASN 36  35  35  ASN ASN A . n 
A 1 37  PHE 37  36  36  PHE PHE A . n 
A 1 38  ALA 38  37  37  ALA ALA A . n 
A 1 39  GLU 39  38  38  GLU GLU A . n 
A 1 40  ILE 40  39  39  ILE ILE A . n 
A 1 41  LEU 41  40  40  LEU LEU A . n 
A 1 42  GLY 42  41  41  GLY GLY A . n 
A 1 43  VAL 43  42  42  VAL VAL A . n 
A 1 44  SER 44  43  43  SER SER A . n 
A 1 45  ASN 45  44  44  ASN ASN A . n 
A 1 46  GLN 46  45  45  GLN GLN A . n 
A 1 47  THR 47  46  46  THR THR A . n 
A 1 48  ILE 48  47  47  ILE ILE A . n 
A 1 49  GLN 49  48  48  GLN GLN A . n 
A 1 50  GLU 50  49  49  GLU GLU A . n 
A 1 51  VAL 51  50  50  VAL VAL A . n 
A 1 52  ILE 52  51  51  ILE ILE A . n 
A 1 53  ASN 53  52  52  ASN ASN A . n 
A 1 54  GLY 54  53  53  GLY GLY A . n 
A 1 55  GLN 55  54  54  GLN GLN A . n 
A 1 56  ARG 56  55  55  ARG ARG A . n 
A 1 57  SER 57  56  56  SER SER A . n 
A 1 58  ILE 58  57  57  ILE ILE A . n 
A 1 59  THR 59  58  58  THR THR A . n 
A 1 60  VAL 60  59  59  VAL VAL A . n 
A 1 61  ASP 61  60  60  ASP ASP A . n 
A 1 62  ILE 62  61  61  ILE ILE A . n 
A 1 63  ALA 63  62  62  ALA ALA A . n 
A 1 64  ILE 64  63  63  ILE ILE A . n 
A 1 65  ARG 65  64  64  ARG ARG A . n 
A 1 66  LEU 66  65  65  LEU LEU A . n 
A 1 67  GLY 67  66  66  GLY GLY A . n 
A 1 68  LYS 68  67  67  LYS LYS A . n 
A 1 69  ALA 69  68  68  ALA ALA A . n 
A 1 70  LEU 70  69  69  LEU LEU A . n 
A 1 71  GLY 71  70  70  GLY GLY A . n 
A 1 72  ASN 72  71  71  ASN ASN A . n 
A 1 73  GLY 73  72  72  GLY GLY A . n 
A 1 74  PRO 74  73  73  PRO PRO A . n 
A 1 75  ARG 75  74  74  ARG ARG A . n 
A 1 76  LEU 76  75  75  LEU LEU A . n 
A 1 77  TRP 77  76  76  TRP TRP A . n 
A 1 78  LEU 78  77  77  LEU LEU A . n 
A 1 79  ASN 79  78  78  ASN ASN A . n 
A 1 80  LEU 80  79  79  LEU LEU A . n 
A 1 81  GLN 81  80  80  GLN GLN A . n 
A 1 82  GLN 82  81  81  GLN GLN A . n 
A 1 83  LYS 83  82  82  LYS LYS A . n 
A 1 84  VAL 84  83  83  VAL VAL A . n 
A 1 85  ASP 85  84  84  ASP ASP A . n 
A 1 86  LEU 86  85  85  LEU LEU A . n 
A 1 87  TRP 87  86  86  TRP TRP A . n 
A 1 88  TYR 88  87  87  TYR TYR A . n 
A 1 89  ALA 89  88  88  ALA ALA A . n 
A 1 90  LEU 90  89  89  LEU LEU A . n 
A 1 91  GLN 91  90  90  GLN GLN A . n 
A 1 92  SER 92  91  91  SER SER A . n 
A 1 93  HIS 93  92  92  HIS HIS A . n 
A 1 94  LYS 94  93  93  LYS LYS A . n 
A 1 95  GLU 95  94  94  GLU GLU A . n 
A 1 96  GLU 96  95  95  GLU GLU A . n 
A 1 97  TYR 97  96  96  TYR TYR A . n 
A 1 98  GLU 98  97  97  GLU GLU A . n 
A 1 99  GLN 99  98  98  GLN GLN A . n 
A 1 100 VAL 100 99  99  VAL VAL A . n 
A 1 101 MSE 101 100 100 MSE MSE A . n 
A 1 102 THR 102 101 101 THR THR A . n 
A 1 103 LEU 103 102 102 LEU LEU A . n 
A 1 104 VAL 104 103 103 VAL VAL A . n 
# 
loop_
_pdbx_nonpoly_scheme.asym_id 
_pdbx_nonpoly_scheme.entity_id 
_pdbx_nonpoly_scheme.mon_id 
_pdbx_nonpoly_scheme.ndb_seq_num 
_pdbx_nonpoly_scheme.pdb_seq_num 
_pdbx_nonpoly_scheme.auth_seq_num 
_pdbx_nonpoly_scheme.pdb_mon_id 
_pdbx_nonpoly_scheme.auth_mon_id 
_pdbx_nonpoly_scheme.pdb_strand_id 
_pdbx_nonpoly_scheme.pdb_ins_code 
B 2 MRD 1  104 1  MRD MRD A . 
C 3 PEG 1  105 2  PEG PEG A . 
D 4 HOH 1  106 3  HOH HOH A . 
D 4 HOH 2  107 4  HOH HOH A . 
D 4 HOH 3  108 5  HOH HOH A . 
D 4 HOH 4  109 6  HOH HOH A . 
D 4 HOH 5  110 7  HOH HOH A . 
D 4 HOH 6  111 8  HOH HOH A . 
D 4 HOH 7  112 9  HOH HOH A . 
D 4 HOH 8  113 10 HOH HOH A . 
D 4 HOH 9  114 11 HOH HOH A . 
D 4 HOH 10 115 12 HOH HOH A . 
D 4 HOH 11 116 13 HOH HOH A . 
D 4 HOH 12 117 14 HOH HOH A . 
D 4 HOH 13 118 15 HOH HOH A . 
D 4 HOH 14 119 16 HOH HOH A . 
D 4 HOH 15 120 17 HOH HOH A . 
D 4 HOH 16 121 18 HOH HOH A . 
D 4 HOH 17 122 19 HOH HOH A . 
D 4 HOH 18 123 20 HOH HOH A . 
D 4 HOH 19 124 21 HOH HOH A . 
D 4 HOH 20 125 22 HOH HOH A . 
D 4 HOH 21 126 23 HOH HOH A . 
D 4 HOH 22 127 24 HOH HOH A . 
D 4 HOH 23 128 25 HOH HOH A . 
D 4 HOH 24 129 26 HOH HOH A . 
D 4 HOH 25 130 27 HOH HOH A . 
D 4 HOH 26 131 28 HOH HOH A . 
D 4 HOH 27 132 29 HOH HOH A . 
D 4 HOH 28 133 30 HOH HOH A . 
D 4 HOH 29 134 31 HOH HOH A . 
D 4 HOH 30 135 32 HOH HOH A . 
D 4 HOH 31 136 33 HOH HOH A . 
D 4 HOH 32 137 34 HOH HOH A . 
D 4 HOH 33 138 35 HOH HOH A . 
D 4 HOH 34 139 36 HOH HOH A . 
D 4 HOH 35 140 37 HOH HOH A . 
D 4 HOH 36 141 38 HOH HOH A . 
D 4 HOH 37 142 39 HOH HOH A . 
D 4 HOH 38 143 40 HOH HOH A . 
D 4 HOH 39 144 41 HOH HOH A . 
D 4 HOH 40 145 42 HOH HOH A . 
D 4 HOH 41 146 43 HOH HOH A . 
D 4 HOH 42 147 44 HOH HOH A . 
D 4 HOH 43 148 45 HOH HOH A . 
D 4 HOH 44 149 46 HOH HOH A . 
D 4 HOH 45 150 47 HOH HOH A . 
D 4 HOH 46 151 48 HOH HOH A . 
D 4 HOH 47 152 49 HOH HOH A . 
D 4 HOH 48 153 50 HOH HOH A . 
D 4 HOH 49 154 51 HOH HOH A . 
D 4 HOH 50 155 52 HOH HOH A . 
D 4 HOH 51 156 53 HOH HOH A . 
D 4 HOH 52 157 54 HOH HOH A . 
D 4 HOH 53 158 55 HOH HOH A . 
D 4 HOH 54 159 56 HOH HOH A . 
D 4 HOH 55 160 57 HOH HOH A . 
D 4 HOH 56 161 58 HOH HOH A . 
D 4 HOH 57 162 59 HOH HOH A . 
D 4 HOH 58 163 60 HOH HOH A . 
D 4 HOH 59 164 61 HOH HOH A . 
D 4 HOH 60 165 62 HOH HOH A . 
D 4 HOH 61 166 63 HOH HOH A . 
D 4 HOH 62 167 64 HOH HOH A . 
D 4 HOH 63 168 65 HOH HOH A . 
D 4 HOH 64 169 66 HOH HOH A . 
D 4 HOH 65 170 67 HOH HOH A . 
D 4 HOH 66 171 68 HOH HOH A . 
D 4 HOH 67 172 69 HOH HOH A . 
D 4 HOH 68 173 70 HOH HOH A . 
D 4 HOH 69 174 71 HOH HOH A . 
D 4 HOH 70 175 72 HOH HOH A . 
D 4 HOH 71 176 73 HOH HOH A . 
D 4 HOH 72 177 74 HOH HOH A . 
D 4 HOH 73 178 75 HOH HOH A . 
D 4 HOH 74 179 76 HOH HOH A . 
D 4 HOH 75 180 77 HOH HOH A . 
D 4 HOH 76 181 78 HOH HOH A . 
D 4 HOH 77 182 79 HOH HOH A . 
D 4 HOH 78 183 80 HOH HOH A . 
D 4 HOH 79 184 81 HOH HOH A . 
D 4 HOH 80 185 82 HOH HOH A . 
D 4 HOH 81 186 83 HOH HOH A . 
D 4 HOH 82 187 84 HOH HOH A . 
D 4 HOH 83 188 85 HOH HOH A . 
D 4 HOH 84 189 86 HOH HOH A . 
D 4 HOH 85 190 87 HOH HOH A . 
D 4 HOH 86 191 88 HOH HOH A . 
D 4 HOH 87 192 89 HOH HOH A . 
D 4 HOH 88 193 90 HOH HOH A . 
D 4 HOH 89 194 91 HOH HOH A . 
D 4 HOH 90 195 92 HOH HOH A . 
D 4 HOH 91 196 93 HOH HOH A . 
D 4 HOH 92 197 94 HOH HOH A . 
D 4 HOH 93 198 95 HOH HOH A . 
D 4 HOH 94 199 96 HOH HOH A . 
D 4 HOH 95 200 97 HOH HOH A . 
D 4 HOH 96 201 98 HOH HOH A . 
D 4 HOH 97 202 99 HOH HOH A . 
# 
loop_
_pdbx_unobs_or_zero_occ_atoms.id 
_pdbx_unobs_or_zero_occ_atoms.PDB_model_num 
_pdbx_unobs_or_zero_occ_atoms.polymer_flag 
_pdbx_unobs_or_zero_occ_atoms.occupancy_flag 
_pdbx_unobs_or_zero_occ_atoms.auth_asym_id 
_pdbx_unobs_or_zero_occ_atoms.auth_comp_id 
_pdbx_unobs_or_zero_occ_atoms.auth_seq_id 
_pdbx_unobs_or_zero_occ_atoms.PDB_ins_code 
_pdbx_unobs_or_zero_occ_atoms.auth_atom_id 
_pdbx_unobs_or_zero_occ_atoms.label_alt_id 
_pdbx_unobs_or_zero_occ_atoms.label_asym_id 
_pdbx_unobs_or_zero_occ_atoms.label_comp_id 
_pdbx_unobs_or_zero_occ_atoms.label_seq_id 
_pdbx_unobs_or_zero_occ_atoms.label_atom_id 
1  1 Y 1 A VAL 13 ? CG1 ? A VAL 14 CG1 
2  1 Y 1 A VAL 13 ? CG2 ? A VAL 14 CG2 
3  1 Y 1 A ARG 14 ? CD  ? A ARG 15 CD  
4  1 Y 1 A ARG 14 ? NE  ? A ARG 15 NE  
5  1 Y 1 A ARG 14 ? CZ  ? A ARG 15 CZ  
6  1 Y 1 A ARG 14 ? NH1 ? A ARG 15 NH1 
7  1 Y 1 A ARG 14 ? NH2 ? A ARG 15 NH2 
8  1 Y 1 A GLN 81 ? CD  ? A GLN 82 CD  
9  1 Y 1 A GLN 81 ? OE1 ? A GLN 82 OE1 
10 1 Y 1 A GLN 81 ? NE2 ? A GLN 82 NE2 
11 1 Y 1 A LYS 93 ? CD  ? A LYS 94 CD  
12 1 Y 1 A LYS 93 ? CE  ? A LYS 94 CE  
13 1 Y 1 A LYS 93 ? NZ  ? A LYS 94 NZ  
14 1 Y 1 A GLU 94 ? CG  ? A GLU 95 CG  
15 1 Y 1 A GLU 94 ? CD  ? A GLU 95 CD  
16 1 Y 1 A GLU 94 ? OE1 ? A GLU 95 OE1 
17 1 Y 1 A GLU 94 ? OE2 ? A GLU 95 OE2 
18 1 Y 1 A GLN 98 ? CG  ? A GLN 99 CG  
19 1 Y 1 A GLN 98 ? CD  ? A GLN 99 CD  
20 1 Y 1 A GLN 98 ? OE1 ? A GLN 99 OE1 
21 1 Y 1 A GLN 98 ? NE2 ? A GLN 99 NE2 
# 
loop_
_software.name 
_software.version 
_software.date 
_software.type 
_software.contact_author 
_software.contact_author_email 
_software.classification 
_software.location 
_software.language 
_software.citation_id 
_software.pdbx_ordinal 
REFMAC      5.4.0067 ?              program 'Murshudov, G.N.'            ccp4@dl.ac.uk                        refinement        
http://www.ccp4.ac.uk/main.html                                    Fortran_77 ? 1  
PHENIX      .        ?              package 'P.D. Adams'                 PDAdams@lbl.gov                      refinement        
http://www.phenix-online.org/                                      C++        ? 2  
SHELX       .        ?              package 'George Sheldrick'           gsheldr@shelx.uni-ac.gwdg.de         phasing           
http://shelx.uni-ac.gwdg.de/SHELX/                                 Fortran_77 ? 3  
MolProbity  3beta29  ?              package 'D.C. & J.S. Richardson lab' molprobity@kinemage.biochem.duke.edu 'model building'  
http://kinemage.biochem.duke.edu/molprobity/                       ?          ? 4  
XSCALE      .        ?              package 'Wolfgang Kabsch'            ?                                    'data scaling'    
http://www.mpimf-heidelberg.mpg.de/~kabsch/xds/xscale_program.html ?          ? 5  
PDB_EXTRACT 3.000    'July 2, 2007' package PDB                          sw-help@rcsb.rutgers.edu             'data extraction' 
http://pdb.rutgers.edu/software/                                   C++        ? 6  
MAR345      CCD      ?              ?       ?                            ?                                    'data collection' ? 
?          ? 7  
XDS         .        ?              ?       ?                            ?                                    'data reduction'  ? 
?          ? 8  
SHELXD      .        ?              ?       ?                            ?                                    phasing           ? 
?          ? 9  
autoSHARP   .        ?              ?       ?                            ?                                    phasing           ? 
?          ? 10 
# 
_cell.entry_id           3CEC 
_cell.length_a           35.070 
_cell.length_b           36.710 
_cell.length_c           50.050 
_cell.angle_alpha        90.000 
_cell.angle_beta         98.380 
_cell.angle_gamma        90.000 
_cell.pdbx_unique_axis   ? 
_cell.Z_PDB              2 
_cell.length_a_esd       ? 
_cell.length_b_esd       ? 
_cell.length_c_esd       ? 
_cell.angle_alpha_esd    ? 
_cell.angle_beta_esd     ? 
_cell.angle_gamma_esd    ? 
# 
_symmetry.entry_id                         3CEC 
_symmetry.Int_Tables_number                4 
_symmetry.space_group_name_H-M             'P 1 21 1' 
_symmetry.pdbx_full_space_group_name_H-M   ? 
_symmetry.cell_setting                     ? 
_symmetry.space_group_name_Hall            ? 
# 
_exptl.crystals_number   1 
_exptl.method            'X-RAY DIFFRACTION' 
_exptl.entry_id          3CEC 
# 
_exptl_crystal.id                    1 
_exptl_crystal.density_Matthews      2.68 
_exptl_crystal.density_meas          ? 
_exptl_crystal.density_percent_sol   54.14 
_exptl_crystal.description           ? 
_exptl_crystal.F_000                 ? 
_exptl_crystal.preparation           ? 
# 
_exptl_crystal_grow.crystal_id      1 
_exptl_crystal_grow.method          'VAPOR DIFFUSION, SITTING DROP' 
_exptl_crystal_grow.pH              6.5 
_exptl_crystal_grow.temp            277 
_exptl_crystal_grow.pdbx_details    
;NANODROP, 40.0% 2-Methyl-2,4-pentanediol, 5.0% PEG 8000, 0.1M Sodium cacodylate pH 6.5, VAPOR DIFFUSION, SITTING DROP, temperature 277K
;
_exptl_crystal_grow.temp_details    ? 
_exptl_crystal_grow.pdbx_pH_range   . 
# 
_diffrn.id                     1 
_diffrn.ambient_temp           100 
_diffrn.ambient_temp_details   ? 
_diffrn.crystal_id             1 
# 
_diffrn_detector.diffrn_id              1 
_diffrn_detector.detector               CCD 
_diffrn_detector.type                   'MARMOSAIC 325 mm CCD' 
_diffrn_detector.details                'Flat mirror (vertical focusing)' 
_diffrn_detector.pdbx_collection_date   2008-01-22 
# 
_diffrn_radiation.diffrn_id                        1 
_diffrn_radiation.pdbx_monochromatic_or_laue_m_l   M 
_diffrn_radiation.monochromator                    'Single crystal Si(111) bent (horizontal focusing)' 
_diffrn_radiation.pdbx_diffrn_protocol             MAD 
_diffrn_radiation.wavelength_id                    1 
_diffrn_radiation.pdbx_scattering_type             x-ray 
# 
loop_
_diffrn_radiation_wavelength.id 
_diffrn_radiation_wavelength.wavelength 
_diffrn_radiation_wavelength.wt 
1 0.91837 1.0 
2 0.97925 1.0 
3 0.97883 1.0 
# 
_diffrn_source.diffrn_id                   1 
_diffrn_source.source                      SYNCHROTRON 
_diffrn_source.pdbx_synchrotron_beamline   BL11-1 
_diffrn_source.type                        'SSRL BEAMLINE BL11-1' 
_diffrn_source.pdbx_wavelength_list        '0.91837, 0.97925, 0.97883' 
_diffrn_source.pdbx_wavelength             ? 
_diffrn_source.pdbx_synchrotron_site       SSRL 
# 
_reflns.entry_id                     3CEC 
_reflns.d_resolution_high            1.60 
_reflns.d_resolution_low             25.214 
_reflns.number_obs                   16808 
_reflns.pdbx_Rmerge_I_obs            0.035 
_reflns.pdbx_netI_over_sigmaI        13.260 
_reflns.percent_possible_obs         98.300 
_reflns.B_iso_Wilson_estimate        19.415 
_reflns.observed_criterion_sigma_I   -3.00 
_reflns.observed_criterion_sigma_F   ? 
_reflns.number_all                   ? 
_reflns.pdbx_Rsym_value              ? 
_reflns.pdbx_redundancy              ? 
_reflns.R_free_details               ? 
_reflns.limit_h_max                  ? 
_reflns.limit_h_min                  ? 
_reflns.limit_k_max                  ? 
_reflns.limit_k_min                  ? 
_reflns.limit_l_max                  ? 
_reflns.limit_l_min                  ? 
_reflns.observed_criterion_F_max     ? 
_reflns.observed_criterion_F_min     ? 
_reflns.pdbx_chi_squared             ? 
_reflns.pdbx_scaling_rejects         ? 
_reflns.pdbx_ordinal                 1 
_reflns.pdbx_diffrn_id               1 
# 
loop_
_reflns_shell.d_res_high 
_reflns_shell.d_res_low 
_reflns_shell.number_measured_obs 
_reflns_shell.number_measured_all 
_reflns_shell.number_unique_obs 
_reflns_shell.Rmerge_I_obs 
_reflns_shell.meanI_over_sigI_obs 
_reflns_shell.pdbx_Rsym_value 
_reflns_shell.pdbx_chi_squared 
_reflns_shell.pdbx_redundancy 
_reflns_shell.percent_possible_obs 
_reflns_shell.number_unique_all 
_reflns_shell.percent_possible_all 
_reflns_shell.pdbx_ordinal 
_reflns_shell.pdbx_diffrn_id 
1.60 1.66   5788 ? 3064 0.359 2.3  ? ? ? ? ? 89.60 1  1 
1.66 1.72   5542 ? 2904 0.292 2.9  ? ? ? ? ? 98.70 2  1 
1.72 1.80   6394 ? 3350 0.216 3.8  ? ? ? ? ? 99.20 3  1 
1.80 1.90   6634 ? 3469 0.151 5.5  ? ? ? ? ? 99.10 4  1 
1.90 2.02   6279 ? 3287 0.088 8.9  ? ? ? ? ? 99.60 5  1 
2.02 2.17   6064 ? 3165 0.059 12.6 ? ? ? ? ? 99.40 6  1 
2.17 2.39   6352 ? 3314 0.042 16.1 ? ? ? ? ? 99.70 7  1 
2.39 2.73   6274 ? 3244 0.031 20.3 ? ? ? ? ? 99.80 8  1 
2.73 3.44   6437 ? 3321 0.024 26.1 ? ? ? ? ? 99.90 9  1 
3.44 25.214 6344 ? 3284 0.020 32.7 ? ? ? ? ? 98.70 10 1 
# 
_refine.entry_id                                 3CEC 
_refine.ls_d_res_high                            1.600 
_refine.ls_d_res_low                             25.214 
_refine.pdbx_ls_sigma_F                          0.00 
_refine.ls_percent_reflns_obs                    99.460 
_refine.ls_number_reflns_obs                     16798 
_refine.pdbx_ls_cross_valid_method               THROUGHOUT 
_refine.pdbx_R_Free_selection_details            RANDOM 
_refine.details                                  
;1. HYDROGENS HAVE BEEN ADDED IN THE RIDING POSITIONS.
 2. ATOM RECORD CONTAINS RESIDUAL B FACTORS ONLY.
 3. A MET-INHIBITION PROTOCOL WAS USED FOR SELENOMETHIONINE
 INCORPORATION DURING PROTEIN EXPRESSION. THE OCCUPANCY
 OF THE SE ATOMS IN THE MSE RESIDUES WAS REDUCED TO 0.75
 TO ACCOUNT FOR THE REDUCED SCATTERING POWER DUE TO PARTIAL
 S-MET INCORPORATION.
 4. 2-METHYL-2,4-PENTANEDIOL AND POLYETHYLENE GLYCOL FROM
 CRYSTALLIZATION CONDITION ARE MODELED IN THIS STRUCTURE.
;
_refine.ls_R_factor_obs                          0.168 
_refine.ls_R_factor_R_work                       0.166 
_refine.ls_R_factor_R_free                       0.202 
_refine.ls_percent_reflns_R_free                 5.100 
_refine.ls_number_reflns_R_free                  849 
_refine.B_iso_mean                               12.034 
_refine.aniso_B[1][1]                            0.850 
_refine.aniso_B[2][2]                            -0.400 
_refine.aniso_B[3][3]                            -0.350 
_refine.aniso_B[1][2]                            0.000 
_refine.aniso_B[1][3]                            0.340 
_refine.aniso_B[2][3]                            0.000 
_refine.correlation_coeff_Fo_to_Fc               0.966 
_refine.correlation_coeff_Fo_to_Fc_free          0.951 
_refine.pdbx_overall_ESU_R                       0.073 
_refine.pdbx_overall_ESU_R_Free                  0.078 
_refine.overall_SU_ML                            0.048 
_refine.overall_SU_B                             2.676 
_refine.solvent_model_details                    MASK 
_refine.pdbx_solvent_vdw_probe_radii             1.200 
_refine.pdbx_solvent_ion_probe_radii             0.800 
_refine.pdbx_solvent_shrinkage_radii             0.800 
_refine.pdbx_method_to_determine_struct          MAD 
_refine.pdbx_stereochemistry_target_values       'MAXIMUM LIKELIHOOD WITH PHASES' 
_refine.pdbx_ls_sigma_I                          ? 
_refine.ls_number_reflns_all                     ? 
_refine.ls_R_factor_all                          ? 
_refine.ls_redundancy_reflns_obs                 ? 
_refine.pdbx_data_cutoff_high_absF               ? 
_refine.pdbx_data_cutoff_low_absF                ? 
_refine.ls_number_parameters                     ? 
_refine.ls_number_restraints                     ? 
_refine.ls_R_factor_R_free_error                 ? 
_refine.ls_R_factor_R_free_error_details         ? 
_refine.pdbx_starting_model                      ? 
_refine.pdbx_stereochem_target_val_spec_case     ? 
_refine.solvent_model_param_bsol                 ? 
_refine.solvent_model_param_ksol                 ? 
_refine.occupancy_max                            ? 
_refine.occupancy_min                            ? 
_refine.pdbx_isotropic_thermal_model             ? 
_refine.B_iso_min                                ? 
_refine.B_iso_max                                ? 
_refine.overall_SU_R_Cruickshank_DPI             ? 
_refine.overall_SU_R_free                        ? 
_refine.pdbx_data_cutoff_high_rms_absF           ? 
_refine.ls_wR_factor_R_free                      ? 
_refine.ls_wR_factor_R_work                      ? 
_refine.overall_FOM_free_R_set                   ? 
_refine.overall_FOM_work_R_set                   ? 
_refine.pdbx_overall_phase_error                 ? 
_refine.pdbx_refine_id                           'X-RAY DIFFRACTION' 
_refine.pdbx_TLS_residual_ADP_flag               'LIKELY RESIDUAL' 
_refine.pdbx_diffrn_id                           1 
_refine.pdbx_overall_SU_R_free_Cruickshank_DPI   ? 
_refine.pdbx_overall_SU_R_Blow_DPI               ? 
_refine.pdbx_overall_SU_R_free_Blow_DPI          ? 
# 
_refine_hist.pdbx_refine_id                   'X-RAY DIFFRACTION' 
_refine_hist.cycle_id                         LAST 
_refine_hist.pdbx_number_atoms_protein        700 
_refine_hist.pdbx_number_atoms_nucleic_acid   0 
_refine_hist.pdbx_number_atoms_ligand         15 
_refine_hist.number_atoms_solvent             97 
_refine_hist.number_atoms_total               812 
_refine_hist.d_res_high                       1.600 
_refine_hist.d_res_low                        25.214 
# 
loop_
_refine_ls_restr.type 
_refine_ls_restr.number 
_refine_ls_restr.dev_ideal 
_refine_ls_restr.dev_ideal_target 
_refine_ls_restr.weight 
_refine_ls_restr.pdbx_refine_id 
_refine_ls_restr.pdbx_restraint_function 
r_bond_refined_d       814  0.017  0.021  ? 'X-RAY DIFFRACTION' ? 
r_bond_other_d         518  0.001  0.020  ? 'X-RAY DIFFRACTION' ? 
r_angle_refined_deg    1121 1.566  1.966  ? 'X-RAY DIFFRACTION' ? 
r_angle_other_deg      1282 1.498  3.000  ? 'X-RAY DIFFRACTION' ? 
r_dihedral_angle_1_deg 108  4.712  5.000  ? 'X-RAY DIFFRACTION' ? 
r_dihedral_angle_2_deg 39   41.495 25.897 ? 'X-RAY DIFFRACTION' ? 
r_dihedral_angle_3_deg 136  11.596 15.000 ? 'X-RAY DIFFRACTION' ? 
r_dihedral_angle_4_deg 4    18.034 15.000 ? 'X-RAY DIFFRACTION' ? 
r_chiral_restr         127  0.106  0.200  ? 'X-RAY DIFFRACTION' ? 
r_gen_planes_refined   953  0.009  0.021  ? 'X-RAY DIFFRACTION' ? 
r_gen_planes_other     149  0.004  0.020  ? 'X-RAY DIFFRACTION' ? 
r_mcbond_it            506  1.780  3.000  ? 'X-RAY DIFFRACTION' ? 
r_mcbond_other         202  0.542  3.000  ? 'X-RAY DIFFRACTION' ? 
r_mcangle_it           830  2.971  5.000  ? 'X-RAY DIFFRACTION' ? 
r_scbond_it            308  5.421  8.000  ? 'X-RAY DIFFRACTION' ? 
r_scangle_it           291  8.233  11.000 ? 'X-RAY DIFFRACTION' ? 
# 
_refine_ls_shell.d_res_high                       1.600 
_refine_ls_shell.d_res_low                        1.639 
_refine_ls_shell.pdbx_total_number_of_bins_used   20 
_refine_ls_shell.percent_reflns_obs               95.990 
_refine_ls_shell.number_reflns_R_work             1105 
_refine_ls_shell.R_factor_all                     ? 
_refine_ls_shell.R_factor_R_work                  0.217 
_refine_ls_shell.R_factor_R_free                  0.270 
_refine_ls_shell.percent_reflns_R_free            ? 
_refine_ls_shell.number_reflns_R_free             67 
_refine_ls_shell.R_factor_R_free_error            ? 
_refine_ls_shell.number_reflns_all                1172 
_refine_ls_shell.number_reflns_obs                ? 
_refine_ls_shell.redundancy_reflns_obs            ? 
_refine_ls_shell.pdbx_refine_id                   'X-RAY DIFFRACTION' 
# 
_struct.entry_id                  3CEC 
_struct.title                     
;Crystal structure of a putative antidote protein of plasmid maintenance system (npun_f2943) from nostoc punctiforme pcc 73102 at 1.60 A resolution
;
_struct.pdbx_model_details        ? 
_struct.pdbx_CASP_flag            ? 
_struct.pdbx_model_type_details   ? 
# 
_struct_keywords.text            
'Structural genomics, Joint Center for Structural Genomics, JCSG, Protein Structure Initiative, PSI-2, transcription' 
_struct_keywords.pdbx_keywords   TRANSCRIPTION 
_struct_keywords.entry_id        3CEC 
# 
loop_
_struct_asym.id 
_struct_asym.pdbx_blank_PDB_chainid_flag 
_struct_asym.pdbx_modified 
_struct_asym.entity_id 
_struct_asym.details 
A N N 1 ? 
B N N 2 ? 
C N N 3 ? 
D N N 4 ? 
# 
_struct_ref.id                         1 
_struct_ref.db_name                    PDB 
_struct_ref.db_code                    3CEC 
_struct_ref.pdbx_db_accession          3CEC 
_struct_ref.entity_id                  1 
_struct_ref.pdbx_seq_one_letter_code   
;MDNWQDITDDRLVRPIHPGEVIADILDDLDINTANFAEILGVSNQTIQEVINGQRSITVDIAIRLGKALGNGPRLWLNLQ
QKVDLWYALQSHKEEYEQVMTLV
;
_struct_ref.pdbx_align_begin           1 
_struct_ref.pdbx_db_isoform            ? 
# 
_struct_ref_seq.align_id                      1 
_struct_ref_seq.ref_id                        1 
_struct_ref_seq.pdbx_PDB_id_code              3CEC 
_struct_ref_seq.pdbx_strand_id                A 
_struct_ref_seq.seq_align_beg                 2 
_struct_ref_seq.pdbx_seq_align_beg_ins_code   ? 
_struct_ref_seq.seq_align_end                 104 
_struct_ref_seq.pdbx_seq_align_end_ins_code   ? 
_struct_ref_seq.pdbx_db_accession             3CEC 
_struct_ref_seq.db_align_beg                  1 
_struct_ref_seq.pdbx_db_align_beg_ins_code    ? 
_struct_ref_seq.db_align_end                  103 
_struct_ref_seq.pdbx_db_align_end_ins_code    ? 
_struct_ref_seq.pdbx_auth_seq_align_beg       1 
_struct_ref_seq.pdbx_auth_seq_align_end       103 
# 
_struct_ref_seq_dif.align_id                     1 
_struct_ref_seq_dif.pdbx_pdb_id_code             3CEC 
_struct_ref_seq_dif.mon_id                       GLY 
_struct_ref_seq_dif.pdbx_pdb_strand_id           A 
_struct_ref_seq_dif.seq_num                      1 
_struct_ref_seq_dif.pdbx_pdb_ins_code            ? 
_struct_ref_seq_dif.pdbx_seq_db_name             PDB 
_struct_ref_seq_dif.pdbx_seq_db_accession_code   3CEC 
_struct_ref_seq_dif.db_mon_id                    ? 
_struct_ref_seq_dif.pdbx_seq_db_seq_num          ? 
_struct_ref_seq_dif.details                      'expression tag' 
_struct_ref_seq_dif.pdbx_auth_seq_num            0 
_struct_ref_seq_dif.pdbx_ordinal                 1 
# 
_pdbx_struct_assembly.id                   1 
_pdbx_struct_assembly.details              software_defined_assembly 
_pdbx_struct_assembly.method_details       PISA 
_pdbx_struct_assembly.oligomeric_details   monomeric 
_pdbx_struct_assembly.oligomeric_count     1 
# 
_pdbx_struct_assembly_gen.assembly_id       1 
_pdbx_struct_assembly_gen.oper_expression   1 
_pdbx_struct_assembly_gen.asym_id_list      A,B,C,D 
# 
_pdbx_struct_oper_list.id                   1 
_pdbx_struct_oper_list.type                 'identity operation' 
_pdbx_struct_oper_list.name                 1_555 
_pdbx_struct_oper_list.symmetry_operation   x,y,z 
_pdbx_struct_oper_list.matrix[1][1]         1.0000000000 
_pdbx_struct_oper_list.matrix[1][2]         0.0000000000 
_pdbx_struct_oper_list.matrix[1][3]         0.0000000000 
_pdbx_struct_oper_list.vector[1]            0.0000000000 
_pdbx_struct_oper_list.matrix[2][1]         0.0000000000 
_pdbx_struct_oper_list.matrix[2][2]         1.0000000000 
_pdbx_struct_oper_list.matrix[2][3]         0.0000000000 
_pdbx_struct_oper_list.vector[2]            0.0000000000 
_pdbx_struct_oper_list.matrix[3][1]         0.0000000000 
_pdbx_struct_oper_list.matrix[3][2]         0.0000000000 
_pdbx_struct_oper_list.matrix[3][3]         1.0000000000 
_pdbx_struct_oper_list.vector[3]            0.0000000000 
# 
_struct_biol.id        1 
_struct_biol.details   ? 
# 
loop_
_struct_conf.conf_type_id 
_struct_conf.id 
_struct_conf.pdbx_PDB_helix_id 
_struct_conf.beg_label_comp_id 
_struct_conf.beg_label_asym_id 
_struct_conf.beg_label_seq_id 
_struct_conf.pdbx_beg_PDB_ins_code 
_struct_conf.end_label_comp_id 
_struct_conf.end_label_asym_id 
_struct_conf.end_label_seq_id 
_struct_conf.pdbx_end_PDB_ins_code 
_struct_conf.beg_auth_comp_id 
_struct_conf.beg_auth_asym_id 
_struct_conf.beg_auth_seq_id 
_struct_conf.end_auth_comp_id 
_struct_conf.end_auth_asym_id 
_struct_conf.end_auth_seq_id 
_struct_conf.pdbx_PDB_helix_class 
_struct_conf.details 
_struct_conf.pdbx_PDB_helix_length 
HELX_P HELX_P1 1 HIS A 18 ? ASP A 31  ? HIS A 17 ASP A 30  1 ? 14 
HELX_P HELX_P2 2 ASN A 33 ? GLY A 42  ? ASN A 32 GLY A 41  1 ? 10 
HELX_P HELX_P3 3 SER A 44 ? ASN A 53  ? SER A 43 ASN A 52  1 ? 10 
HELX_P HELX_P4 4 THR A 59 ? GLY A 71  ? THR A 58 GLY A 70  1 ? 13 
HELX_P HELX_P5 5 GLY A 73 ? THR A 102 ? GLY A 72 THR A 101 1 ? 30 
# 
_struct_conf_type.id          HELX_P 
_struct_conf_type.criteria    ? 
_struct_conf_type.reference   ? 
# 
loop_
_struct_conn.id 
_struct_conn.conn_type_id 
_struct_conn.pdbx_leaving_atom_flag 
_struct_conn.pdbx_PDB_id 
_struct_conn.ptnr1_label_asym_id 
_struct_conn.ptnr1_label_comp_id 
_struct_conn.ptnr1_label_seq_id 
_struct_conn.ptnr1_label_atom_id 
_struct_conn.pdbx_ptnr1_label_alt_id 
_struct_conn.pdbx_ptnr1_PDB_ins_code 
_struct_conn.pdbx_ptnr1_standard_comp_id 
_struct_conn.ptnr1_symmetry 
_struct_conn.ptnr2_label_asym_id 
_struct_conn.ptnr2_label_comp_id 
_struct_conn.ptnr2_label_seq_id 
_struct_conn.ptnr2_label_atom_id 
_struct_conn.pdbx_ptnr2_label_alt_id 
_struct_conn.pdbx_ptnr2_PDB_ins_code 
_struct_conn.ptnr1_auth_asym_id 
_struct_conn.ptnr1_auth_comp_id 
_struct_conn.ptnr1_auth_seq_id 
_struct_conn.ptnr2_auth_asym_id 
_struct_conn.ptnr2_auth_comp_id 
_struct_conn.ptnr2_auth_seq_id 
_struct_conn.ptnr2_symmetry 
_struct_conn.pdbx_ptnr3_label_atom_id 
_struct_conn.pdbx_ptnr3_label_seq_id 
_struct_conn.pdbx_ptnr3_label_comp_id 
_struct_conn.pdbx_ptnr3_label_asym_id 
_struct_conn.pdbx_ptnr3_label_alt_id 
_struct_conn.pdbx_ptnr3_PDB_ins_code 
_struct_conn.details 
_struct_conn.pdbx_dist_value 
_struct_conn.pdbx_value_order 
_struct_conn.pdbx_role 
covale1 covale both ? A VAL 100 C ? ? ? 1_555 A MSE 101 N A ? A VAL 99  A MSE 100 1_555 ? ? ? ? ? ? ? 1.343 ? ? 
covale2 covale both ? A VAL 100 C ? ? ? 1_555 A MSE 101 N B ? A VAL 99  A MSE 100 1_555 ? ? ? ? ? ? ? 1.328 ? ? 
covale3 covale both ? A VAL 100 C ? ? ? 1_555 A MSE 101 N C ? A VAL 99  A MSE 100 1_555 ? ? ? ? ? ? ? 1.332 ? ? 
covale4 covale both ? A MSE 101 C A ? ? 1_555 A THR 102 N ? ? A MSE 100 A THR 101 1_555 ? ? ? ? ? ? ? 1.312 ? ? 
covale5 covale both ? A MSE 101 C B ? ? 1_555 A THR 102 N ? ? A MSE 100 A THR 101 1_555 ? ? ? ? ? ? ? 1.319 ? ? 
covale6 covale both ? A MSE 101 C C ? ? 1_555 A THR 102 N ? ? A MSE 100 A THR 101 1_555 ? ? ? ? ? ? ? 1.319 ? ? 
# 
_struct_conn_type.id          covale 
_struct_conn_type.criteria    ? 
_struct_conn_type.reference   ? 
# 
loop_
_pdbx_modification_feature.ordinal 
_pdbx_modification_feature.label_comp_id 
_pdbx_modification_feature.label_asym_id 
_pdbx_modification_feature.label_seq_id 
_pdbx_modification_feature.label_alt_id 
_pdbx_modification_feature.modified_residue_label_comp_id 
_pdbx_modification_feature.modified_residue_label_asym_id 
_pdbx_modification_feature.modified_residue_label_seq_id 
_pdbx_modification_feature.modified_residue_label_alt_id 
_pdbx_modification_feature.auth_comp_id 
_pdbx_modification_feature.auth_asym_id 
_pdbx_modification_feature.auth_seq_id 
_pdbx_modification_feature.PDB_ins_code 
_pdbx_modification_feature.symmetry 
_pdbx_modification_feature.modified_residue_auth_comp_id 
_pdbx_modification_feature.modified_residue_auth_asym_id 
_pdbx_modification_feature.modified_residue_auth_seq_id 
_pdbx_modification_feature.modified_residue_PDB_ins_code 
_pdbx_modification_feature.modified_residue_symmetry 
_pdbx_modification_feature.comp_id_linking_atom 
_pdbx_modification_feature.modified_residue_id_linking_atom 
_pdbx_modification_feature.modified_residue_id 
_pdbx_modification_feature.ref_pcm_id 
_pdbx_modification_feature.ref_comp_id 
_pdbx_modification_feature.type 
_pdbx_modification_feature.category 
1 MSE A 101 A . . . . MSE A 100 ? 1_555 . . . . . . . MET 1 MSE Selenomethionine 'Named protein modification' 
2 MSE A 101 B . . . . MSE A 100 ? 1_555 . . . . . . . MET 1 MSE Selenomethionine 'Named protein modification' 
3 MSE A 101 C . . . . MSE A 100 ? 1_555 . . . . . . . MET 1 MSE Selenomethionine 'Named protein modification' 
# 
loop_
_struct_site.id 
_struct_site.pdbx_evidence_code 
_struct_site.pdbx_auth_asym_id 
_struct_site.pdbx_auth_comp_id 
_struct_site.pdbx_auth_seq_id 
_struct_site.pdbx_auth_ins_code 
_struct_site.pdbx_num_residues 
_struct_site.details 
AC1 Software A MRD 104 ? 2 'BINDING SITE FOR RESIDUE MRD A 104' 
AC2 Software A PEG 105 ? 4 'BINDING SITE FOR RESIDUE PEG A 105' 
# 
loop_
_struct_site_gen.id 
_struct_site_gen.site_id 
_struct_site_gen.pdbx_num_res 
_struct_site_gen.label_comp_id 
_struct_site_gen.label_asym_id 
_struct_site_gen.label_seq_id 
_struct_site_gen.pdbx_auth_ins_code 
_struct_site_gen.auth_comp_id 
_struct_site_gen.auth_asym_id 
_struct_site_gen.auth_seq_id 
_struct_site_gen.label_atom_id 
_struct_site_gen.label_alt_id 
_struct_site_gen.symmetry 
_struct_site_gen.details 
1 AC1 2 ASP A 61  ? ASP A 60  . ? 1_555 ? 
2 AC1 2 ARG A 65  ? ARG A 64  . ? 1_555 ? 
3 AC2 4 LEU A 41  ? LEU A 40  . ? 1_555 ? 
4 AC2 4 ARG A 65  ? ARG A 64  . ? 1_555 ? 
5 AC2 4 GLU A 98  ? GLU A 97  . ? 1_556 ? 
6 AC2 4 THR A 102 ? THR A 101 . ? 1_556 ? 
# 
_pdbx_entry_details.entry_id                   3CEC 
_pdbx_entry_details.sequence_details           
;1. THE CONSTRUCT WAS EXPRESSED WITH A PURIFICATION TAG
MGSDKIHHHHHHENLYFQG. THE TAG WAS REMOVED WITH TEV PROTEASE
LEAVING ONLY A GLYCINE (0) FOLLOWED BY THE TARGET SEQUENCE.
2. THE SEQUENCE OF THIS PROTEIN WAS NOT AVAILABLE AT THE
UNIPROT KNOWLEDGEBASE DATABASE (UNIPROTKB) AT THE TIME OF
DEPOSITION. THE SEQUENCE INFORMATION IS AVAILABLE AT GENBANK
WITH ACCESSION CODE ZP_00107635.1 AND FROM THE UNIPROT
ARCHIVE WITH ACCESSION CODE UPI000038D8D9.
;
_pdbx_entry_details.compound_details           ? 
_pdbx_entry_details.source_details             ? 
_pdbx_entry_details.nonpolymer_details         ? 
_pdbx_entry_details.has_ligand_of_interest     ? 
_pdbx_entry_details.has_protein_modification   Y 
# 
_pdbx_SG_project.project_name          'PSI, Protein Structure Initiative' 
_pdbx_SG_project.full_name_of_center   'Joint Center for Structural Genomics' 
_pdbx_SG_project.id                    1 
_pdbx_SG_project.initial_of_center     JCSG 
# 
_pdbx_struct_mod_residue.id               1 
_pdbx_struct_mod_residue.label_asym_id    A 
_pdbx_struct_mod_residue.label_comp_id    MSE 
_pdbx_struct_mod_residue.label_seq_id     101 
_pdbx_struct_mod_residue.auth_asym_id     A 
_pdbx_struct_mod_residue.auth_comp_id     MSE 
_pdbx_struct_mod_residue.auth_seq_id      100 
_pdbx_struct_mod_residue.PDB_ins_code     ? 
_pdbx_struct_mod_residue.parent_comp_id   MET 
_pdbx_struct_mod_residue.details          SELENOMETHIONINE 
# 
_pdbx_refine_tls.id               1 
_pdbx_refine_tls.details          ? 
_pdbx_refine_tls.method           refined 
_pdbx_refine_tls.origin_x         0.4731 
_pdbx_refine_tls.origin_y         -0.3136 
_pdbx_refine_tls.origin_z         0.5308 
_pdbx_refine_tls.T[1][1]          0.0838 
_pdbx_refine_tls.T[2][2]          0.0430 
_pdbx_refine_tls.T[3][3]          0.0649 
_pdbx_refine_tls.T[1][2]          -0.0165 
_pdbx_refine_tls.T[1][3]          -0.0184 
_pdbx_refine_tls.T[2][3]          -0.0031 
_pdbx_refine_tls.L[1][1]          0.2315 
_pdbx_refine_tls.L[2][2]          0.2094 
_pdbx_refine_tls.L[3][3]          0.1942 
_pdbx_refine_tls.L[1][2]          -0.2058 
_pdbx_refine_tls.L[1][3]          0.1845 
_pdbx_refine_tls.L[2][3]          -0.1285 
_pdbx_refine_tls.S[1][1]          -0.0239 
_pdbx_refine_tls.S[2][2]          -0.0329 
_pdbx_refine_tls.S[3][3]          0.0568 
_pdbx_refine_tls.S[1][2]          0.0292 
_pdbx_refine_tls.S[1][3]          0.0556 
_pdbx_refine_tls.S[2][3]          0.0074 
_pdbx_refine_tls.S[2][1]          -0.0587 
_pdbx_refine_tls.S[3][1]          -0.1100 
_pdbx_refine_tls.S[3][2]          0.0475 
_pdbx_refine_tls.pdbx_refine_id   'X-RAY DIFFRACTION' 
# 
_pdbx_refine_tls_group.id                  1 
_pdbx_refine_tls_group.refine_tls_id       1 
_pdbx_refine_tls_group.beg_label_asym_id   A 
_pdbx_refine_tls_group.beg_label_seq_id    14 
_pdbx_refine_tls_group.end_label_asym_id   A 
_pdbx_refine_tls_group.end_label_seq_id    104 
_pdbx_refine_tls_group.selection           ? 
_pdbx_refine_tls_group.beg_auth_asym_id    A 
_pdbx_refine_tls_group.beg_auth_seq_id     13 
_pdbx_refine_tls_group.end_auth_asym_id    A 
_pdbx_refine_tls_group.end_auth_seq_id     103 
_pdbx_refine_tls_group.pdbx_refine_id      'X-RAY DIFFRACTION' 
_pdbx_refine_tls_group.selection_details   ? 
# 
_phasing.method   MAD 
# 
loop_
_pdbx_unobs_or_zero_occ_residues.id 
_pdbx_unobs_or_zero_occ_residues.PDB_model_num 
_pdbx_unobs_or_zero_occ_residues.polymer_flag 
_pdbx_unobs_or_zero_occ_residues.occupancy_flag 
_pdbx_unobs_or_zero_occ_residues.auth_asym_id 
_pdbx_unobs_or_zero_occ_residues.auth_comp_id 
_pdbx_unobs_or_zero_occ_residues.auth_seq_id 
_pdbx_unobs_or_zero_occ_residues.PDB_ins_code 
_pdbx_unobs_or_zero_occ_residues.label_asym_id 
_pdbx_unobs_or_zero_occ_residues.label_comp_id 
_pdbx_unobs_or_zero_occ_residues.label_seq_id 
1  1 Y 1 A GLY 0  ? A GLY 1  
2  1 Y 1 A MSE 1  ? A MSE 2  
3  1 Y 1 A ASP 2  ? A ASP 3  
4  1 Y 1 A ASN 3  ? A ASN 4  
5  1 Y 1 A TRP 4  ? A TRP 5  
6  1 Y 1 A GLN 5  ? A GLN 6  
7  1 Y 1 A ASP 6  ? A ASP 7  
8  1 Y 1 A ILE 7  ? A ILE 8  
9  1 Y 1 A THR 8  ? A THR 9  
10 1 Y 1 A ASP 9  ? A ASP 10 
11 1 Y 1 A ASP 10 ? A ASP 11 
12 1 Y 1 A ARG 11 ? A ARG 12 
13 1 Y 1 A LEU 12 ? A LEU 13 
# 
loop_
_chem_comp_atom.comp_id 
_chem_comp_atom.atom_id 
_chem_comp_atom.type_symbol 
_chem_comp_atom.pdbx_aromatic_flag 
_chem_comp_atom.pdbx_stereo_config 
_chem_comp_atom.pdbx_ordinal 
ALA N    N  N N 1   
ALA CA   C  N S 2   
ALA C    C  N N 3   
ALA O    O  N N 4   
ALA CB   C  N N 5   
ALA OXT  O  N N 6   
ALA H    H  N N 7   
ALA H2   H  N N 8   
ALA HA   H  N N 9   
ALA HB1  H  N N 10  
ALA HB2  H  N N 11  
ALA HB3  H  N N 12  
ALA HXT  H  N N 13  
ARG N    N  N N 14  
ARG CA   C  N S 15  
ARG C    C  N N 16  
ARG O    O  N N 17  
ARG CB   C  N N 18  
ARG CG   C  N N 19  
ARG CD   C  N N 20  
ARG NE   N  N N 21  
ARG CZ   C  N N 22  
ARG NH1  N  N N 23  
ARG NH2  N  N N 24  
ARG OXT  O  N N 25  
ARG H    H  N N 26  
ARG H2   H  N N 27  
ARG HA   H  N N 28  
ARG HB2  H  N N 29  
ARG HB3  H  N N 30  
ARG HG2  H  N N 31  
ARG HG3  H  N N 32  
ARG HD2  H  N N 33  
ARG HD3  H  N N 34  
ARG HE   H  N N 35  
ARG HH11 H  N N 36  
ARG HH12 H  N N 37  
ARG HH21 H  N N 38  
ARG HH22 H  N N 39  
ARG HXT  H  N N 40  
ASN N    N  N N 41  
ASN CA   C  N S 42  
ASN C    C  N N 43  
ASN O    O  N N 44  
ASN CB   C  N N 45  
ASN CG   C  N N 46  
ASN OD1  O  N N 47  
ASN ND2  N  N N 48  
ASN OXT  O  N N 49  
ASN H    H  N N 50  
ASN H2   H  N N 51  
ASN HA   H  N N 52  
ASN HB2  H  N N 53  
ASN HB3  H  N N 54  
ASN HD21 H  N N 55  
ASN HD22 H  N N 56  
ASN HXT  H  N N 57  
ASP N    N  N N 58  
ASP CA   C  N S 59  
ASP C    C  N N 60  
ASP O    O  N N 61  
ASP CB   C  N N 62  
ASP CG   C  N N 63  
ASP OD1  O  N N 64  
ASP OD2  O  N N 65  
ASP OXT  O  N N 66  
ASP H    H  N N 67  
ASP H2   H  N N 68  
ASP HA   H  N N 69  
ASP HB2  H  N N 70  
ASP HB3  H  N N 71  
ASP HD2  H  N N 72  
ASP HXT  H  N N 73  
GLN N    N  N N 74  
GLN CA   C  N S 75  
GLN C    C  N N 76  
GLN O    O  N N 77  
GLN CB   C  N N 78  
GLN CG   C  N N 79  
GLN CD   C  N N 80  
GLN OE1  O  N N 81  
GLN NE2  N  N N 82  
GLN OXT  O  N N 83  
GLN H    H  N N 84  
GLN H2   H  N N 85  
GLN HA   H  N N 86  
GLN HB2  H  N N 87  
GLN HB3  H  N N 88  
GLN HG2  H  N N 89  
GLN HG3  H  N N 90  
GLN HE21 H  N N 91  
GLN HE22 H  N N 92  
GLN HXT  H  N N 93  
GLU N    N  N N 94  
GLU CA   C  N S 95  
GLU C    C  N N 96  
GLU O    O  N N 97  
GLU CB   C  N N 98  
GLU CG   C  N N 99  
GLU CD   C  N N 100 
GLU OE1  O  N N 101 
GLU OE2  O  N N 102 
GLU OXT  O  N N 103 
GLU H    H  N N 104 
GLU H2   H  N N 105 
GLU HA   H  N N 106 
GLU HB2  H  N N 107 
GLU HB3  H  N N 108 
GLU HG2  H  N N 109 
GLU HG3  H  N N 110 
GLU HE2  H  N N 111 
GLU HXT  H  N N 112 
GLY N    N  N N 113 
GLY CA   C  N N 114 
GLY C    C  N N 115 
GLY O    O  N N 116 
GLY OXT  O  N N 117 
GLY H    H  N N 118 
GLY H2   H  N N 119 
GLY HA2  H  N N 120 
GLY HA3  H  N N 121 
GLY HXT  H  N N 122 
HIS N    N  N N 123 
HIS CA   C  N S 124 
HIS C    C  N N 125 
HIS O    O  N N 126 
HIS CB   C  N N 127 
HIS CG   C  Y N 128 
HIS ND1  N  Y N 129 
HIS CD2  C  Y N 130 
HIS CE1  C  Y N 131 
HIS NE2  N  Y N 132 
HIS OXT  O  N N 133 
HIS H    H  N N 134 
HIS H2   H  N N 135 
HIS HA   H  N N 136 
HIS HB2  H  N N 137 
HIS HB3  H  N N 138 
HIS HD1  H  N N 139 
HIS HD2  H  N N 140 
HIS HE1  H  N N 141 
HIS HE2  H  N N 142 
HIS HXT  H  N N 143 
HOH O    O  N N 144 
HOH H1   H  N N 145 
HOH H2   H  N N 146 
ILE N    N  N N 147 
ILE CA   C  N S 148 
ILE C    C  N N 149 
ILE O    O  N N 150 
ILE CB   C  N S 151 
ILE CG1  C  N N 152 
ILE CG2  C  N N 153 
ILE CD1  C  N N 154 
ILE OXT  O  N N 155 
ILE H    H  N N 156 
ILE H2   H  N N 157 
ILE HA   H  N N 158 
ILE HB   H  N N 159 
ILE HG12 H  N N 160 
ILE HG13 H  N N 161 
ILE HG21 H  N N 162 
ILE HG22 H  N N 163 
ILE HG23 H  N N 164 
ILE HD11 H  N N 165 
ILE HD12 H  N N 166 
ILE HD13 H  N N 167 
ILE HXT  H  N N 168 
LEU N    N  N N 169 
LEU CA   C  N S 170 
LEU C    C  N N 171 
LEU O    O  N N 172 
LEU CB   C  N N 173 
LEU CG   C  N N 174 
LEU CD1  C  N N 175 
LEU CD2  C  N N 176 
LEU OXT  O  N N 177 
LEU H    H  N N 178 
LEU H2   H  N N 179 
LEU HA   H  N N 180 
LEU HB2  H  N N 181 
LEU HB3  H  N N 182 
LEU HG   H  N N 183 
LEU HD11 H  N N 184 
LEU HD12 H  N N 185 
LEU HD13 H  N N 186 
LEU HD21 H  N N 187 
LEU HD22 H  N N 188 
LEU HD23 H  N N 189 
LEU HXT  H  N N 190 
LYS N    N  N N 191 
LYS CA   C  N S 192 
LYS C    C  N N 193 
LYS O    O  N N 194 
LYS CB   C  N N 195 
LYS CG   C  N N 196 
LYS CD   C  N N 197 
LYS CE   C  N N 198 
LYS NZ   N  N N 199 
LYS OXT  O  N N 200 
LYS H    H  N N 201 
LYS H2   H  N N 202 
LYS HA   H  N N 203 
LYS HB2  H  N N 204 
LYS HB3  H  N N 205 
LYS HG2  H  N N 206 
LYS HG3  H  N N 207 
LYS HD2  H  N N 208 
LYS HD3  H  N N 209 
LYS HE2  H  N N 210 
LYS HE3  H  N N 211 
LYS HZ1  H  N N 212 
LYS HZ2  H  N N 213 
LYS HZ3  H  N N 214 
LYS HXT  H  N N 215 
MRD C1   C  N N 216 
MRD C2   C  N N 217 
MRD O2   O  N N 218 
MRD CM   C  N N 219 
MRD C3   C  N N 220 
MRD C4   C  N R 221 
MRD O4   O  N N 222 
MRD C5   C  N N 223 
MRD H1C1 H  N N 224 
MRD H1C2 H  N N 225 
MRD H1C3 H  N N 226 
MRD H2   H  N N 227 
MRD HMC1 H  N N 228 
MRD HMC2 H  N N 229 
MRD HMC3 H  N N 230 
MRD H3C1 H  N N 231 
MRD H3C2 H  N N 232 
MRD H4   H  N N 233 
MRD HA   H  N N 234 
MRD H5C1 H  N N 235 
MRD H5C2 H  N N 236 
MRD H5C3 H  N N 237 
MSE N    N  N N 238 
MSE CA   C  N S 239 
MSE C    C  N N 240 
MSE O    O  N N 241 
MSE OXT  O  N N 242 
MSE CB   C  N N 243 
MSE CG   C  N N 244 
MSE SE   SE N N 245 
MSE CE   C  N N 246 
MSE H    H  N N 247 
MSE H2   H  N N 248 
MSE HA   H  N N 249 
MSE HXT  H  N N 250 
MSE HB2  H  N N 251 
MSE HB3  H  N N 252 
MSE HG2  H  N N 253 
MSE HG3  H  N N 254 
MSE HE1  H  N N 255 
MSE HE2  H  N N 256 
MSE HE3  H  N N 257 
PEG C1   C  N N 258 
PEG O1   O  N N 259 
PEG C2   C  N N 260 
PEG O2   O  N N 261 
PEG C3   C  N N 262 
PEG C4   C  N N 263 
PEG O4   O  N N 264 
PEG H11  H  N N 265 
PEG H12  H  N N 266 
PEG HO1  H  N N 267 
PEG H21  H  N N 268 
PEG H22  H  N N 269 
PEG H31  H  N N 270 
PEG H32  H  N N 271 
PEG H41  H  N N 272 
PEG H42  H  N N 273 
PEG HO4  H  N N 274 
PHE N    N  N N 275 
PHE CA   C  N S 276 
PHE C    C  N N 277 
PHE O    O  N N 278 
PHE CB   C  N N 279 
PHE CG   C  Y N 280 
PHE CD1  C  Y N 281 
PHE CD2  C  Y N 282 
PHE CE1  C  Y N 283 
PHE CE2  C  Y N 284 
PHE CZ   C  Y N 285 
PHE OXT  O  N N 286 
PHE H    H  N N 287 
PHE H2   H  N N 288 
PHE HA   H  N N 289 
PHE HB2  H  N N 290 
PHE HB3  H  N N 291 
PHE HD1  H  N N 292 
PHE HD2  H  N N 293 
PHE HE1  H  N N 294 
PHE HE2  H  N N 295 
PHE HZ   H  N N 296 
PHE HXT  H  N N 297 
PRO N    N  N N 298 
PRO CA   C  N S 299 
PRO C    C  N N 300 
PRO O    O  N N 301 
PRO CB   C  N N 302 
PRO CG   C  N N 303 
PRO CD   C  N N 304 
PRO OXT  O  N N 305 
PRO H    H  N N 306 
PRO HA   H  N N 307 
PRO HB2  H  N N 308 
PRO HB3  H  N N 309 
PRO HG2  H  N N 310 
PRO HG3  H  N N 311 
PRO HD2  H  N N 312 
PRO HD3  H  N N 313 
PRO HXT  H  N N 314 
SER N    N  N N 315 
SER CA   C  N S 316 
SER C    C  N N 317 
SER O    O  N N 318 
SER CB   C  N N 319 
SER OG   O  N N 320 
SER OXT  O  N N 321 
SER H    H  N N 322 
SER H2   H  N N 323 
SER HA   H  N N 324 
SER HB2  H  N N 325 
SER HB3  H  N N 326 
SER HG   H  N N 327 
SER HXT  H  N N 328 
THR N    N  N N 329 
THR CA   C  N S 330 
THR C    C  N N 331 
THR O    O  N N 332 
THR CB   C  N R 333 
THR OG1  O  N N 334 
THR CG2  C  N N 335 
THR OXT  O  N N 336 
THR H    H  N N 337 
THR H2   H  N N 338 
THR HA   H  N N 339 
THR HB   H  N N 340 
THR HG1  H  N N 341 
THR HG21 H  N N 342 
THR HG22 H  N N 343 
THR HG23 H  N N 344 
THR HXT  H  N N 345 
TRP N    N  N N 346 
TRP CA   C  N S 347 
TRP C    C  N N 348 
TRP O    O  N N 349 
TRP CB   C  N N 350 
TRP CG   C  Y N 351 
TRP CD1  C  Y N 352 
TRP CD2  C  Y N 353 
TRP NE1  N  Y N 354 
TRP CE2  C  Y N 355 
TRP CE3  C  Y N 356 
TRP CZ2  C  Y N 357 
TRP CZ3  C  Y N 358 
TRP CH2  C  Y N 359 
TRP OXT  O  N N 360 
TRP H    H  N N 361 
TRP H2   H  N N 362 
TRP HA   H  N N 363 
TRP HB2  H  N N 364 
TRP HB3  H  N N 365 
TRP HD1  H  N N 366 
TRP HE1  H  N N 367 
TRP HE3  H  N N 368 
TRP HZ2  H  N N 369 
TRP HZ3  H  N N 370 
TRP HH2  H  N N 371 
TRP HXT  H  N N 372 
TYR N    N  N N 373 
TYR CA   C  N S 374 
TYR C    C  N N 375 
TYR O    O  N N 376 
TYR CB   C  N N 377 
TYR CG   C  Y N 378 
TYR CD1  C  Y N 379 
TYR CD2  C  Y N 380 
TYR CE1  C  Y N 381 
TYR CE2  C  Y N 382 
TYR CZ   C  Y N 383 
TYR OH   O  N N 384 
TYR OXT  O  N N 385 
TYR H    H  N N 386 
TYR H2   H  N N 387 
TYR HA   H  N N 388 
TYR HB2  H  N N 389 
TYR HB3  H  N N 390 
TYR HD1  H  N N 391 
TYR HD2  H  N N 392 
TYR HE1  H  N N 393 
TYR HE2  H  N N 394 
TYR HH   H  N N 395 
TYR HXT  H  N N 396 
VAL N    N  N N 397 
VAL CA   C  N S 398 
VAL C    C  N N 399 
VAL O    O  N N 400 
VAL CB   C  N N 401 
VAL CG1  C  N N 402 
VAL CG2  C  N N 403 
VAL OXT  O  N N 404 
VAL H    H  N N 405 
VAL H2   H  N N 406 
VAL HA   H  N N 407 
VAL HB   H  N N 408 
VAL HG11 H  N N 409 
VAL HG12 H  N N 410 
VAL HG13 H  N N 411 
VAL HG21 H  N N 412 
VAL HG22 H  N N 413 
VAL HG23 H  N N 414 
VAL HXT  H  N N 415 
# 
loop_
_chem_comp_bond.comp_id 
_chem_comp_bond.atom_id_1 
_chem_comp_bond.atom_id_2 
_chem_comp_bond.value_order 
_chem_comp_bond.pdbx_aromatic_flag 
_chem_comp_bond.pdbx_stereo_config 
_chem_comp_bond.pdbx_ordinal 
ALA N   CA   sing N N 1   
ALA N   H    sing N N 2   
ALA N   H2   sing N N 3   
ALA CA  C    sing N N 4   
ALA CA  CB   sing N N 5   
ALA CA  HA   sing N N 6   
ALA C   O    doub N N 7   
ALA C   OXT  sing N N 8   
ALA CB  HB1  sing N N 9   
ALA CB  HB2  sing N N 10  
ALA CB  HB3  sing N N 11  
ALA OXT HXT  sing N N 12  
ARG N   CA   sing N N 13  
ARG N   H    sing N N 14  
ARG N   H2   sing N N 15  
ARG CA  C    sing N N 16  
ARG CA  CB   sing N N 17  
ARG CA  HA   sing N N 18  
ARG C   O    doub N N 19  
ARG C   OXT  sing N N 20  
ARG CB  CG   sing N N 21  
ARG CB  HB2  sing N N 22  
ARG CB  HB3  sing N N 23  
ARG CG  CD   sing N N 24  
ARG CG  HG2  sing N N 25  
ARG CG  HG3  sing N N 26  
ARG CD  NE   sing N N 27  
ARG CD  HD2  sing N N 28  
ARG CD  HD3  sing N N 29  
ARG NE  CZ   sing N N 30  
ARG NE  HE   sing N N 31  
ARG CZ  NH1  sing N N 32  
ARG CZ  NH2  doub N N 33  
ARG NH1 HH11 sing N N 34  
ARG NH1 HH12 sing N N 35  
ARG NH2 HH21 sing N N 36  
ARG NH2 HH22 sing N N 37  
ARG OXT HXT  sing N N 38  
ASN N   CA   sing N N 39  
ASN N   H    sing N N 40  
ASN N   H2   sing N N 41  
ASN CA  C    sing N N 42  
ASN CA  CB   sing N N 43  
ASN CA  HA   sing N N 44  
ASN C   O    doub N N 45  
ASN C   OXT  sing N N 46  
ASN CB  CG   sing N N 47  
ASN CB  HB2  sing N N 48  
ASN CB  HB3  sing N N 49  
ASN CG  OD1  doub N N 50  
ASN CG  ND2  sing N N 51  
ASN ND2 HD21 sing N N 52  
ASN ND2 HD22 sing N N 53  
ASN OXT HXT  sing N N 54  
ASP N   CA   sing N N 55  
ASP N   H    sing N N 56  
ASP N   H2   sing N N 57  
ASP CA  C    sing N N 58  
ASP CA  CB   sing N N 59  
ASP CA  HA   sing N N 60  
ASP C   O    doub N N 61  
ASP C   OXT  sing N N 62  
ASP CB  CG   sing N N 63  
ASP CB  HB2  sing N N 64  
ASP CB  HB3  sing N N 65  
ASP CG  OD1  doub N N 66  
ASP CG  OD2  sing N N 67  
ASP OD2 HD2  sing N N 68  
ASP OXT HXT  sing N N 69  
GLN N   CA   sing N N 70  
GLN N   H    sing N N 71  
GLN N   H2   sing N N 72  
GLN CA  C    sing N N 73  
GLN CA  CB   sing N N 74  
GLN CA  HA   sing N N 75  
GLN C   O    doub N N 76  
GLN C   OXT  sing N N 77  
GLN CB  CG   sing N N 78  
GLN CB  HB2  sing N N 79  
GLN CB  HB3  sing N N 80  
GLN CG  CD   sing N N 81  
GLN CG  HG2  sing N N 82  
GLN CG  HG3  sing N N 83  
GLN CD  OE1  doub N N 84  
GLN CD  NE2  sing N N 85  
GLN NE2 HE21 sing N N 86  
GLN NE2 HE22 sing N N 87  
GLN OXT HXT  sing N N 88  
GLU N   CA   sing N N 89  
GLU N   H    sing N N 90  
GLU N   H2   sing N N 91  
GLU CA  C    sing N N 92  
GLU CA  CB   sing N N 93  
GLU CA  HA   sing N N 94  
GLU C   O    doub N N 95  
GLU C   OXT  sing N N 96  
GLU CB  CG   sing N N 97  
GLU CB  HB2  sing N N 98  
GLU CB  HB3  sing N N 99  
GLU CG  CD   sing N N 100 
GLU CG  HG2  sing N N 101 
GLU CG  HG3  sing N N 102 
GLU CD  OE1  doub N N 103 
GLU CD  OE2  sing N N 104 
GLU OE2 HE2  sing N N 105 
GLU OXT HXT  sing N N 106 
GLY N   CA   sing N N 107 
GLY N   H    sing N N 108 
GLY N   H2   sing N N 109 
GLY CA  C    sing N N 110 
GLY CA  HA2  sing N N 111 
GLY CA  HA3  sing N N 112 
GLY C   O    doub N N 113 
GLY C   OXT  sing N N 114 
GLY OXT HXT  sing N N 115 
HIS N   CA   sing N N 116 
HIS N   H    sing N N 117 
HIS N   H2   sing N N 118 
HIS CA  C    sing N N 119 
HIS CA  CB   sing N N 120 
HIS CA  HA   sing N N 121 
HIS C   O    doub N N 122 
HIS C   OXT  sing N N 123 
HIS CB  CG   sing N N 124 
HIS CB  HB2  sing N N 125 
HIS CB  HB3  sing N N 126 
HIS CG  ND1  sing Y N 127 
HIS CG  CD2  doub Y N 128 
HIS ND1 CE1  doub Y N 129 
HIS ND1 HD1  sing N N 130 
HIS CD2 NE2  sing Y N 131 
HIS CD2 HD2  sing N N 132 
HIS CE1 NE2  sing Y N 133 
HIS CE1 HE1  sing N N 134 
HIS NE2 HE2  sing N N 135 
HIS OXT HXT  sing N N 136 
HOH O   H1   sing N N 137 
HOH O   H2   sing N N 138 
ILE N   CA   sing N N 139 
ILE N   H    sing N N 140 
ILE N   H2   sing N N 141 
ILE CA  C    sing N N 142 
ILE CA  CB   sing N N 143 
ILE CA  HA   sing N N 144 
ILE C   O    doub N N 145 
ILE C   OXT  sing N N 146 
ILE CB  CG1  sing N N 147 
ILE CB  CG2  sing N N 148 
ILE CB  HB   sing N N 149 
ILE CG1 CD1  sing N N 150 
ILE CG1 HG12 sing N N 151 
ILE CG1 HG13 sing N N 152 
ILE CG2 HG21 sing N N 153 
ILE CG2 HG22 sing N N 154 
ILE CG2 HG23 sing N N 155 
ILE CD1 HD11 sing N N 156 
ILE CD1 HD12 sing N N 157 
ILE CD1 HD13 sing N N 158 
ILE OXT HXT  sing N N 159 
LEU N   CA   sing N N 160 
LEU N   H    sing N N 161 
LEU N   H2   sing N N 162 
LEU CA  C    sing N N 163 
LEU CA  CB   sing N N 164 
LEU CA  HA   sing N N 165 
LEU C   O    doub N N 166 
LEU C   OXT  sing N N 167 
LEU CB  CG   sing N N 168 
LEU CB  HB2  sing N N 169 
LEU CB  HB3  sing N N 170 
LEU CG  CD1  sing N N 171 
LEU CG  CD2  sing N N 172 
LEU CG  HG   sing N N 173 
LEU CD1 HD11 sing N N 174 
LEU CD1 HD12 sing N N 175 
LEU CD1 HD13 sing N N 176 
LEU CD2 HD21 sing N N 177 
LEU CD2 HD22 sing N N 178 
LEU CD2 HD23 sing N N 179 
LEU OXT HXT  sing N N 180 
LYS N   CA   sing N N 181 
LYS N   H    sing N N 182 
LYS N   H2   sing N N 183 
LYS CA  C    sing N N 184 
LYS CA  CB   sing N N 185 
LYS CA  HA   sing N N 186 
LYS C   O    doub N N 187 
LYS C   OXT  sing N N 188 
LYS CB  CG   sing N N 189 
LYS CB  HB2  sing N N 190 
LYS CB  HB3  sing N N 191 
LYS CG  CD   sing N N 192 
LYS CG  HG2  sing N N 193 
LYS CG  HG3  sing N N 194 
LYS CD  CE   sing N N 195 
LYS CD  HD2  sing N N 196 
LYS CD  HD3  sing N N 197 
LYS CE  NZ   sing N N 198 
LYS CE  HE2  sing N N 199 
LYS CE  HE3  sing N N 200 
LYS NZ  HZ1  sing N N 201 
LYS NZ  HZ2  sing N N 202 
LYS NZ  HZ3  sing N N 203 
LYS OXT HXT  sing N N 204 
MRD C1  C2   sing N N 205 
MRD C1  H1C1 sing N N 206 
MRD C1  H1C2 sing N N 207 
MRD C1  H1C3 sing N N 208 
MRD C2  O2   sing N N 209 
MRD C2  CM   sing N N 210 
MRD C2  C3   sing N N 211 
MRD O2  H2   sing N N 212 
MRD CM  HMC1 sing N N 213 
MRD CM  HMC2 sing N N 214 
MRD CM  HMC3 sing N N 215 
MRD C3  C4   sing N N 216 
MRD C3  H3C1 sing N N 217 
MRD C3  H3C2 sing N N 218 
MRD C4  O4   sing N N 219 
MRD C4  C5   sing N N 220 
MRD C4  H4   sing N N 221 
MRD O4  HA   sing N N 222 
MRD C5  H5C1 sing N N 223 
MRD C5  H5C2 sing N N 224 
MRD C5  H5C3 sing N N 225 
MSE N   CA   sing N N 226 
MSE N   H    sing N N 227 
MSE N   H2   sing N N 228 
MSE CA  C    sing N N 229 
MSE CA  CB   sing N N 230 
MSE CA  HA   sing N N 231 
MSE C   O    doub N N 232 
MSE C   OXT  sing N N 233 
MSE OXT HXT  sing N N 234 
MSE CB  CG   sing N N 235 
MSE CB  HB2  sing N N 236 
MSE CB  HB3  sing N N 237 
MSE CG  SE   sing N N 238 
MSE CG  HG2  sing N N 239 
MSE CG  HG3  sing N N 240 
MSE SE  CE   sing N N 241 
MSE CE  HE1  sing N N 242 
MSE CE  HE2  sing N N 243 
MSE CE  HE3  sing N N 244 
PEG C1  O1   sing N N 245 
PEG C1  C2   sing N N 246 
PEG C1  H11  sing N N 247 
PEG C1  H12  sing N N 248 
PEG O1  HO1  sing N N 249 
PEG C2  O2   sing N N 250 
PEG C2  H21  sing N N 251 
PEG C2  H22  sing N N 252 
PEG O2  C3   sing N N 253 
PEG C3  C4   sing N N 254 
PEG C3  H31  sing N N 255 
PEG C3  H32  sing N N 256 
PEG C4  O4   sing N N 257 
PEG C4  H41  sing N N 258 
PEG C4  H42  sing N N 259 
PEG O4  HO4  sing N N 260 
PHE N   CA   sing N N 261 
PHE N   H    sing N N 262 
PHE N   H2   sing N N 263 
PHE CA  C    sing N N 264 
PHE CA  CB   sing N N 265 
PHE CA  HA   sing N N 266 
PHE C   O    doub N N 267 
PHE C   OXT  sing N N 268 
PHE CB  CG   sing N N 269 
PHE CB  HB2  sing N N 270 
PHE CB  HB3  sing N N 271 
PHE CG  CD1  doub Y N 272 
PHE CG  CD2  sing Y N 273 
PHE CD1 CE1  sing Y N 274 
PHE CD1 HD1  sing N N 275 
PHE CD2 CE2  doub Y N 276 
PHE CD2 HD2  sing N N 277 
PHE CE1 CZ   doub Y N 278 
PHE CE1 HE1  sing N N 279 
PHE CE2 CZ   sing Y N 280 
PHE CE2 HE2  sing N N 281 
PHE CZ  HZ   sing N N 282 
PHE OXT HXT  sing N N 283 
PRO N   CA   sing N N 284 
PRO N   CD   sing N N 285 
PRO N   H    sing N N 286 
PRO CA  C    sing N N 287 
PRO CA  CB   sing N N 288 
PRO CA  HA   sing N N 289 
PRO C   O    doub N N 290 
PRO C   OXT  sing N N 291 
PRO CB  CG   sing N N 292 
PRO CB  HB2  sing N N 293 
PRO CB  HB3  sing N N 294 
PRO CG  CD   sing N N 295 
PRO CG  HG2  sing N N 296 
PRO CG  HG3  sing N N 297 
PRO CD  HD2  sing N N 298 
PRO CD  HD3  sing N N 299 
PRO OXT HXT  sing N N 300 
SER N   CA   sing N N 301 
SER N   H    sing N N 302 
SER N   H2   sing N N 303 
SER CA  C    sing N N 304 
SER CA  CB   sing N N 305 
SER CA  HA   sing N N 306 
SER C   O    doub N N 307 
SER C   OXT  sing N N 308 
SER CB  OG   sing N N 309 
SER CB  HB2  sing N N 310 
SER CB  HB3  sing N N 311 
SER OG  HG   sing N N 312 
SER OXT HXT  sing N N 313 
THR N   CA   sing N N 314 
THR N   H    sing N N 315 
THR N   H2   sing N N 316 
THR CA  C    sing N N 317 
THR CA  CB   sing N N 318 
THR CA  HA   sing N N 319 
THR C   O    doub N N 320 
THR C   OXT  sing N N 321 
THR CB  OG1  sing N N 322 
THR CB  CG2  sing N N 323 
THR CB  HB   sing N N 324 
THR OG1 HG1  sing N N 325 
THR CG2 HG21 sing N N 326 
THR CG2 HG22 sing N N 327 
THR CG2 HG23 sing N N 328 
THR OXT HXT  sing N N 329 
TRP N   CA   sing N N 330 
TRP N   H    sing N N 331 
TRP N   H2   sing N N 332 
TRP CA  C    sing N N 333 
TRP CA  CB   sing N N 334 
TRP CA  HA   sing N N 335 
TRP C   O    doub N N 336 
TRP C   OXT  sing N N 337 
TRP CB  CG   sing N N 338 
TRP CB  HB2  sing N N 339 
TRP CB  HB3  sing N N 340 
TRP CG  CD1  doub Y N 341 
TRP CG  CD2  sing Y N 342 
TRP CD1 NE1  sing Y N 343 
TRP CD1 HD1  sing N N 344 
TRP CD2 CE2  doub Y N 345 
TRP CD2 CE3  sing Y N 346 
TRP NE1 CE2  sing Y N 347 
TRP NE1 HE1  sing N N 348 
TRP CE2 CZ2  sing Y N 349 
TRP CE3 CZ3  doub Y N 350 
TRP CE3 HE3  sing N N 351 
TRP CZ2 CH2  doub Y N 352 
TRP CZ2 HZ2  sing N N 353 
TRP CZ3 CH2  sing Y N 354 
TRP CZ3 HZ3  sing N N 355 
TRP CH2 HH2  sing N N 356 
TRP OXT HXT  sing N N 357 
TYR N   CA   sing N N 358 
TYR N   H    sing N N 359 
TYR N   H2   sing N N 360 
TYR CA  C    sing N N 361 
TYR CA  CB   sing N N 362 
TYR CA  HA   sing N N 363 
TYR C   O    doub N N 364 
TYR C   OXT  sing N N 365 
TYR CB  CG   sing N N 366 
TYR CB  HB2  sing N N 367 
TYR CB  HB3  sing N N 368 
TYR CG  CD1  doub Y N 369 
TYR CG  CD2  sing Y N 370 
TYR CD1 CE1  sing Y N 371 
TYR CD1 HD1  sing N N 372 
TYR CD2 CE2  doub Y N 373 
TYR CD2 HD2  sing N N 374 
TYR CE1 CZ   doub Y N 375 
TYR CE1 HE1  sing N N 376 
TYR CE2 CZ   sing Y N 377 
TYR CE2 HE2  sing N N 378 
TYR CZ  OH   sing N N 379 
TYR OH  HH   sing N N 380 
TYR OXT HXT  sing N N 381 
VAL N   CA   sing N N 382 
VAL N   H    sing N N 383 
VAL N   H2   sing N N 384 
VAL CA  C    sing N N 385 
VAL CA  CB   sing N N 386 
VAL CA  HA   sing N N 387 
VAL C   O    doub N N 388 
VAL C   OXT  sing N N 389 
VAL CB  CG1  sing N N 390 
VAL CB  CG2  sing N N 391 
VAL CB  HB   sing N N 392 
VAL CG1 HG11 sing N N 393 
VAL CG1 HG12 sing N N 394 
VAL CG1 HG13 sing N N 395 
VAL CG2 HG21 sing N N 396 
VAL CG2 HG22 sing N N 397 
VAL CG2 HG23 sing N N 398 
VAL OXT HXT  sing N N 399 
# 
_atom_sites.entry_id                    3CEC 
_atom_sites.fract_transf_matrix[1][1]   0.02748750 
_atom_sites.fract_transf_matrix[1][2]   -0.00863566 
_atom_sites.fract_transf_matrix[1][3]   -0.00073654 
_atom_sites.fract_transf_matrix[2][1]   0.00732059 
_atom_sites.fract_transf_matrix[2][2]   0.02209449 
_atom_sites.fract_transf_matrix[2][3]   0.01415326 
_atom_sites.fract_transf_matrix[3][1]   0.00010988 
_atom_sites.fract_transf_matrix[3][2]   -0.01091935 
_atom_sites.fract_transf_matrix[3][3]   0.01698924 
_atom_sites.fract_transf_vector[1]      0.834682 
_atom_sites.fract_transf_vector[2]      0.261606 
_atom_sites.fract_transf_vector[3]      0.765395 
# 
loop_
_atom_type.symbol 
C  
N  
O  
SE 
# 
loop_
_atom_site.group_PDB 
_atom_site.id 
_atom_site.type_symbol 
_atom_site.label_atom_id 
_atom_site.label_alt_id 
_atom_site.label_comp_id 
_atom_site.label_asym_id 
_atom_site.label_entity_id 
_atom_site.label_seq_id 
_atom_site.pdbx_PDB_ins_code 
_atom_site.Cartn_x 
_atom_site.Cartn_y 
_atom_site.Cartn_z 
_atom_site.occupancy 
_atom_site.B_iso_or_equiv 
_atom_site.pdbx_formal_charge 
_atom_site.auth_seq_id 
_atom_site.auth_comp_id 
_atom_site.auth_asym_id 
_atom_site.auth_atom_id 
_atom_site.pdbx_PDB_model_num 
ATOM   1   N  N   . VAL A 1 14  ? 1.611   -0.547  -16.609 1.00 43.25 ? 13  VAL A N   1 
ATOM   2   C  CA  . VAL A 1 14  ? 2.030   -1.412  -15.474 1.00 42.26 ? 13  VAL A CA  1 
ATOM   3   C  C   . VAL A 1 14  ? 2.274   -0.568  -14.211 1.00 41.49 ? 13  VAL A C   1 
ATOM   4   O  O   . VAL A 1 14  ? 3.409   -0.215  -13.864 1.00 44.65 ? 13  VAL A O   1 
ATOM   5   C  CB  . VAL A 1 14  ? 3.281   -2.248  -15.841 1.00 42.89 ? 13  VAL A CB  1 
ATOM   6   N  N   . ARG A 1 15  ? 1.174   -0.245  -13.539 1.00 36.50 ? 14  ARG A N   1 
ATOM   7   C  CA  . ARG A 1 15  ? 1.230   0.472   -12.257 1.00 31.34 ? 14  ARG A CA  1 
ATOM   8   C  C   . ARG A 1 15  ? 1.712   -0.512  -11.207 1.00 27.17 ? 14  ARG A C   1 
ATOM   9   O  O   . ARG A 1 15  ? 1.512   -1.730  -11.347 1.00 24.80 ? 14  ARG A O   1 
ATOM   10  C  CB  . ARG A 1 15  ? -0.138  1.053   -11.836 1.00 32.05 ? 14  ARG A CB  1 
ATOM   11  C  CG  . ARG A 1 15  ? -1.222  0.028   -11.532 1.00 31.66 ? 14  ARG A CG  1 
ATOM   12  N  N   . PRO A 1 16  ? 2.379   0.006   -10.177 1.00 24.66 ? 15  PRO A N   1 
ATOM   13  C  CA  . PRO A 1 16  ? 2.841   -0.844  -9.097  1.00 24.83 ? 15  PRO A CA  1 
ATOM   14  C  C   . PRO A 1 16  ? 1.682   -1.496  -8.379  1.00 21.56 ? 15  PRO A C   1 
ATOM   15  O  O   . PRO A 1 16  ? 0.545   -0.986  -8.387  1.00 21.17 ? 15  PRO A O   1 
ATOM   16  C  CB  . PRO A 1 16  ? 3.584   0.136   -8.182  1.00 25.87 ? 15  PRO A CB  1 
ATOM   17  C  CG  . PRO A 1 16  ? 2.879   1.461   -8.404  1.00 27.10 ? 15  PRO A CG  1 
ATOM   18  C  CD  . PRO A 1 16  ? 2.605   1.438   -9.891  1.00 26.87 ? 15  PRO A CD  1 
ATOM   19  N  N   . ILE A 1 17  ? 1.978   -2.650  -7.781  1.00 20.17 ? 16  ILE A N   1 
ATOM   20  C  CA  . ILE A 1 17  ? 1.000   -3.333  -6.906  1.00 17.56 ? 16  ILE A CA  1 
ATOM   21  C  C   . ILE A 1 17  ? 1.067   -2.681  -5.533  1.00 13.82 ? 16  ILE A C   1 
ATOM   22  O  O   . ILE A 1 17  ? 2.139   -2.658  -4.912  1.00 15.97 ? 16  ILE A O   1 
ATOM   23  C  CB  . ILE A 1 17  ? 1.292   -4.820  -6.795  1.00 16.62 ? 16  ILE A CB  1 
ATOM   24  C  CG1 . ILE A 1 17  ? 1.469   -5.473  -8.182  1.00 22.10 ? 16  ILE A CG1 1 
ATOM   25  C  CG2 . ILE A 1 17  ? 0.115   -5.476  -6.017  1.00 18.54 ? 16  ILE A CG2 1 
ATOM   26  C  CD1 . ILE A 1 17  ? 1.730   -6.984  -8.175  1.00 30.57 ? 16  ILE A CD1 1 
ATOM   27  N  N   A HIS A 1 18  ? -0.049  -2.050  -5.098  0.50 13.05 ? 17  HIS A N   1 
ATOM   28  N  N   B HIS A 1 18  ? -0.060  -2.142  -5.110  0.50 13.60 ? 17  HIS A N   1 
ATOM   29  C  CA  A HIS A 1 18  ? -0.155  -1.387  -3.747  0.50 13.92 ? 17  HIS A CA  1 
ATOM   30  C  CA  B HIS A 1 18  ? -0.165  -1.458  -3.841  0.50 14.91 ? 17  HIS A CA  1 
ATOM   31  C  C   A HIS A 1 18  ? -0.165  -2.521  -2.751  0.50 13.29 ? 17  HIS A C   1 
ATOM   32  C  C   B HIS A 1 18  ? -0.271  -2.499  -2.722  0.50 13.87 ? 17  HIS A C   1 
ATOM   33  O  O   A HIS A 1 18  ? -0.716  -3.599  -3.025  0.50 13.93 ? 17  HIS A O   1 
ATOM   34  O  O   B HIS A 1 18  ? -1.001  -3.489  -2.883  0.50 14.13 ? 17  HIS A O   1 
ATOM   35  C  CB  A HIS A 1 18  ? -1.438  -0.498  -3.510  0.50 14.00 ? 17  HIS A CB  1 
ATOM   36  C  CB  B HIS A 1 18  ? -1.400  -0.567  -3.864  0.50 15.11 ? 17  HIS A CB  1 
ATOM   37  C  CG  A HIS A 1 18  ? -1.398  0.398   -2.266  0.50 14.92 ? 17  HIS A CG  1 
ATOM   38  C  CG  B HIS A 1 18  ? -1.274  0.622   -4.769  0.50 18.66 ? 17  HIS A CG  1 
ATOM   39  N  ND1 A HIS A 1 18  ? -0.992  1.719   -2.328  0.50 15.28 ? 17  HIS A ND1 1 
ATOM   40  N  ND1 B HIS A 1 18  ? -0.934  0.516   -6.100  0.50 26.97 ? 17  HIS A ND1 1 
ATOM   41  C  CD2 A HIS A 1 18  ? -1.757  0.188   -0.960  0.50 4.16  ? 17  HIS A CD2 1 
ATOM   42  C  CD2 B HIS A 1 18  ? -1.475  1.940   -4.538  0.50 19.45 ? 17  HIS A CD2 1 
ATOM   43  C  CE1 A HIS A 1 18  ? -1.067  2.261   -1.126  0.50 14.27 ? 17  HIS A CE1 1 
ATOM   44  C  CE1 B HIS A 1 18  ? -0.927  1.719   -6.651  0.50 17.52 ? 17  HIS A CE1 1 
ATOM   45  N  NE2 A HIS A 1 18  ? -1.540  1.356   -0.284  0.50 23.89 ? 17  HIS A NE2 1 
ATOM   46  N  NE2 B HIS A 1 18  ? -1.261  2.600   -5.726  0.50 17.33 ? 17  HIS A NE2 1 
ATOM   47  N  N   . PRO A 1 19  ? 0.448   -2.277  -1.600  1.00 13.14 ? 18  PRO A N   1 
ATOM   48  C  CA  . PRO A 1 19  ? 0.356   -3.231  -0.476  1.00 12.19 ? 18  PRO A CA  1 
ATOM   49  C  C   . PRO A 1 19  ? -1.074  -3.599  -0.149  1.00 10.68 ? 18  PRO A C   1 
ATOM   50  O  O   . PRO A 1 19  ? -1.388  -4.740  0.199   1.00 9.29  ? 18  PRO A O   1 
ATOM   51  C  CB  . PRO A 1 19  ? 0.982   -2.463  0.689   1.00 15.25 ? 18  PRO A CB  1 
ATOM   52  C  CG  . PRO A 1 19  ? 1.862   -1.450  0.040   1.00 14.38 ? 18  PRO A CG  1 
ATOM   53  C  CD  . PRO A 1 19  ? 1.368   -1.167  -1.306  1.00 14.19 ? 18  PRO A CD  1 
ATOM   54  N  N   . GLY A 1 20  ? -1.950  -2.629  -0.262  1.00 10.42 ? 19  GLY A N   1 
ATOM   55  C  CA  . GLY A 1 20  ? -3.347  -2.812  0.056   1.00 11.12 ? 19  GLY A CA  1 
ATOM   56  C  C   . GLY A 1 20  ? -4.027  -3.836  -0.827  1.00 11.18 ? 19  GLY A C   1 
ATOM   57  O  O   . GLY A 1 20  ? -4.927  -4.542  -0.405  1.00 11.95 ? 19  GLY A O   1 
ATOM   58  N  N   . GLU A 1 21  ? -3.578  -3.876  -2.076  1.00 10.97 ? 20  GLU A N   1 
ATOM   59  C  CA  . GLU A 1 21  ? -4.142  -4.816  -3.036  1.00 12.89 ? 20  GLU A CA  1 
ATOM   60  C  C   . GLU A 1 21  ? -3.730  -6.236  -2.674  1.00 9.30  ? 20  GLU A C   1 
ATOM   61  O  O   . GLU A 1 21  ? -4.545  -7.202  -2.793  1.00 11.24 ? 20  GLU A O   1 
ATOM   62  C  CB  . GLU A 1 21  ? -3.713  -4.489  -4.469  1.00 14.48 ? 20  GLU A CB  1 
ATOM   63  C  CG  . GLU A 1 21  ? -4.272  -3.156  -4.941  1.00 19.31 ? 20  GLU A CG  1 
ATOM   64  C  CD  . GLU A 1 21  ? -3.773  -2.746  -6.334  1.00 26.61 ? 20  GLU A CD  1 
ATOM   65  O  OE1 . GLU A 1 21  ? -2.557  -2.507  -6.534  1.00 21.64 ? 20  GLU A OE1 1 
ATOM   66  O  OE2 . GLU A 1 21  ? -4.634  -2.652  -7.224  1.00 44.40 ? 20  GLU A OE2 1 
ATOM   67  N  N   . VAL A 1 22  ? -2.515  -6.349  -2.175  1.00 9.66  ? 21  VAL A N   1 
ATOM   68  C  CA  . VAL A 1 22  ? -2.007  -7.666  -1.771  1.00 7.08  ? 21  VAL A CA  1 
ATOM   69  C  C   . VAL A 1 22  ? -2.748  -8.133  -0.538  1.00 7.95  ? 21  VAL A C   1 
ATOM   70  O  O   . VAL A 1 22  ? -3.198  -9.303  -0.448  1.00 8.71  ? 21  VAL A O   1 
ATOM   71  C  CB  . VAL A 1 22  ? -0.501  -7.678  -1.508  1.00 8.31  ? 21  VAL A CB  1 
ATOM   72  C  CG1 . VAL A 1 22  ? -0.022  -9.086  -1.076  1.00 11.36 ? 21  VAL A CG1 1 
ATOM   73  C  CG2 . VAL A 1 22  ? 0.243   -7.202  -2.824  1.00 11.26 ? 21  VAL A CG2 1 
ATOM   74  N  N   . ILE A 1 23  ? -2.933  -7.219  0.402   1.00 8.57  ? 22  ILE A N   1 
ATOM   75  C  CA  . ILE A 1 23  ? -3.690  -7.528  1.615   1.00 7.05  ? 22  ILE A CA  1 
ATOM   76  C  C   . ILE A 1 23  ? -5.120  -7.982  1.261   1.00 6.36  ? 22  ILE A C   1 
ATOM   77  O  O   . ILE A 1 23  ? -5.583  -8.977  1.772   1.00 8.96  ? 22  ILE A O   1 
ATOM   78  C  CB  . ILE A 1 23  ? -3.678  -6.349  2.643   1.00 9.04  ? 22  ILE A CB  1 
ATOM   79  C  CG1 . ILE A 1 23  ? -2.261  -6.198  3.193   1.00 11.85 ? 22  ILE A CG1 1 
ATOM   80  C  CG2 . ILE A 1 23  ? -4.700  -6.573  3.750   1.00 11.98 ? 22  ILE A CG2 1 
ATOM   81  C  CD1 . ILE A 1 23  ? -2.060  -4.899  3.864   1.00 14.67 ? 22  ILE A CD1 1 
ATOM   82  N  N   . ALA A 1 24  ? -5.791  -7.219  0.423   1.00 10.23 ? 23  ALA A N   1 
ATOM   83  C  CA  . ALA A 1 24  ? -7.203  -7.534  0.064   1.00 10.45 ? 23  ALA A CA  1 
ATOM   84  C  C   . ALA A 1 24  ? -7.293  -8.955  -0.505  1.00 12.77 ? 23  ALA A C   1 
ATOM   85  O  O   . ALA A 1 24  ? -8.233  -9.734  -0.214  1.00 12.89 ? 23  ALA A O   1 
ATOM   86  C  CB  . ALA A 1 24  ? -7.719  -6.527  -0.954  1.00 11.26 ? 23  ALA A CB  1 
ATOM   87  N  N   . ASP A 1 25  ? -6.309  -9.277  -1.333  1.00 7.37  ? 24  ASP A N   1 
ATOM   88  C  CA  . ASP A 1 25  ? -6.263  -10.596 -1.991  1.00 7.99  ? 24  ASP A CA  1 
ATOM   89  C  C   . ASP A 1 25  ? -6.064  -11.701 -0.944  1.00 9.79  ? 24  ASP A C   1 
ATOM   90  O  O   . ASP A 1 25  ? -6.655  -12.768 -1.044  1.00 9.36  ? 24  ASP A O   1 
ATOM   91  C  CB  . ASP A 1 25  ? -5.182  -10.637 -3.024  1.00 10.24 ? 24  ASP A CB  1 
ATOM   92  C  CG  . ASP A 1 25  ? -5.230  -11.909 -3.857  1.00 15.93 ? 24  ASP A CG  1 
ATOM   93  O  OD1 . ASP A 1 25  ? -6.239  -12.118 -4.587  1.00 19.31 ? 24  ASP A OD1 1 
ATOM   94  O  OD2 . ASP A 1 25  ? -4.259  -12.647 -3.722  1.00 16.90 ? 24  ASP A OD2 1 
ATOM   95  N  N   . ILE A 1 26  ? -5.156  -11.455 0.012   1.00 8.37  ? 25  ILE A N   1 
ATOM   96  C  CA  . ILE A 1 26  ? -4.918  -12.413 1.108   1.00 7.92  ? 25  ILE A CA  1 
ATOM   97  C  C   . ILE A 1 26  ? -6.231  -12.644 1.870   1.00 7.62  ? 25  ILE A C   1 
ATOM   98  O  O   . ILE A 1 26  ? -6.585  -13.777 2.189   1.00 9.03  ? 25  ILE A O   1 
ATOM   99  C  CB  . ILE A 1 26  ? -3.791  -11.904 2.039   1.00 9.67  ? 25  ILE A CB  1 
ATOM   100 C  CG1 . ILE A 1 26  ? -2.440  -11.968 1.288   1.00 9.41  ? 25  ILE A CG1 1 
ATOM   101 C  CG2 . ILE A 1 26  ? -3.762  -12.690 3.342   1.00 11.71 ? 25  ILE A CG2 1 
ATOM   102 C  CD1 . ILE A 1 26  ? -1.279  -11.198 2.036   1.00 13.08 ? 25  ILE A CD1 1 
ATOM   103 N  N   . LEU A 1 27  ? -6.915  -11.562 2.201   1.00 9.57  ? 26  LEU A N   1 
ATOM   104 C  CA  . LEU A 1 27  ? -8.098  -11.678 3.063   1.00 11.09 ? 26  LEU A CA  1 
ATOM   105 C  C   . LEU A 1 27  ? -9.146  -12.470 2.268   1.00 9.82  ? 26  LEU A C   1 
ATOM   106 O  O   . LEU A 1 27  ? -9.910  -13.266 2.827   1.00 12.01 ? 26  LEU A O   1 
ATOM   107 C  CB  . LEU A 1 27  ? -8.596  -10.285 3.459   1.00 12.41 ? 26  LEU A CB  1 
ATOM   108 C  CG  . LEU A 1 27  ? -7.628  -9.493  4.354   1.00 15.00 ? 26  LEU A CG  1 
ATOM   109 C  CD1 . LEU A 1 27  ? -8.308  -8.282  5.045   1.00 16.83 ? 26  LEU A CD1 1 
ATOM   110 C  CD2 . LEU A 1 27  ? -6.949  -10.379 5.406   1.00 14.45 ? 26  LEU A CD2 1 
ATOM   111 N  N   A ASP A 1 28  ? -9.160  -12.249 0.971   0.50 8.94  ? 27  ASP A N   1 
ATOM   112 N  N   B ASP A 1 28  ? -9.153  -12.237 0.963   0.50 9.74  ? 27  ASP A N   1 
ATOM   113 C  CA  A ASP A 1 28  ? -10.146 -12.925 0.091   0.50 9.08  ? 27  ASP A CA  1 
ATOM   114 C  CA  B ASP A 1 28  ? -10.107 -12.916 0.038   0.50 10.13 ? 27  ASP A CA  1 
ATOM   115 C  C   A ASP A 1 28  ? -9.865  -14.432 0.058   0.50 9.82  ? 27  ASP A C   1 
ATOM   116 C  C   B ASP A 1 28  ? -9.854  -14.416 0.149   0.50 10.51 ? 27  ASP A C   1 
ATOM   117 O  O   A ASP A 1 28  ? -10.757 -15.283 0.155   0.50 10.97 ? 27  ASP A O   1 
ATOM   118 O  O   B ASP A 1 28  ? -10.739 -15.228 0.481   0.50 11.34 ? 27  ASP A O   1 
ATOM   119 C  CB  A ASP A 1 28  ? -10.106 -12.324 -1.293  0.50 8.45  ? 27  ASP A CB  1 
ATOM   120 C  CB  B ASP A 1 28  ? -9.908  -12.446 -1.398  0.50 11.93 ? 27  ASP A CB  1 
ATOM   121 C  CG  A ASP A 1 28  ? -11.191 -12.863 -2.204  0.50 16.80 ? 27  ASP A CG  1 
ATOM   122 C  CG  B ASP A 1 28  ? -11.056 -12.851 -2.337  0.50 19.03 ? 27  ASP A CG  1 
ATOM   123 O  OD1 A ASP A 1 28  ? -12.229 -13.331 -1.668  0.50 15.02 ? 27  ASP A OD1 1 
ATOM   124 O  OD1 B ASP A 1 28  ? -11.188 -14.037 -2.710  0.50 20.49 ? 27  ASP A OD1 1 
ATOM   125 O  OD2 A ASP A 1 28  ? -10.988 -12.787 -3.446  0.50 16.01 ? 27  ASP A OD2 1 
ATOM   126 O  OD2 B ASP A 1 28  ? -11.825 -11.954 -2.731  0.50 24.82 ? 27  ASP A OD2 1 
ATOM   127 N  N   . ASP A 1 29  ? -8.592  -14.775 -0.067  1.00 8.46  ? 28  ASP A N   1 
ATOM   128 C  CA  . ASP A 1 29  ? -8.242  -16.159 -0.079  1.00 8.80  ? 28  ASP A CA  1 
ATOM   129 C  C   . ASP A 1 29  ? -8.558  -16.825 1.277   1.00 8.82  ? 28  ASP A C   1 
ATOM   130 O  O   . ASP A 1 29  ? -8.911  -18.012 1.323   1.00 12.05 ? 28  ASP A O   1 
ATOM   131 C  CB  . ASP A 1 29  ? -6.734  -16.389 -0.393  1.00 9.27  ? 28  ASP A CB  1 
ATOM   132 C  CG  . ASP A 1 29  ? -6.380  -16.219 -1.847  1.00 11.80 ? 28  ASP A CG  1 
ATOM   133 O  OD1 . ASP A 1 29  ? -7.251  -15.921 -2.686  1.00 14.02 ? 28  ASP A OD1 1 
ATOM   134 O  OD2 . ASP A 1 29  ? -5.173  -16.356 -2.160  1.00 13.80 ? 28  ASP A OD2 1 
ATOM   135 N  N   . LEU A 1 30  ? -8.334  -16.107 2.370   1.00 8.55  ? 29  LEU A N   1 
ATOM   136 C  CA  . LEU A 1 30  ? -8.505  -16.630 3.736   1.00 6.90  ? 29  LEU A CA  1 
ATOM   137 C  C   . LEU A 1 30  ? -9.962  -16.622 4.163   1.00 11.31 ? 29  LEU A C   1 
ATOM   138 O  O   . LEU A 1 30  ? -10.353 -17.233 5.159   1.00 12.24 ? 29  LEU A O   1 
ATOM   139 C  CB  . LEU A 1 30  ? -7.773  -15.766 4.756   1.00 8.32  ? 29  LEU A CB  1 
ATOM   140 C  CG  . LEU A 1 30  ? -6.262  -15.831 4.778   1.00 8.50  ? 29  LEU A CG  1 
ATOM   141 C  CD1 . LEU A 1 30  ? -5.642  -14.779 5.706   1.00 11.73 ? 29  LEU A CD1 1 
ATOM   142 C  CD2 . LEU A 1 30  ? -5.791  -17.226 5.154   1.00 11.19 ? 29  LEU A CD2 1 
ATOM   143 N  N   A ASP A 1 31  ? -10.781 -15.911 3.437   0.50 10.05 ? 30  ASP A N   1 
ATOM   144 N  N   B ASP A 1 31  ? -10.694 -15.847 3.385   0.50 11.26 ? 30  ASP A N   1 
ATOM   145 C  CA  A ASP A 1 31  ? -12.197 -15.779 3.818   0.50 11.90 ? 30  ASP A CA  1 
ATOM   146 C  CA  B ASP A 1 31  ? -12.130 -15.502 3.579   0.50 13.55 ? 30  ASP A CA  1 
ATOM   147 C  C   A ASP A 1 31  ? -12.299 -15.130 5.195   0.50 11.35 ? 30  ASP A C   1 
ATOM   148 C  C   B ASP A 1 31  ? -12.421 -14.961 4.961   0.50 13.06 ? 30  ASP A C   1 
ATOM   149 O  O   A ASP A 1 31  ? -12.984 -15.637 6.101   0.50 8.78  ? 30  ASP A O   1 
ATOM   150 O  O   B ASP A 1 31  ? -13.391 -15.358 5.608   0.50 13.66 ? 30  ASP A O   1 
ATOM   151 C  CB  A ASP A 1 31  ? -12.905 -17.142 3.811   0.50 9.81  ? 30  ASP A CB  1 
ATOM   152 C  CB  B ASP A 1 31  ? -13.052 -16.678 3.261   0.50 11.83 ? 30  ASP A CB  1 
ATOM   153 C  CG  A ASP A 1 31  ? -13.294 -17.595 2.414   0.50 17.13 ? 30  ASP A CG  1 
ATOM   154 C  CG  B ASP A 1 31  ? -14.546 -16.316 3.334   0.50 9.59  ? 30  ASP A CG  1 
ATOM   155 O  OD1 A ASP A 1 31  ? -13.869 -16.776 1.651   0.50 17.86 ? 30  ASP A OD1 1 
ATOM   156 O  OD1 B ASP A 1 31  ? -14.952 -15.146 3.021   0.50 16.89 ? 30  ASP A OD1 1 
ATOM   157 O  OD2 A ASP A 1 31  ? -13.032 -18.777 2.079   0.50 19.02 ? 30  ASP A OD2 1 
ATOM   158 O  OD2 B ASP A 1 31  ? -15.284 -17.213 3.744   0.50 24.57 ? 30  ASP A OD2 1 
ATOM   159 N  N   . ILE A 1 32  ? -11.549 -14.042 5.373   1.00 11.09 ? 31  ILE A N   1 
ATOM   160 C  CA  . ILE A 1 32  ? -11.720 -13.229 6.579   1.00 12.27 ? 31  ILE A CA  1 
ATOM   161 C  C   . ILE A 1 32  ? -11.887 -11.762 6.173   1.00 12.97 ? 31  ILE A C   1 
ATOM   162 O  O   . ILE A 1 32  ? -11.606 -11.343 5.028   1.00 13.64 ? 31  ILE A O   1 
ATOM   163 C  CB  . ILE A 1 32  ? -10.629 -13.393 7.630   1.00 15.26 ? 31  ILE A CB  1 
ATOM   164 C  CG1 . ILE A 1 32  ? -9.287  -12.840 7.162   1.00 12.75 ? 31  ILE A CG1 1 
ATOM   165 C  CG2 . ILE A 1 32  ? -10.453 -14.923 8.040   1.00 14.57 ? 31  ILE A CG2 1 
ATOM   166 C  CD1 . ILE A 1 32  ? -8.212  -12.725 8.256   1.00 14.08 ? 31  ILE A CD1 1 
ATOM   167 N  N   . ASN A 1 33  ? -12.408 -10.984 7.104   1.00 11.43 ? 32  ASN A N   1 
ATOM   168 C  CA  . ASN A 1 33  ? -12.666 -9.604  6.785   1.00 10.73 ? 32  ASN A CA  1 
ATOM   169 C  C   . ASN A 1 33  ? -11.621 -8.684  7.389   1.00 9.98  ? 32  ASN A C   1 
ATOM   170 O  O   . ASN A 1 33  ? -10.738 -9.122  8.122   1.00 9.93  ? 32  ASN A O   1 
ATOM   171 C  CB  . ASN A 1 33  ? -14.102 -9.166  7.146   1.00 10.93 ? 32  ASN A CB  1 
ATOM   172 C  CG  . ASN A 1 33  ? -14.392 -9.263  8.641   1.00 12.37 ? 32  ASN A CG  1 
ATOM   173 O  OD1 . ASN A 1 33  ? -13.520 -9.044  9.462   1.00 15.03 ? 32  ASN A OD1 1 
ATOM   174 N  ND2 . ASN A 1 33  ? -15.657 -9.479  8.997   1.00 13.69 ? 32  ASN A ND2 1 
ATOM   175 N  N   . THR A 1 34  ? -11.791 -7.383  7.082   1.00 11.50 ? 33  THR A N   1 
ATOM   176 C  CA  . THR A 1 34  ? -10.777 -6.395  7.489   1.00 11.07 ? 33  THR A CA  1 
ATOM   177 C  C   . THR A 1 34  ? -10.765 -6.285  8.999   1.00 10.33 ? 33  THR A C   1 
ATOM   178 O  O   . THR A 1 34  ? -9.711  -6.140  9.632   1.00 11.13 ? 33  THR A O   1 
ATOM   179 C  CB  . THR A 1 34  ? -10.959 -5.010  6.861   1.00 10.34 ? 33  THR A CB  1 
ATOM   180 O  OG1 . THR A 1 34  ? -12.300 -4.537  7.149   1.00 13.92 ? 33  THR A OG1 1 
ATOM   181 C  CG2 . THR A 1 34  ? -10.836 -5.060  5.336   1.00 11.62 ? 33  THR A CG2 1 
ATOM   182 N  N   . ALA A 1 35  ? -11.935 -6.364  9.624   1.00 10.72 ? 34  ALA A N   1 
ATOM   183 C  CA  . ALA A 1 35  ? -12.004 -6.263  11.116  1.00 10.91 ? 34  ALA A CA  1 
ATOM   184 C  C   . ALA A 1 35  ? -11.294 -7.416  11.817  1.00 11.48 ? 34  ALA A C   1 
ATOM   185 O  O   . ALA A 1 35  ? -10.579 -7.210  12.809  1.00 13.08 ? 34  ALA A O   1 
ATOM   186 C  CB  . ALA A 1 35  ? -13.496 -6.139  11.551  1.00 13.03 ? 34  ALA A CB  1 
ATOM   187 N  N   . ASN A 1 36  ? -11.430 -8.613  11.246  1.00 11.70 ? 35  ASN A N   1 
ATOM   188 C  CA  . ASN A 1 36  ? -10.815 -9.830  11.764  1.00 14.19 ? 35  ASN A CA  1 
ATOM   189 C  C   . ASN A 1 36  ? -9.297  -9.657  11.650  1.00 11.44 ? 35  ASN A C   1 
ATOM   190 O  O   . ASN A 1 36  ? -8.517  -9.950  12.561  1.00 13.07 ? 35  ASN A O   1 
ATOM   191 C  CB  . ASN A 1 36  ? -11.134 -11.077 10.924  1.00 13.83 ? 35  ASN A CB  1 
ATOM   192 C  CG  . ASN A 1 36  ? -12.623 -11.424 10.824  1.00 25.04 ? 35  ASN A CG  1 
ATOM   193 O  OD1 . ASN A 1 36  ? -13.085 -12.018 9.799   1.00 20.69 ? 35  ASN A OD1 1 
ATOM   194 N  ND2 . ASN A 1 36  ? -13.354 -11.141 11.897  1.00 20.87 ? 35  ASN A ND2 1 
ATOM   195 N  N   . PHE A 1 37  ? -8.866  -9.105  10.526  1.00 10.23 ? 36  PHE A N   1 
ATOM   196 C  CA  . PHE A 1 37  ? -7.420  -9.024  10.285  1.00 10.82 ? 36  PHE A CA  1 
ATOM   197 C  C   . PHE A 1 37  ? -6.835  -7.915  11.151  1.00 10.49 ? 36  PHE A C   1 
ATOM   198 O  O   . PHE A 1 37  ? -5.729  -8.052  11.712  1.00 10.97 ? 36  PHE A O   1 
ATOM   199 C  CB  . PHE A 1 37  ? -7.147  -8.720  8.821   1.00 9.82  ? 36  PHE A CB  1 
ATOM   200 C  CG  . PHE A 1 37  ? -5.703  -8.877  8.429   1.00 8.68  ? 36  PHE A CG  1 
ATOM   201 C  CD1 . PHE A 1 37  ? -5.028  -10.054 8.683   1.00 11.72 ? 36  PHE A CD1 1 
ATOM   202 C  CD2 . PHE A 1 37  ? -5.088  -7.906  7.647   1.00 7.44  ? 36  PHE A CD2 1 
ATOM   203 C  CE1 . PHE A 1 37  ? -3.701  -10.189 8.302   1.00 12.19 ? 36  PHE A CE1 1 
ATOM   204 C  CE2 . PHE A 1 37  ? -3.784  -8.076  7.240   1.00 12.48 ? 36  PHE A CE2 1 
ATOM   205 C  CZ  . PHE A 1 37  ? -3.106  -9.176  7.539   1.00 11.99 ? 36  PHE A CZ  1 
ATOM   206 N  N   . ALA A 1 38  ? -7.607  -6.838  11.298  1.00 10.10 ? 37  ALA A N   1 
ATOM   207 C  CA  . ALA A 1 38  ? -7.147  -5.703  12.161  1.00 10.99 ? 37  ALA A CA  1 
ATOM   208 C  C   . ALA A 1 38  ? -6.974  -6.174  13.601  1.00 9.76  ? 37  ALA A C   1 
ATOM   209 O  O   . ALA A 1 38  ? -6.011  -5.825  14.295  1.00 9.85  ? 37  ALA A O   1 
ATOM   210 C  CB  . ALA A 1 38  ? -8.138  -4.501  12.088  1.00 11.96 ? 37  ALA A CB  1 
ATOM   211 N  N   . GLU A 1 39  ? -7.857  -7.067  14.008  1.00 10.83 ? 38  GLU A N   1 
ATOM   212 C  CA  . GLU A 1 39  ? -7.813  -7.609  15.361  1.00 11.88 ? 38  GLU A CA  1 
ATOM   213 C  C   . GLU A 1 39  ? -6.512  -8.407  15.549  1.00 11.98 ? 38  GLU A C   1 
ATOM   214 O  O   . GLU A 1 39  ? -5.811  -8.316  16.571  1.00 13.28 ? 38  GLU A O   1 
ATOM   215 C  CB  . GLU A 1 39  ? -9.023  -8.456  15.606  1.00 13.35 ? 38  GLU A CB  1 
ATOM   216 C  CG  . GLU A 1 39  ? -9.112  -9.014  16.965  1.00 21.24 ? 38  GLU A CG  1 
ATOM   217 C  CD  . GLU A 1 39  ? -10.523 -9.482  17.250  1.00 40.78 ? 38  GLU A CD  1 
ATOM   218 O  OE1 . GLU A 1 39  ? -10.982 -10.413 16.547  1.00 42.02 ? 38  GLU A OE1 1 
ATOM   219 O  OE2 . GLU A 1 39  ? -11.168 -8.909  18.160  1.00 58.76 ? 38  GLU A OE2 1 
ATOM   220 N  N   . ILE A 1 40  ? -6.176  -9.203  14.552  1.00 8.37  ? 39  ILE A N   1 
ATOM   221 C  CA  . ILE A 1 40  ? -4.941  -9.996  14.575  1.00 11.83 ? 39  ILE A CA  1 
ATOM   222 C  C   . ILE A 1 40  ? -3.727  -9.103  14.678  1.00 12.48 ? 39  ILE A C   1 
ATOM   223 O  O   . ILE A 1 40  ? -2.799  -9.365  15.478  1.00 13.92 ? 39  ILE A O   1 
ATOM   224 C  CB  . ILE A 1 40  ? -4.878  -10.901 13.335  1.00 13.79 ? 39  ILE A CB  1 
ATOM   225 C  CG1 . ILE A 1 40  ? -5.896  -12.018 13.521  1.00 14.12 ? 39  ILE A CG1 1 
ATOM   226 C  CG2 . ILE A 1 40  ? -3.516  -11.512 13.143  1.00 14.38 ? 39  ILE A CG2 1 
ATOM   227 C  CD1 . ILE A 1 40  ? -6.226  -12.731 12.175  1.00 17.63 ? 39  ILE A CD1 1 
ATOM   228 N  N   . LEU A 1 41  ? -3.713  -8.052  13.870  1.00 8.71  ? 40  LEU A N   1 
ATOM   229 C  CA  . LEU A 1 41  ? -2.532  -7.183  13.801  1.00 8.36  ? 40  LEU A CA  1 
ATOM   230 C  C   . LEU A 1 41  ? -2.417  -6.256  14.971  1.00 9.40  ? 40  LEU A C   1 
ATOM   231 O  O   . LEU A 1 41  ? -1.322  -5.762  15.219  1.00 9.01  ? 40  LEU A O   1 
ATOM   232 C  CB  . LEU A 1 41  ? -2.584  -6.309  12.548  1.00 10.02 ? 40  LEU A CB  1 
ATOM   233 C  CG  . LEU A 1 41  ? -2.546  -7.063  11.228  1.00 10.85 ? 40  LEU A CG  1 
ATOM   234 C  CD1 . LEU A 1 41  ? -2.702  -6.016  10.111  1.00 19.95 ? 40  LEU A CD1 1 
ATOM   235 C  CD2 . LEU A 1 41  ? -1.277  -7.857  11.029  1.00 11.91 ? 40  LEU A CD2 1 
ATOM   236 N  N   . GLY A 1 42  ? -3.527  -5.957  15.649  1.00 8.34  ? 41  GLY A N   1 
ATOM   237 C  CA  . GLY A 1 42  ? -3.561  -5.002  16.760  1.00 9.17  ? 41  GLY A CA  1 
ATOM   238 C  C   . GLY A 1 42  ? -3.567  -3.571  16.259  1.00 9.44  ? 41  GLY A C   1 
ATOM   239 O  O   . GLY A 1 42  ? -2.923  -2.698  16.831  1.00 8.73  ? 41  GLY A O   1 
ATOM   240 N  N   . VAL A 1 43  ? -4.288  -3.349  15.154  1.00 9.30  ? 42  VAL A N   1 
ATOM   241 C  CA  . VAL A 1 43  ? -4.574  -1.980  14.683  1.00 6.57  ? 42  VAL A CA  1 
ATOM   242 C  C   . VAL A 1 43  ? -6.081  -1.880  14.432  1.00 8.70  ? 42  VAL A C   1 
ATOM   243 O  O   . VAL A 1 43  ? -6.783  -2.861  14.513  1.00 8.84  ? 42  VAL A O   1 
ATOM   244 C  CB  . VAL A 1 43  ? -3.832  -1.608  13.400  1.00 8.77  ? 42  VAL A CB  1 
ATOM   245 C  CG1 . VAL A 1 43  ? -2.288  -1.696  13.665  1.00 10.84 ? 42  VAL A CG1 1 
ATOM   246 C  CG2 . VAL A 1 43  ? -4.252  -2.408  12.184  1.00 9.50  ? 42  VAL A CG2 1 
ATOM   247 N  N   . SER A 1 44  ? -6.554  -0.706  14.132  1.00 7.48  ? 43  SER A N   1 
ATOM   248 C  CA  . SER A 1 44  ? -7.991  -0.543  13.930  1.00 8.24  ? 43  SER A CA  1 
ATOM   249 C  C   . SER A 1 44  ? -8.412  -1.063  12.562  1.00 9.97  ? 43  SER A C   1 
ATOM   250 O  O   . SER A 1 44  ? -7.624  -1.103  11.596  1.00 10.44 ? 43  SER A O   1 
ATOM   251 C  CB  . SER A 1 44  ? -8.365  0.915   14.040  1.00 10.28 ? 43  SER A CB  1 
ATOM   252 O  OG  . SER A 1 44  ? -7.945  1.713   12.941  1.00 11.03 ? 43  SER A OG  1 
ATOM   253 N  N   . ASN A 1 45  ? -9.705  -1.337  12.444  1.00 11.05 ? 44  ASN A N   1 
ATOM   254 C  CA  . ASN A 1 45  ? -10.290 -1.744  11.173  1.00 9.43  ? 44  ASN A CA  1 
ATOM   255 C  C   . ASN A 1 45  ? -10.091 -0.637  10.158  1.00 9.91  ? 44  ASN A C   1 
ATOM   256 O  O   . ASN A 1 45  ? -9.723  -0.887  9.040   1.00 12.66 ? 44  ASN A O   1 
ATOM   257 C  CB  . ASN A 1 45  ? -11.774 -2.017  11.380  1.00 11.37 ? 44  ASN A CB  1 
ATOM   258 C  CG  . ASN A 1 45  ? -12.440 -2.556  10.167  1.00 18.98 ? 44  ASN A CG  1 
ATOM   259 O  OD1 . ASN A 1 45  ? -11.825 -3.198  9.343   1.00 18.44 ? 44  ASN A OD1 1 
ATOM   260 N  ND2 . ASN A 1 45  ? -13.721 -2.250  10.027  1.00 31.46 ? 44  ASN A ND2 1 
ATOM   261 N  N   A GLN A 1 46  ? -10.320 0.600   10.599  0.50 10.30 ? 45  GLN A N   1 
ATOM   262 N  N   B GLN A 1 46  ? -10.312 0.613   10.572  0.50 9.40  ? 45  GLN A N   1 
ATOM   263 C  CA  A GLN A 1 46  ? -10.179 1.770   9.757   0.50 10.94 ? 45  GLN A CA  1 
ATOM   264 C  CA  B GLN A 1 46  ? -10.182 1.761   9.680   0.50 10.16 ? 45  GLN A CA  1 
ATOM   265 C  C   A GLN A 1 46  ? -8.796  1.809   9.135   0.50 10.13 ? 45  GLN A C   1 
ATOM   266 C  C   B GLN A 1 46  ? -8.768  1.893   9.130   0.50 10.18 ? 45  GLN A C   1 
ATOM   267 O  O   A GLN A 1 46  ? -8.637  1.973   7.936   0.50 10.00 ? 45  GLN A O   1 
ATOM   268 O  O   B GLN A 1 46  ? -8.549  2.263   7.977   0.50 11.89 ? 45  GLN A O   1 
ATOM   269 C  CB  A GLN A 1 46  ? -10.444 3.034   10.573  0.50 13.52 ? 45  GLN A CB  1 
ATOM   270 C  CB  B GLN A 1 46  ? -10.607 3.035   10.409  0.50 10.91 ? 45  GLN A CB  1 
ATOM   271 C  CG  A GLN A 1 46  ? -10.409 4.282   9.760   0.50 20.59 ? 45  GLN A CG  1 
ATOM   272 C  CG  B GLN A 1 46  ? -10.709 4.253   9.539   0.50 17.56 ? 45  GLN A CG  1 
ATOM   273 C  CD  A GLN A 1 46  ? -11.606 4.399   8.863   0.50 28.72 ? 45  GLN A CD  1 
ATOM   274 C  CD  B GLN A 1 46  ? -10.746 5.529   10.369  0.50 28.52 ? 45  GLN A CD  1 
ATOM   275 O  OE1 A GLN A 1 46  ? -12.671 3.825   9.149   0.50 26.19 ? 45  GLN A OE1 1 
ATOM   276 O  OE1 B GLN A 1 46  ? -9.744  5.923   10.970  0.50 31.22 ? 45  GLN A OE1 1 
ATOM   277 N  NE2 A GLN A 1 46  ? -11.454 5.148   7.765   0.50 19.73 ? 45  GLN A NE2 1 
ATOM   278 N  NE2 B GLN A 1 46  ? -11.904 6.167   10.416  0.50 33.29 ? 45  GLN A NE2 1 
ATOM   279 N  N   . THR A 1 47  ? -7.790  1.589   9.969   1.00 10.69 ? 46  THR A N   1 
ATOM   280 C  CA  . THR A 1 47  ? -6.391  1.680   9.534   1.00 11.72 ? 46  THR A CA  1 
ATOM   281 C  C   . THR A 1 47  ? -6.153  0.648   8.418   1.00 11.96 ? 46  THR A C   1 
ATOM   282 O  O   . THR A 1 47  ? -5.607  0.960   7.354   1.00 11.51 ? 46  THR A O   1 
ATOM   283 C  CB  . THR A 1 47  ? -5.420  1.478   10.696  1.00 12.28 ? 46  THR A CB  1 
ATOM   284 O  OG1 . THR A 1 47  ? -5.470  2.615   11.547  1.00 13.41 ? 46  THR A OG1 1 
ATOM   285 C  CG2 . THR A 1 47  ? -3.981  1.234   10.149  1.00 15.03 ? 46  THR A CG2 1 
ATOM   286 N  N   . ILE A 1 48  ? -6.663  -0.564  8.596   1.00 11.51 ? 47  ILE A N   1 
ATOM   287 C  CA  . ILE A 1 48  ? -6.477  -1.619  7.592   1.00 11.86 ? 47  ILE A CA  1 
ATOM   288 C  C   . ILE A 1 48  ? -7.241  -1.268  6.334   1.00 10.90 ? 47  ILE A C   1 
ATOM   289 O  O   . ILE A 1 48  ? -6.772  -1.441  5.223   1.00 12.41 ? 47  ILE A O   1 
ATOM   290 C  CB  . ILE A 1 48  ? -6.886  -3.028  8.136   1.00 16.03 ? 47  ILE A CB  1 
ATOM   291 C  CG1 . ILE A 1 48  ? -5.824  -3.457  9.121   1.00 20.05 ? 47  ILE A CG1 1 
ATOM   292 C  CG2 . ILE A 1 48  ? -6.995  -4.098  7.015   1.00 23.88 ? 47  ILE A CG2 1 
ATOM   293 C  CD1 . ILE A 1 48  ? -4.401  -3.481  8.554   1.00 28.25 ? 47  ILE A CD1 1 
ATOM   294 N  N   A GLN A 1 49  ? -8.443  -0.739  6.507   0.50 11.18 ? 48  GLN A N   1 
ATOM   295 N  N   B GLN A 1 49  ? -8.443  -0.734  6.508   0.50 11.41 ? 48  GLN A N   1 
ATOM   296 C  CA  A GLN A 1 49  ? -9.245  -0.446  5.339   0.50 10.40 ? 48  GLN A CA  1 
ATOM   297 C  CA  B GLN A 1 49  ? -9.252  -0.402  5.348   0.50 10.79 ? 48  GLN A CA  1 
ATOM   298 C  C   A GLN A 1 49  ? -8.605  0.681   4.526   0.50 9.73  ? 48  GLN A C   1 
ATOM   299 C  C   B GLN A 1 49  ? -8.588  0.681   4.524   0.50 10.01 ? 48  GLN A C   1 
ATOM   300 O  O   A GLN A 1 49  ? -8.687  0.682   3.278   0.50 10.63 ? 48  GLN A O   1 
ATOM   301 O  O   B GLN A 1 49  ? -8.654  0.663   3.277   0.50 11.01 ? 48  GLN A O   1 
ATOM   302 C  CB  A GLN A 1 49  ? -10.685 -0.105  5.727   0.50 10.66 ? 48  GLN A CB  1 
ATOM   303 C  CB  B GLN A 1 49  ? -10.640 0.068   5.770   0.50 11.46 ? 48  GLN A CB  1 
ATOM   304 C  CG  A GLN A 1 49  ? -11.649 -0.258  4.580   0.50 12.14 ? 48  GLN A CG  1 
ATOM   305 C  CG  B GLN A 1 49  ? -11.547 -1.062  6.152   0.50 11.13 ? 48  GLN A CG  1 
ATOM   306 C  CD  A GLN A 1 49  ? -11.710 -1.674  4.049   0.50 19.63 ? 48  GLN A CD  1 
ATOM   307 C  CD  B GLN A 1 49  ? -12.777 -0.575  6.867   0.50 15.50 ? 48  GLN A CD  1 
ATOM   308 O  OE1 A GLN A 1 49  ? -12.061 -2.604  4.782   0.50 23.11 ? 48  GLN A OE1 1 
ATOM   309 O  OE1 B GLN A 1 49  ? -12.784 0.526   7.438   0.50 25.65 ? 48  GLN A OE1 1 
ATOM   310 N  NE2 A GLN A 1 49  ? -11.388 -1.846  2.763   0.50 19.16 ? 48  GLN A NE2 1 
ATOM   311 N  NE2 B GLN A 1 49  ? -13.818 -1.393  6.871   0.50 21.38 ? 48  GLN A NE2 1 
ATOM   312 N  N   . GLU A 1 50  ? -7.964  1.629   5.224   1.00 9.30  ? 49  GLU A N   1 
ATOM   313 C  CA  . GLU A 1 50  ? -7.291  2.751   4.543   1.00 11.13 ? 49  GLU A CA  1 
ATOM   314 C  C   . GLU A 1 50  ? -6.110  2.259   3.746   1.00 13.06 ? 49  GLU A C   1 
ATOM   315 O  O   . GLU A 1 50  ? -5.826  2.784   2.676   1.00 15.14 ? 49  GLU A O   1 
ATOM   316 C  CB  . GLU A 1 50  ? -6.925  3.880   5.490   1.00 10.17 ? 49  GLU A CB  1 
ATOM   317 C  CG  . GLU A 1 50  ? -8.183  4.558   6.023   1.00 13.52 ? 49  GLU A CG  1 
ATOM   318 C  CD  . GLU A 1 50  ? -7.897  5.489   7.210   1.00 19.77 ? 49  GLU A CD  1 
ATOM   319 O  OE1 . GLU A 1 50  ? -6.804  5.396   7.815   1.00 20.93 ? 49  GLU A OE1 1 
ATOM   320 O  OE2 . GLU A 1 50  ? -8.806  6.288   7.566   1.00 22.54 ? 49  GLU A OE2 1 
ATOM   321 N  N   . VAL A 1 51  ? -5.412  1.252   4.282   1.00 10.05 ? 50  VAL A N   1 
ATOM   322 C  CA  . VAL A 1 51  ? -4.264  0.668   3.537   1.00 10.64 ? 50  VAL A CA  1 
ATOM   323 C  C   . VAL A 1 51  ? -4.794  -0.040  2.299   1.00 11.50 ? 50  VAL A C   1 
ATOM   324 O  O   . VAL A 1 51  ? -4.317  0.135   1.174   1.00 11.19 ? 50  VAL A O   1 
ATOM   325 C  CB  . VAL A 1 51  ? -3.448  -0.274  4.412   1.00 11.54 ? 50  VAL A CB  1 
ATOM   326 C  CG1 . VAL A 1 51  ? -2.347  -0.995  3.576   1.00 11.86 ? 50  VAL A CG1 1 
ATOM   327 C  CG2 . VAL A 1 51  ? -2.767  0.476   5.576   1.00 12.17 ? 50  VAL A CG2 1 
ATOM   328 N  N   . ILE A 1 52  ? -5.840  -0.811  2.498   1.00 12.01 ? 51  ILE A N   1 
ATOM   329 C  CA  . ILE A 1 52  ? -6.457  -1.569  1.401   1.00 13.41 ? 51  ILE A CA  1 
ATOM   330 C  C   . ILE A 1 52  ? -6.896  -0.659  0.289   1.00 14.13 ? 51  ILE A C   1 
ATOM   331 O  O   . ILE A 1 52  ? -6.752  -0.983  -0.910  1.00 14.61 ? 51  ILE A O   1 
ATOM   332 C  CB  . ILE A 1 52  ? -7.621  -2.419  1.893   1.00 15.73 ? 51  ILE A CB  1 
ATOM   333 C  CG1 . ILE A 1 52  ? -7.058  -3.555  2.709   1.00 12.10 ? 51  ILE A CG1 1 
ATOM   334 C  CG2 . ILE A 1 52  ? -8.452  -3.002  0.698   1.00 17.07 ? 51  ILE A CG2 1 
ATOM   335 C  CD1 . ILE A 1 52  ? -8.158  -4.473  3.388   1.00 13.04 ? 51  ILE A CD1 1 
ATOM   336 N  N   . ASN A 1 53  ? -7.447  0.490   0.679   1.00 14.62 ? 52  ASN A N   1 
ATOM   337 C  CA  . ASN A 1 53  ? -8.054  1.436   -0.289  1.00 17.90 ? 52  ASN A CA  1 
ATOM   338 C  C   . ASN A 1 53  ? -7.012  2.358   -0.897  1.00 20.42 ? 52  ASN A C   1 
ATOM   339 O  O   . ASN A 1 53  ? -7.326  3.238   -1.703  1.00 20.86 ? 52  ASN A O   1 
ATOM   340 C  CB  . ASN A 1 53  ? -9.147  2.307   0.326   1.00 18.20 ? 52  ASN A CB  1 
ATOM   341 C  CG  . ASN A 1 53  ? -10.333 1.538   0.934   1.00 25.95 ? 52  ASN A CG  1 
ATOM   342 O  OD1 . ASN A 1 53  ? -10.639 0.398   0.582   1.00 34.47 ? 52  ASN A OD1 1 
ATOM   343 N  ND2 . ASN A 1 53  ? -11.052 2.227   1.830   1.00 29.29 ? 52  ASN A ND2 1 
ATOM   344 N  N   . GLY A 1 54  ? -5.761  2.174   -0.500  1.00 17.91 ? 53  GLY A N   1 
ATOM   345 C  CA  . GLY A 1 54  ? -4.654  2.972   -1.012  1.00 19.44 ? 53  GLY A CA  1 
ATOM   346 C  C   . GLY A 1 54  ? -4.661  4.412   -0.537  1.00 20.87 ? 53  GLY A C   1 
ATOM   347 O  O   . GLY A 1 54  ? -4.050  5.299   -1.175  1.00 24.23 ? 53  GLY A O   1 
ATOM   348 N  N   . GLN A 1 55  ? -5.341  4.654   0.583   1.00 16.62 ? 54  GLN A N   1 
ATOM   349 C  CA  . GLN A 1 55  ? -5.372  5.978   1.233   1.00 17.39 ? 54  GLN A CA  1 
ATOM   350 C  C   . GLN A 1 55  ? -4.326  6.208   2.320   1.00 17.70 ? 54  GLN A C   1 
ATOM   351 O  O   . GLN A 1 55  ? -4.104  7.334   2.816   1.00 21.10 ? 54  GLN A O   1 
ATOM   352 C  CB  . GLN A 1 55  ? -6.732  6.214   1.878   1.00 19.96 ? 54  GLN A CB  1 
ATOM   353 C  CG  . GLN A 1 55  ? -7.925  6.062   0.987   1.00 28.12 ? 54  GLN A CG  1 
ATOM   354 C  CD  . GLN A 1 55  ? -9.185  6.002   1.830   1.00 34.47 ? 54  GLN A CD  1 
ATOM   355 O  OE1 . GLN A 1 55  ? -9.817  4.944   1.976   1.00 43.09 ? 54  GLN A OE1 1 
ATOM   356 N  NE2 . GLN A 1 55  ? -9.514  7.127   2.463   1.00 47.82 ? 54  GLN A NE2 1 
ATOM   357 N  N   . ARG A 1 56  ? -3.709  5.123   2.748   1.00 14.10 ? 55  ARG A N   1 
ATOM   358 C  CA  . ARG A 1 56  ? -2.747  5.170   3.806   1.00 15.52 ? 55  ARG A CA  1 
ATOM   359 C  C   . ARG A 1 56  ? -1.568  4.290   3.407   1.00 14.65 ? 55  ARG A C   1 
ATOM   360 O  O   . ARG A 1 56  ? -1.738  3.185   2.903   1.00 16.46 ? 55  ARG A O   1 
ATOM   361 C  CB  . ARG A 1 56  ? -3.390  4.639   5.108   1.00 15.94 ? 55  ARG A CB  1 
ATOM   362 C  CG  . ARG A 1 56  ? -2.483  4.499   6.275   1.00 20.71 ? 55  ARG A CG  1 
ATOM   363 C  CD  . ARG A 1 56  ? -3.234  4.028   7.510   1.00 21.19 ? 55  ARG A CD  1 
ATOM   364 N  NE  . ARG A 1 56  ? -4.220  5.014   7.946   1.00 23.78 ? 55  ARG A NE  1 
ATOM   365 C  CZ  . ARG A 1 56  ? -3.912  6.163   8.556   1.00 32.64 ? 55  ARG A CZ  1 
ATOM   366 N  NH1 . ARG A 1 56  ? -2.645  6.473   8.817   1.00 30.29 ? 55  ARG A NH1 1 
ATOM   367 N  NH2 . ARG A 1 56  ? -4.874  7.012   8.909   1.00 34.98 ? 55  ARG A NH2 1 
ATOM   368 N  N   . SER A 1 57  ? -0.380  4.802   3.653   1.00 12.46 ? 56  SER A N   1 
ATOM   369 C  CA  . SER A 1 57  ? 0.836   4.030   3.402   1.00 10.57 ? 56  SER A CA  1 
ATOM   370 C  C   . SER A 1 57  ? 1.121   3.055   4.521   1.00 11.44 ? 56  SER A C   1 
ATOM   371 O  O   . SER A 1 57  ? 0.816   3.318   5.705   1.00 14.29 ? 56  SER A O   1 
ATOM   372 C  CB  . SER A 1 57  ? 2.055   4.948   3.283   1.00 16.39 ? 56  SER A CB  1 
ATOM   373 O  OG  . SER A 1 57  ? 1.871   5.779   2.172   1.00 21.84 ? 56  SER A OG  1 
ATOM   374 N  N   . ILE A 1 58  ? 1.825   1.996   4.148   1.00 10.46 ? 57  ILE A N   1 
ATOM   375 C  CA  . ILE A 1 58  ? 2.419   1.078   5.147   1.00 12.16 ? 57  ILE A CA  1 
ATOM   376 C  C   . ILE A 1 58  ? 3.495   1.824   5.934   1.00 12.85 ? 57  ILE A C   1 
ATOM   377 O  O   . ILE A 1 58  ? 4.464   2.326   5.354   1.00 15.53 ? 57  ILE A O   1 
ATOM   378 C  CB  . ILE A 1 58  ? 3.159   -0.127  4.428   1.00 12.39 ? 57  ILE A CB  1 
ATOM   379 C  CG1 . ILE A 1 58  ? 2.194   -0.989  3.592   1.00 18.59 ? 57  ILE A CG1 1 
ATOM   380 C  CG2 . ILE A 1 58  ? 3.950   -0.974  5.428   1.00 15.27 ? 57  ILE A CG2 1 
ATOM   381 C  CD1 . ILE A 1 58  ? 1.203   -1.644  4.357   1.00 15.69 ? 57  ILE A CD1 1 
ATOM   382 N  N   . THR A 1 59  ? 3.342   1.865   7.248   1.00 8.72  ? 58  THR A N   1 
ATOM   383 C  CA  . THR A 1 59  ? 4.391   2.350   8.099   1.00 7.36  ? 58  THR A CA  1 
ATOM   384 C  C   . THR A 1 59  ? 5.310   1.176   8.535   1.00 6.66  ? 58  THR A C   1 
ATOM   385 O  O   . THR A 1 59  ? 4.990   0.007   8.346   1.00 5.92  ? 58  THR A O   1 
ATOM   386 C  CB  . THR A 1 59  ? 3.782   2.925   9.392   1.00 6.85  ? 58  THR A CB  1 
ATOM   387 O  OG1 . THR A 1 59  ? 3.020   1.898   10.013  1.00 7.83  ? 58  THR A OG1 1 
ATOM   388 C  CG2 . THR A 1 59  ? 2.916   4.187   9.104   1.00 11.97 ? 58  THR A CG2 1 
ATOM   389 N  N   . VAL A 1 60  ? 6.462   1.481   9.150   1.00 7.86  ? 59  VAL A N   1 
ATOM   390 C  CA  . VAL A 1 60  ? 7.311   0.411   9.647   1.00 6.87  ? 59  VAL A CA  1 
ATOM   391 C  C   . VAL A 1 60  ? 6.539   -0.424  10.643  1.00 8.09  ? 59  VAL A C   1 
ATOM   392 O  O   . VAL A 1 60  ? 6.541   -1.651  10.613  1.00 7.15  ? 59  VAL A O   1 
ATOM   393 C  CB  . VAL A 1 60  ? 8.627   0.907   10.269  1.00 8.26  ? 59  VAL A CB  1 
ATOM   394 C  CG1 . VAL A 1 60  ? 9.457   -0.242  10.854  1.00 11.31 ? 59  VAL A CG1 1 
ATOM   395 C  CG2 . VAL A 1 60  ? 9.391   1.756   9.177   1.00 10.13 ? 59  VAL A CG2 1 
ATOM   396 N  N   . ASP A 1 61  ? 5.799   0.251   11.524  1.00 7.19  ? 60  ASP A N   1 
ATOM   397 C  CA  . ASP A 1 61  ? 4.951   -0.463  12.514  1.00 8.27  ? 60  ASP A CA  1 
ATOM   398 C  C   . ASP A 1 61  ? 3.974   -1.469  11.835  1.00 6.82  ? 60  ASP A C   1 
ATOM   399 O  O   . ASP A 1 61  ? 3.845   -2.645  12.228  1.00 7.05  ? 60  ASP A O   1 
ATOM   400 C  CB  . ASP A 1 61  ? 4.179   0.553   13.422  1.00 8.92  ? 60  ASP A CB  1 
ATOM   401 C  CG  . ASP A 1 61  ? 3.120   -0.127  14.276  1.00 7.13  ? 60  ASP A CG  1 
ATOM   402 O  OD1 . ASP A 1 61  ? 1.995   -0.279  13.796  1.00 10.12 ? 60  ASP A OD1 1 
ATOM   403 O  OD2 . ASP A 1 61  ? 3.469   -0.460  15.448  1.00 10.42 ? 60  ASP A OD2 1 
ATOM   404 N  N   . ILE A 1 62  ? 3.268   -1.007  10.796  1.00 8.20  ? 61  ILE A N   1 
ATOM   405 C  CA  . ILE A 1 62  ? 2.327   -1.886  10.075  1.00 7.28  ? 61  ILE A CA  1 
ATOM   406 C  C   . ILE A 1 62  ? 3.045   -3.014  9.373   1.00 6.41  ? 61  ILE A C   1 
ATOM   407 O  O   . ILE A 1 62  ? 2.599   -4.188  9.439   1.00 7.34  ? 61  ILE A O   1 
ATOM   408 C  CB  . ILE A 1 62  ? 1.442   -1.116  9.097   1.00 10.78 ? 61  ILE A CB  1 
ATOM   409 C  CG1 . ILE A 1 62  ? 0.484   -0.222  9.887   1.00 10.10 ? 61  ILE A CG1 1 
ATOM   410 C  CG2 . ILE A 1 62  ? 0.703   -2.100  8.168   1.00 8.19  ? 61  ILE A CG2 1 
ATOM   411 C  CD1 . ILE A 1 62  ? -0.214  0.861   8.969   1.00 12.48 ? 61  ILE A CD1 1 
ATOM   412 N  N   . ALA A 1 63  ? 4.200   -2.712  8.797   1.00 3.84  ? 62  ALA A N   1 
ATOM   413 C  CA  . ALA A 1 63  ? 5.043   -3.763  8.134   1.00 6.37  ? 62  ALA A CA  1 
ATOM   414 C  C   . ALA A 1 63  ? 5.499   -4.821  9.127   1.00 6.84  ? 62  ALA A C   1 
ATOM   415 O  O   . ALA A 1 63  ? 5.408   -6.013  8.839   1.00 6.50  ? 62  ALA A O   1 
ATOM   416 C  CB  . ALA A 1 63  ? 6.216   -3.152  7.400   1.00 7.34  ? 62  ALA A CB  1 
ATOM   417 N  N   . ILE A 1 64  ? 5.877   -4.403  10.327  1.00 5.40  ? 63  ILE A N   1 
ATOM   418 C  CA  . ILE A 1 64  ? 6.268   -5.345  11.377  1.00 6.87  ? 63  ILE A CA  1 
ATOM   419 C  C   . ILE A 1 64  ? 5.141   -6.246  11.771  1.00 5.35  ? 63  ILE A C   1 
ATOM   420 O  O   . ILE A 1 64  ? 5.235   -7.453  11.896  1.00 7.06  ? 63  ILE A O   1 
ATOM   421 C  CB  . ILE A 1 64  ? 6.893   -4.630  12.585  1.00 6.72  ? 63  ILE A CB  1 
ATOM   422 C  CG1 . ILE A 1 64  ? 8.213   -4.017  12.215  1.00 9.13  ? 63  ILE A CG1 1 
ATOM   423 C  CG2 . ILE A 1 64  ? 6.947   -5.631  13.802  1.00 9.29  ? 63  ILE A CG2 1 
ATOM   424 C  CD1 . ILE A 1 64  ? 9.342   -5.039  12.208  1.00 13.20 ? 63  ILE A CD1 1 
ATOM   425 N  N   . ARG A 1 65  ? 3.951   -5.655  11.913  1.00 5.33  ? 64  ARG A N   1 
ATOM   426 C  CA  . ARG A 1 65  ? 2.782   -6.444  12.298  1.00 5.67  ? 64  ARG A CA  1 
ATOM   427 C  C   . ARG A 1 65  ? 2.385   -7.459  11.207  1.00 5.52  ? 64  ARG A C   1 
ATOM   428 O  O   . ARG A 1 65  ? 2.117   -8.606  11.504  1.00 8.80  ? 64  ARG A O   1 
ATOM   429 C  CB  . ARG A 1 65  ? 1.612   -5.532  12.630  1.00 6.69  ? 64  ARG A CB  1 
ATOM   430 C  CG  . ARG A 1 65  ? 1.831   -4.590  13.832  1.00 7.34  ? 64  ARG A CG  1 
ATOM   431 C  CD  . ARG A 1 65  ? 0.661   -3.580  13.982  1.00 8.56  ? 64  ARG A CD  1 
ATOM   432 N  NE  . ARG A 1 65  ? 1.018   -2.530  14.931  1.00 8.32  ? 64  ARG A NE  1 
ATOM   433 C  CZ  . ARG A 1 65  ? 0.839   -2.646  16.228  1.00 5.60  ? 64  ARG A CZ  1 
ATOM   434 N  NH1 . ARG A 1 65  ? 0.194   -3.699  16.744  1.00 6.98  ? 64  ARG A NH1 1 
ATOM   435 N  NH2 . ARG A 1 65  ? 1.271   -1.679  17.014  1.00 6.60  ? 64  ARG A NH2 1 
ATOM   436 N  N   . LEU A 1 66  ? 2.419   -6.992  9.967   1.00 5.85  ? 65  LEU A N   1 
ATOM   437 C  CA  . LEU A 1 66  ? 2.134   -7.848  8.813   1.00 5.64  ? 65  LEU A CA  1 
ATOM   438 C  C   . LEU A 1 66  ? 3.104   -8.978  8.770   1.00 6.25  ? 65  LEU A C   1 
ATOM   439 O  O   . LEU A 1 66  ? 2.716   -10.155 8.609   1.00 8.11  ? 65  LEU A O   1 
ATOM   440 C  CB  . LEU A 1 66  ? 2.122   -7.060  7.508   1.00 5.45  ? 65  LEU A CB  1 
ATOM   441 C  CG  . LEU A 1 66  ? 0.902   -6.110  7.330   1.00 4.10  ? 65  LEU A CG  1 
ATOM   442 C  CD1 . LEU A 1 66  ? 1.221   -5.055  6.223   1.00 5.88  ? 65  LEU A CD1 1 
ATOM   443 C  CD2 . LEU A 1 66  ? -0.359  -6.879  7.016   1.00 9.21  ? 65  LEU A CD2 1 
ATOM   444 N  N   . GLY A 1 67  ? 4.346   -8.642  8.960   1.00 6.11  ? 66  GLY A N   1 
ATOM   445 C  CA  . GLY A 1 67  ? 5.463   -9.582  8.884   1.00 6.20  ? 66  GLY A CA  1 
ATOM   446 C  C   . GLY A 1 67  ? 5.254   -10.687 9.923   1.00 9.08  ? 66  GLY A C   1 
ATOM   447 O  O   . GLY A 1 67  ? 5.463   -11.889 9.634   1.00 10.71 ? 66  GLY A O   1 
ATOM   448 N  N   . LYS A 1 68  ? 4.892   -10.301 11.144  1.00 8.05  ? 67  LYS A N   1 
ATOM   449 C  CA  . LYS A 1 68  ? 4.714   -11.291 12.239  1.00 9.80  ? 67  LYS A CA  1 
ATOM   450 C  C   . LYS A 1 68  ? 3.473   -12.117 12.016  1.00 10.40 ? 67  LYS A C   1 
ATOM   451 O  O   . LYS A 1 68  ? 3.484   -13.381 12.166  1.00 12.37 ? 67  LYS A O   1 
ATOM   452 C  CB  . LYS A 1 68  ? 4.686   -10.612 13.582  1.00 10.73 ? 67  LYS A CB  1 
ATOM   453 C  CG  . LYS A 1 68  ? 6.035   -10.045 13.999  1.00 13.40 ? 67  LYS A CG  1 
ATOM   454 C  CD  . LYS A 1 68  ? 5.984   -9.692  15.457  1.00 17.15 ? 67  LYS A CD  1 
ATOM   455 C  CE  . LYS A 1 68  ? 7.252   -8.990  15.930  1.00 16.37 ? 67  LYS A CE  1 
ATOM   456 N  NZ  . LYS A 1 68  ? 8.500   -9.826  15.833  1.00 16.81 ? 67  LYS A NZ  1 
ATOM   457 N  N   . ALA A 1 69  ? 2.370   -11.470 11.681  1.00 7.58  ? 68  ALA A N   1 
ATOM   458 C  CA  . ALA A 1 69  ? 1.085   -12.171 11.540  1.00 9.65  ? 68  ALA A CA  1 
ATOM   459 C  C   . ALA A 1 69  ? 1.100   -13.166 10.409  1.00 7.76  ? 68  ALA A C   1 
ATOM   460 O  O   . ALA A 1 69  ? 0.490   -14.234 10.520  1.00 10.18 ? 68  ALA A O   1 
ATOM   461 C  CB  . ALA A 1 69  ? -0.088  -11.199 11.392  1.00 10.32 ? 68  ALA A CB  1 
ATOM   462 N  N   . LEU A 1 70  ? 1.746   -12.791 9.311   1.00 7.88  ? 69  LEU A N   1 
ATOM   463 C  CA  . LEU A 1 70  ? 1.751   -13.605 8.075   1.00 5.01  ? 69  LEU A CA  1 
ATOM   464 C  C   . LEU A 1 70  ? 2.956   -14.500 7.958   1.00 9.02  ? 69  LEU A C   1 
ATOM   465 O  O   . LEU A 1 70  ? 2.975   -15.481 7.222   1.00 9.99  ? 69  LEU A O   1 
ATOM   466 C  CB  . LEU A 1 70  ? 1.689   -12.667 6.848   1.00 8.80  ? 69  LEU A CB  1 
ATOM   467 C  CG  . LEU A 1 70  ? 0.391   -11.825 6.808   1.00 6.53  ? 69  LEU A CG  1 
ATOM   468 C  CD1 . LEU A 1 70  ? 0.533   -10.868 5.622   1.00 8.98  ? 69  LEU A CD1 1 
ATOM   469 C  CD2 . LEU A 1 70  ? -0.866  -12.662 6.644   1.00 9.59  ? 69  LEU A CD2 1 
ATOM   470 N  N   . GLY A 1 71  ? 3.968   -14.173 8.701   1.00 7.22  ? 70  GLY A N   1 
ATOM   471 C  CA  . GLY A 1 71  ? 5.257   -14.905 8.726   1.00 8.21  ? 70  GLY A CA  1 
ATOM   472 C  C   . GLY A 1 71  ? 6.118   -14.700 7.537   1.00 11.56 ? 70  GLY A C   1 
ATOM   473 O  O   . GLY A 1 71  ? 6.921   -15.564 7.156   1.00 16.06 ? 70  GLY A O   1 
ATOM   474 N  N   . ASN A 1 72  ? 6.029   -13.521 6.952   1.00 10.51 ? 71  ASN A N   1 
ATOM   475 C  CA  . ASN A 1 72  ? 6.837   -13.163 5.797   1.00 9.92  ? 71  ASN A CA  1 
ATOM   476 C  C   . ASN A 1 72  ? 7.747   -11.955 5.988   1.00 11.88 ? 71  ASN A C   1 
ATOM   477 O  O   . ASN A 1 72  ? 8.372   -11.522 5.040   1.00 13.40 ? 71  ASN A O   1 
ATOM   478 C  CB  . ASN A 1 72  ? 6.064   -13.035 4.512   1.00 8.93  ? 71  ASN A CB  1 
ATOM   479 C  CG  . ASN A 1 72  ? 4.853   -12.112 4.611   1.00 6.98  ? 71  ASN A CG  1 
ATOM   480 O  OD1 . ASN A 1 72  ? 4.792   -11.225 5.472   1.00 9.49  ? 71  ASN A OD1 1 
ATOM   481 N  ND2 . ASN A 1 72  ? 3.926   -12.305 3.684   1.00 11.00 ? 71  ASN A ND2 1 
ATOM   482 N  N   . GLY A 1 73  ? 7.779   -11.451 7.213   1.00 10.02 ? 72  GLY A N   1 
ATOM   483 C  CA  . GLY A 1 73  ? 8.740   -10.383 7.513   1.00 12.30 ? 72  GLY A CA  1 
ATOM   484 C  C   . GLY A 1 73  ? 8.302   -9.018  6.984   1.00 11.26 ? 72  GLY A C   1 
ATOM   485 O  O   . GLY A 1 73  ? 7.423   -8.885  6.155   1.00 11.30 ? 72  GLY A O   1 
ATOM   486 N  N   . PRO A 1 74  ? 8.913   -7.957  7.516   1.00 9.31  ? 73  PRO A N   1 
ATOM   487 C  CA  . PRO A 1 74  ? 8.475   -6.622  7.156   1.00 6.47  ? 73  PRO A CA  1 
ATOM   488 C  C   . PRO A 1 74  ? 8.963   -6.082  5.849   1.00 8.28  ? 73  PRO A C   1 
ATOM   489 O  O   . PRO A 1 74  ? 8.405   -5.147  5.289   1.00 8.49  ? 73  PRO A O   1 
ATOM   490 C  CB  . PRO A 1 74  ? 8.986   -5.773  8.311   1.00 9.29  ? 73  PRO A CB  1 
ATOM   491 C  CG  . PRO A 1 74  ? 10.258  -6.477  8.679   1.00 8.29  ? 73  PRO A CG  1 
ATOM   492 C  CD  . PRO A 1 74  ? 9.822   -7.917  8.674   1.00 9.45  ? 73  PRO A CD  1 
ATOM   493 N  N   A ARG A 1 75  ? 10.088  -6.619  5.377   0.50 8.15  ? 74  ARG A N   1 
ATOM   494 N  N   B ARG A 1 75  ? 10.098  -6.595  5.371   0.50 8.14  ? 74  ARG A N   1 
ATOM   495 C  CA  A ARG A 1 75  ? 10.727  -6.006  4.235   0.50 9.19  ? 74  ARG A CA  1 
ATOM   496 C  CA  B ARG A 1 75  ? 10.718  -5.938  4.235   0.50 9.44  ? 74  ARG A CA  1 
ATOM   497 C  C   A ARG A 1 75  ? 9.896   -6.117  2.992   0.50 9.25  ? 74  ARG A C   1 
ATOM   498 C  C   B ARG A 1 75  ? 9.926   -6.127  2.961   0.50 9.46  ? 74  ARG A C   1 
ATOM   499 O  O   A ARG A 1 75  ? 9.852   -5.174  2.191   0.50 8.07  ? 74  ARG A O   1 
ATOM   500 O  O   B ARG A 1 75  ? 9.929   -5.239  2.104   0.50 8.19  ? 74  ARG A O   1 
ATOM   501 C  CB  A ARG A 1 75  ? 12.104  -6.630  4.016   0.50 11.31 ? 74  ARG A CB  1 
ATOM   502 C  CB  B ARG A 1 75  ? 12.175  -6.394  4.089   0.50 10.69 ? 74  ARG A CB  1 
ATOM   503 C  CG  A ARG A 1 75  ? 13.136  -6.174  5.023   0.50 13.39 ? 74  ARG A CG  1 
ATOM   504 C  CG  B ARG A 1 75  ? 13.137  -5.663  5.018   0.50 20.28 ? 74  ARG A CG  1 
ATOM   505 C  CD  A ARG A 1 75  ? 14.563  -6.386  4.497   0.50 11.66 ? 74  ARG A CD  1 
ATOM   506 C  CD  B ARG A 1 75  ? 13.850  -4.593  4.248   0.50 20.02 ? 74  ARG A CD  1 
ATOM   507 N  NE  A ARG A 1 75  ? 15.570  -5.801  5.367   0.50 13.25 ? 74  ARG A NE  1 
ATOM   508 N  NE  B ARG A 1 75  ? 14.546  -3.612  5.071   0.50 31.68 ? 74  ARG A NE  1 
ATOM   509 C  CZ  A ARG A 1 75  ? 16.318  -4.755  5.031   0.50 16.28 ? 74  ARG A CZ  1 
ATOM   510 C  CZ  B ARG A 1 75  ? 14.190  -2.340  5.147   0.50 29.66 ? 74  ARG A CZ  1 
ATOM   511 N  NH1 A ARG A 1 75  ? 16.228  -4.211  3.825   0.50 26.93 ? 74  ARG A NH1 1 
ATOM   512 N  NH1 B ARG A 1 75  ? 13.150  -1.918  4.457   0.50 30.58 ? 74  ARG A NH1 1 
ATOM   513 N  NH2 A ARG A 1 75  ? 17.213  -4.286  5.879   0.50 14.50 ? 74  ARG A NH2 1 
ATOM   514 N  NH2 B ARG A 1 75  ? 14.863  -1.494  5.907   0.50 36.89 ? 74  ARG A NH2 1 
ATOM   515 N  N   . LEU A 1 76  ? 9.257   -7.266  2.838   1.00 10.33 ? 75  LEU A N   1 
ATOM   516 C  CA  . LEU A 1 76  ? 8.362   -7.520  1.668   1.00 9.03  ? 75  LEU A CA  1 
ATOM   517 C  C   . LEU A 1 76  ? 7.365   -6.348  1.522   1.00 7.16  ? 75  LEU A C   1 
ATOM   518 O  O   . LEU A 1 76  ? 7.185   -5.699  0.485   1.00 9.53  ? 75  LEU A O   1 
ATOM   519 C  CB  . LEU A 1 76  ? 7.613   -8.826  1.833   1.00 10.22 ? 75  LEU A CB  1 
ATOM   520 C  CG  . LEU A 1 76  ? 6.701   -9.221  0.695   1.00 10.49 ? 75  LEU A CG  1 
ATOM   521 C  CD1 . LEU A 1 76  ? 6.600   -10.791 0.709   1.00 15.48 ? 75  LEU A CD1 1 
ATOM   522 C  CD2 . LEU A 1 76  ? 5.309   -8.559  0.816   1.00 14.31 ? 75  LEU A CD2 1 
ATOM   523 N  N   . TRP A 1 77  ? 6.839   -5.974  2.664   1.00 7.56  ? 76  TRP A N   1 
ATOM   524 C  CA  . TRP A 1 77  ? 5.775   -4.960  2.765   1.00 6.44  ? 76  TRP A CA  1 
ATOM   525 C  C   . TRP A 1 77  ? 6.318   -3.530  2.513   1.00 6.92  ? 76  TRP A C   1 
ATOM   526 O  O   . TRP A 1 77  ? 5.656   -2.714  1.862   1.00 8.67  ? 76  TRP A O   1 
ATOM   527 C  CB  . TRP A 1 77  ? 5.056   -5.065  4.130   1.00 7.90  ? 76  TRP A CB  1 
ATOM   528 C  CG  . TRP A 1 77  ? 4.372   -6.356  4.200   1.00 6.48  ? 76  TRP A CG  1 
ATOM   529 C  CD1 . TRP A 1 77  ? 4.779   -7.505  4.864   1.00 7.39  ? 76  TRP A CD1 1 
ATOM   530 C  CD2 . TRP A 1 77  ? 3.196   -6.741  3.454   1.00 8.18  ? 76  TRP A CD2 1 
ATOM   531 N  NE1 . TRP A 1 77  ? 3.913   -8.535  4.619   1.00 9.43  ? 76  TRP A NE1 1 
ATOM   532 C  CE2 . TRP A 1 77  ? 2.935   -8.110  3.760   1.00 11.01 ? 76  TRP A CE2 1 
ATOM   533 C  CE3 . TRP A 1 77  ? 2.356   -6.070  2.570   1.00 10.83 ? 76  TRP A CE3 1 
ATOM   534 C  CZ2 . TRP A 1 77  ? 1.878   -8.784  3.196   1.00 13.27 ? 76  TRP A CZ2 1 
ATOM   535 C  CZ3 . TRP A 1 77  ? 1.299   -6.726  2.053   1.00 12.50 ? 76  TRP A CZ3 1 
ATOM   536 C  CH2 . TRP A 1 77  ? 1.074   -8.070  2.353   1.00 11.75 ? 76  TRP A CH2 1 
ATOM   537 N  N   . LEU A 1 78  ? 7.470   -3.245  3.145   1.00 7.32  ? 77  LEU A N   1 
ATOM   538 C  CA  . LEU A 1 78  ? 8.140   -1.963  2.955   1.00 6.31  ? 77  LEU A CA  1 
ATOM   539 C  C   . LEU A 1 78  ? 8.579   -1.816  1.503   1.00 7.42  ? 77  LEU A C   1 
ATOM   540 O  O   . LEU A 1 78  ? 8.485   -0.730  0.951   1.00 10.39 ? 77  LEU A O   1 
ATOM   541 C  CB  . LEU A 1 78  ? 9.278   -1.817  3.936   1.00 9.55  ? 77  LEU A CB  1 
ATOM   542 C  CG  . LEU A 1 78  ? 8.828   -1.703  5.409   1.00 9.73  ? 77  LEU A CG  1 
ATOM   543 C  CD1 . LEU A 1 78  ? 10.088  -1.859  6.307   1.00 12.98 ? 77  LEU A CD1 1 
ATOM   544 C  CD2 . LEU A 1 78  ? 8.117   -0.372  5.691   1.00 10.67 ? 77  LEU A CD2 1 
ATOM   545 N  N   . ASN A 1 79  ? 9.018   -2.919  0.910   1.00 7.38  ? 78  ASN A N   1 
ATOM   546 C  CA  . ASN A 1 79  ? 9.473   -2.887  -0.515  1.00 10.15 ? 78  ASN A CA  1 
ATOM   547 C  C   . ASN A 1 79  ? 8.294   -2.557  -1.399  1.00 11.89 ? 78  ASN A C   1 
ATOM   548 O  O   . ASN A 1 79  ? 8.394   -1.736  -2.315  1.00 10.14 ? 78  ASN A O   1 
ATOM   549 C  CB  . ASN A 1 79  ? 10.154  -4.174  -0.911  1.00 12.72 ? 78  ASN A CB  1 
ATOM   550 C  CG  . ASN A 1 79  ? 11.567  -4.322  -0.302  1.00 12.75 ? 78  ASN A CG  1 
ATOM   551 O  OD1 . ASN A 1 79  ? 12.155  -3.344  0.171   1.00 21.06 ? 78  ASN A OD1 1 
ATOM   552 N  ND2 . ASN A 1 79  ? 12.123  -5.559  -0.324  1.00 20.17 ? 78  ASN A ND2 1 
ATOM   553 N  N   . LEU A 1 80  ? 7.166   -3.196  -1.145  1.00 10.31 ? 79  LEU A N   1 
ATOM   554 C  CA  . LEU A 1 80  ? 5.904   -2.887  -1.863  1.00 9.79  ? 79  LEU A CA  1 
ATOM   555 C  C   . LEU A 1 80  ? 5.579   -1.389  -1.790  1.00 11.96 ? 79  LEU A C   1 
ATOM   556 O  O   . LEU A 1 80  ? 5.359   -0.735  -2.794  1.00 11.59 ? 79  LEU A O   1 
ATOM   557 C  CB  . LEU A 1 80  ? 4.700   -3.727  -1.422  1.00 10.29 ? 79  LEU A CB  1 
ATOM   558 C  CG  . LEU A 1 80  ? 4.738   -5.163  -1.806  1.00 9.57  ? 79  LEU A CG  1 
ATOM   559 C  CD1 . LEU A 1 80  ? 3.596   -5.875  -1.095  1.00 12.93 ? 79  LEU A CD1 1 
ATOM   560 C  CD2 . LEU A 1 80  ? 4.633   -5.341  -3.358  1.00 11.47 ? 79  LEU A CD2 1 
ATOM   561 N  N   . GLN A 1 81  ? 5.645   -0.845  -0.601  1.00 9.09  ? 80  GLN A N   1 
ATOM   562 C  CA  . GLN A 1 81  ? 5.286   0.529   -0.373  1.00 9.64  ? 80  GLN A CA  1 
ATOM   563 C  C   . GLN A 1 81  ? 6.325   1.444   -1.053  1.00 10.05 ? 80  GLN A C   1 
ATOM   564 O  O   . GLN A 1 81  ? 5.941   2.444   -1.629  1.00 12.22 ? 80  GLN A O   1 
ATOM   565 C  CB  . GLN A 1 81  ? 5.204   0.858   1.127   1.00 11.13 ? 80  GLN A CB  1 
ATOM   566 C  CG  . GLN A 1 81  ? 4.730   2.269   1.352   1.00 9.82  ? 80  GLN A CG  1 
ATOM   567 C  CD  . GLN A 1 81  ? 3.303   2.454   0.918   1.00 12.83 ? 80  GLN A CD  1 
ATOM   568 O  OE1 . GLN A 1 81  ? 2.390   1.757   1.379   1.00 11.49 ? 80  GLN A OE1 1 
ATOM   569 N  NE2 . GLN A 1 81  ? 3.082   3.393   -0.007  1.00 14.57 ? 80  GLN A NE2 1 
ATOM   570 N  N   . GLN A 1 82  ? 7.620   1.135   -0.942  1.00 10.63 ? 81  GLN A N   1 
ATOM   571 C  CA  . GLN A 1 82  ? 8.648   1.991   -1.535  1.00 12.65 ? 81  GLN A CA  1 
ATOM   572 C  C   . GLN A 1 82  ? 8.450   2.079   -3.025  1.00 14.40 ? 81  GLN A C   1 
ATOM   573 O  O   . GLN A 1 82  ? 8.588   3.156   -3.618  1.00 14.22 ? 81  GLN A O   1 
ATOM   574 C  CB  . GLN A 1 82  ? 10.031  1.457   -1.221  1.00 13.05 ? 81  GLN A CB  1 
ATOM   575 C  CG  . GLN A 1 82  ? 11.187  2.324   -1.752  1.00 21.10 ? 81  GLN A CG  1 
ATOM   576 N  N   . LYS A 1 83  ? 8.087   0.963   -3.627  1.00 13.08 ? 82  LYS A N   1 
ATOM   577 C  CA  . LYS A 1 83  ? 7.889   0.929   -5.114  1.00 14.40 ? 82  LYS A CA  1 
ATOM   578 C  C   . LYS A 1 83  ? 6.741   1.801   -5.529  1.00 14.86 ? 82  LYS A C   1 
ATOM   579 O  O   . LYS A 1 83  ? 6.803   2.521   -6.547  1.00 14.73 ? 82  LYS A O   1 
ATOM   580 C  CB  . LYS A 1 83  ? 7.683   -0.498  -5.626  1.00 13.81 ? 82  LYS A CB  1 
ATOM   581 C  CG  . LYS A 1 83  ? 8.986   -1.212  -5.721  1.00 19.76 ? 82  LYS A CG  1 
ATOM   582 C  CD  . LYS A 1 83  ? 8.792   -2.646  -6.115  1.00 20.76 ? 82  LYS A CD  1 
ATOM   583 C  CE  . LYS A 1 83  ? 10.096  -3.288  -6.495  1.00 33.89 ? 82  LYS A CE  1 
ATOM   584 N  NZ  . LYS A 1 83  ? 10.766  -2.482  -7.554  1.00 40.88 ? 82  LYS A NZ  1 
ATOM   585 N  N   . VAL A 1 84  ? 5.687   1.771   -4.741  1.00 12.97 ? 83  VAL A N   1 
ATOM   586 C  CA  . VAL A 1 84  ? 4.543   2.661   -4.936  1.00 14.18 ? 83  VAL A CA  1 
ATOM   587 C  C   . VAL A 1 84  ? 4.937   4.130   -4.802  1.00 13.68 ? 83  VAL A C   1 
ATOM   588 O  O   . VAL A 1 84  ? 4.552   4.986   -5.631  1.00 15.08 ? 83  VAL A O   1 
ATOM   589 C  CB  . VAL A 1 84  ? 3.381   2.356   -3.942  1.00 17.69 ? 83  VAL A CB  1 
ATOM   590 C  CG1 . VAL A 1 84  ? 2.293   3.455   -4.005  1.00 20.40 ? 83  VAL A CG1 1 
ATOM   591 C  CG2 . VAL A 1 84  ? 2.801   1.014   -4.300  1.00 17.27 ? 83  VAL A CG2 1 
ATOM   592 N  N   . ASP A 1 85  ? 5.674   4.419   -3.754  1.00 12.97 ? 84  ASP A N   1 
ATOM   593 C  CA  . ASP A 1 85  ? 6.071   5.799   -3.428  1.00 13.79 ? 84  ASP A CA  1 
ATOM   594 C  C   . ASP A 1 85  ? 6.870   6.357   -4.590  1.00 17.09 ? 84  ASP A C   1 
ATOM   595 O  O   . ASP A 1 85  ? 6.664   7.519   -5.007  1.00 17.29 ? 84  ASP A O   1 
ATOM   596 C  CB  . ASP A 1 85  ? 6.873   5.891   -2.135  1.00 14.67 ? 84  ASP A CB  1 
ATOM   597 C  CG  . ASP A 1 85  ? 6.068   5.517   -0.925  1.00 17.06 ? 84  ASP A CG  1 
ATOM   598 O  OD1 . ASP A 1 85  ? 4.841   5.501   -1.049  1.00 14.37 ? 84  ASP A OD1 1 
ATOM   599 O  OD2 . ASP A 1 85  ? 6.693   5.297   0.118   1.00 17.82 ? 84  ASP A OD2 1 
ATOM   600 N  N   . LEU A 1 86  ? 7.790   5.537   -5.082  1.00 13.69 ? 85  LEU A N   1 
ATOM   601 C  CA  . LEU A 1 86  ? 8.658   5.997   -6.169  1.00 16.32 ? 85  LEU A CA  1 
ATOM   602 C  C   . LEU A 1 86  ? 7.840   6.211   -7.432  1.00 18.10 ? 85  LEU A C   1 
ATOM   603 O  O   . LEU A 1 86  ? 8.025   7.213   -8.153  1.00 17.28 ? 85  LEU A O   1 
ATOM   604 C  CB  . LEU A 1 86  ? 9.799   5.027   -6.406  1.00 15.39 ? 85  LEU A CB  1 
ATOM   605 C  CG  . LEU A 1 86  ? 10.766  5.367   -7.540  1.00 20.86 ? 85  LEU A CG  1 
ATOM   606 C  CD1 . LEU A 1 86  ? 11.434  6.711   -7.291  1.00 23.43 ? 85  LEU A CD1 1 
ATOM   607 C  CD2 . LEU A 1 86  ? 11.783  4.243   -7.644  1.00 21.98 ? 85  LEU A CD2 1 
ATOM   608 N  N   . TRP A 1 87  ? 6.909   5.319   -7.696  1.00 19.63 ? 86  TRP A N   1 
ATOM   609 C  CA  . TRP A 1 87  ? 6.114   5.411   -8.927  1.00 20.42 ? 86  TRP A CA  1 
ATOM   610 C  C   . TRP A 1 87  ? 5.333   6.712   -8.943  1.00 22.01 ? 86  TRP A C   1 
ATOM   611 O  O   . TRP A 1 87  ? 5.291   7.444   -9.948  1.00 21.81 ? 86  TRP A O   1 
ATOM   612 C  CB  . TRP A 1 87  ? 5.156   4.236   -9.075  1.00 23.03 ? 86  TRP A CB  1 
ATOM   613 C  CG  . TRP A 1 87  ? 4.437   4.195   -10.414 1.00 22.35 ? 86  TRP A CG  1 
ATOM   614 C  CD1 . TRP A 1 87  ? 4.913   3.668   -11.580 1.00 27.56 ? 86  TRP A CD1 1 
ATOM   615 C  CD2 . TRP A 1 87  ? 3.111   4.636   -10.691 1.00 22.94 ? 86  TRP A CD2 1 
ATOM   616 N  NE1 . TRP A 1 87  ? 3.969   3.765   -12.564 1.00 27.13 ? 86  TRP A NE1 1 
ATOM   617 C  CE2 . TRP A 1 87  ? 2.855   4.364   -12.046 1.00 24.30 ? 86  TRP A CE2 1 
ATOM   618 C  CE3 . TRP A 1 87  ? 2.116   5.234   -9.928  1.00 35.95 ? 86  TRP A CE3 1 
ATOM   619 C  CZ2 . TRP A 1 87  ? 1.652   4.663   -12.653 1.00 32.86 ? 86  TRP A CZ2 1 
ATOM   620 C  CZ3 . TRP A 1 87  ? 0.920   5.549   -10.536 1.00 40.22 ? 86  TRP A CZ3 1 
ATOM   621 C  CH2 . TRP A 1 87  ? 0.695   5.255   -11.885 1.00 41.52 ? 86  TRP A CH2 1 
ATOM   622 N  N   . TYR A 1 88  ? 4.729   7.022   -7.818  1.00 20.38 ? 87  TYR A N   1 
ATOM   623 C  CA  . TYR A 1 88  ? 3.963   8.251   -7.717  1.00 22.42 ? 87  TYR A CA  1 
ATOM   624 C  C   . TYR A 1 88  ? 4.881   9.468   -7.766  1.00 20.04 ? 87  TYR A C   1 
ATOM   625 O  O   . TYR A 1 88  ? 4.497   10.492  -8.311  1.00 23.11 ? 87  TYR A O   1 
ATOM   626 C  CB  . TYR A 1 88  ? 3.047   8.271   -6.497  1.00 27.80 ? 87  TYR A CB  1 
ATOM   627 C  CG  . TYR A 1 88  ? 1.914   7.292   -6.718  1.00 36.70 ? 87  TYR A CG  1 
ATOM   628 C  CD1 . TYR A 1 88  ? 1.516   6.977   -8.012  1.00 47.61 ? 87  TYR A CD1 1 
ATOM   629 C  CD2 . TYR A 1 88  ? 1.275   6.649   -5.658  1.00 48.00 ? 87  TYR A CD2 1 
ATOM   630 C  CE1 . TYR A 1 88  ? 0.502   6.064   -8.259  1.00 52.96 ? 87  TYR A CE1 1 
ATOM   631 C  CE2 . TYR A 1 88  ? 0.244   5.732   -5.893  1.00 52.31 ? 87  TYR A CE2 1 
ATOM   632 C  CZ  . TYR A 1 88  ? -0.133  5.440   -7.203  1.00 53.07 ? 87  TYR A CZ  1 
ATOM   633 O  OH  . TYR A 1 88  ? -1.146  4.539   -7.489  1.00 57.86 ? 87  TYR A OH  1 
ATOM   634 N  N   . ALA A 1 89  ? 6.095   9.346   -7.248  1.00 15.42 ? 88  ALA A N   1 
ATOM   635 C  CA  . ALA A 1 89  ? 6.996   10.505  -7.245  1.00 17.69 ? 88  ALA A CA  1 
ATOM   636 C  C   . ALA A 1 89  ? 7.381   10.756  -8.695  1.00 19.57 ? 88  ALA A C   1 
ATOM   637 O  O   . ALA A 1 89  ? 7.446   11.917  -9.163  1.00 18.70 ? 88  ALA A O   1 
ATOM   638 C  CB  . ALA A 1 89  ? 8.239   10.267  -6.435  1.00 17.75 ? 88  ALA A CB  1 
ATOM   639 N  N   . LEU A 1 90  ? 7.687   9.667   -9.391  1.00 17.09 ? 89  LEU A N   1 
ATOM   640 C  CA  . LEU A 1 90  ? 8.152   9.784   -10.802 1.00 17.43 ? 89  LEU A CA  1 
ATOM   641 C  C   . LEU A 1 90  ? 7.028   10.278  -11.682 1.00 20.82 ? 89  LEU A C   1 
ATOM   642 O  O   . LEU A 1 90  ? 7.255   11.075  -12.608 1.00 17.98 ? 89  LEU A O   1 
ATOM   643 C  CB  . LEU A 1 90  ? 8.715   8.471   -11.349 1.00 16.89 ? 89  LEU A CB  1 
ATOM   644 C  CG  . LEU A 1 90  ? 10.073  8.052   -10.790 1.00 22.12 ? 89  LEU A CG  1 
ATOM   645 C  CD1 . LEU A 1 90  ? 10.327  6.566   -11.188 1.00 26.85 ? 89  LEU A CD1 1 
ATOM   646 C  CD2 . LEU A 1 90  ? 11.239  8.958   -11.214 1.00 28.86 ? 89  LEU A CD2 1 
ATOM   647 N  N   . GLN A 1 91  ? 5.814   9.848   -11.384 1.00 20.85 ? 90  GLN A N   1 
ATOM   648 C  CA  . GLN A 1 91  ? 4.655   10.271  -12.168 1.00 24.19 ? 90  GLN A CA  1 
ATOM   649 C  C   . GLN A 1 91  ? 4.473   11.750  -11.988 1.00 23.71 ? 90  GLN A C   1 
ATOM   650 O  O   . GLN A 1 91  ? 4.169   12.472  -12.932 1.00 21.92 ? 90  GLN A O   1 
ATOM   651 C  CB  . GLN A 1 91  ? 3.368   9.538   -11.755 1.00 27.17 ? 90  GLN A CB  1 
ATOM   652 C  CG  . GLN A 1 91  ? 3.355   8.109   -12.228 1.00 28.14 ? 90  GLN A CG  1 
ATOM   653 C  CD  . GLN A 1 91  ? 3.564   7.997   -13.720 1.00 40.04 ? 90  GLN A CD  1 
ATOM   654 O  OE1 . GLN A 1 91  ? 2.947   8.727   -14.494 1.00 54.21 ? 90  GLN A OE1 1 
ATOM   655 N  NE2 . GLN A 1 91  ? 4.439   7.090   -14.136 1.00 48.34 ? 90  GLN A NE2 1 
ATOM   656 N  N   . SER A 1 92  ? 4.697   12.185  -10.764 1.00 21.14 ? 91  SER A N   1 
ATOM   657 C  CA  . SER A 1 92  ? 4.388   13.535  -10.381 1.00 20.37 ? 91  SER A CA  1 
ATOM   658 C  C   . SER A 1 92  ? 5.409   14.415  -11.093 1.00 19.43 ? 91  SER A C   1 
ATOM   659 O  O   . SER A 1 92  ? 5.103   15.486  -11.593 1.00 20.76 ? 91  SER A O   1 
ATOM   660 C  CB  . SER A 1 92  ? 4.485   13.723  -8.861  1.00 22.39 ? 91  SER A CB  1 
ATOM   661 O  OG  . SER A 1 92  ? 4.058   15.025  -8.489  1.00 31.84 ? 91  SER A OG  1 
ATOM   662 N  N   . HIS A 1 93  ? 6.625   13.910  -11.135 1.00 15.90 ? 92  HIS A N   1 
ATOM   663 C  CA  . HIS A 1 93  ? 7.750   14.671  -11.659 1.00 15.31 ? 92  HIS A CA  1 
ATOM   664 C  C   . HIS A 1 93  ? 7.512   14.827  -13.135 1.00 15.95 ? 92  HIS A C   1 
ATOM   665 O  O   . HIS A 1 93  ? 7.760   15.888  -13.716 1.00 13.92 ? 92  HIS A O   1 
ATOM   666 C  CB  . HIS A 1 93  ? 9.028   13.890  -11.395 1.00 17.81 ? 92  HIS A CB  1 
ATOM   667 C  CG  . HIS A 1 93  ? 10.256  14.479  -11.989 1.00 18.83 ? 92  HIS A CG  1 
ATOM   668 N  ND1 . HIS A 1 93  ? 10.757  14.069  -13.204 1.00 22.09 ? 92  HIS A ND1 1 
ATOM   669 C  CD2 . HIS A 1 93  ? 11.110  15.416  -11.526 1.00 14.65 ? 92  HIS A CD2 1 
ATOM   670 C  CE1 . HIS A 1 93  ? 11.871  14.729  -13.462 1.00 18.27 ? 92  HIS A CE1 1 
ATOM   671 N  NE2 . HIS A 1 93  ? 12.113  15.546  -12.452 1.00 21.90 ? 92  HIS A NE2 1 
ATOM   672 N  N   . LYS A 1 94  ? 6.995   13.774  -13.730 1.00 16.48 ? 93  LYS A N   1 
ATOM   673 C  CA  . LYS A 1 94  ? 6.812   13.732  -15.193 1.00 16.71 ? 93  LYS A CA  1 
ATOM   674 C  C   . LYS A 1 94  ? 5.750   14.740  -15.600 1.00 17.95 ? 93  LYS A C   1 
ATOM   675 O  O   . LYS A 1 94  ? 5.942   15.560  -16.535 1.00 16.19 ? 93  LYS A O   1 
ATOM   676 C  CB  . LYS A 1 94  ? 6.420   12.332  -15.678 1.00 18.09 ? 93  LYS A CB  1 
ATOM   677 C  CG  . LYS A 1 94  ? 6.107   12.267  -17.145 1.00 22.05 ? 93  LYS A CG  1 
ATOM   678 N  N   . GLU A 1 95  ? 4.664   14.735  -14.853 1.00 17.60 ? 94  GLU A N   1 
ATOM   679 C  CA  . GLU A 1 95  ? 3.563   15.680  -15.047 1.00 19.28 ? 94  GLU A CA  1 
ATOM   680 C  C   . GLU A 1 95  ? 4.030   17.125  -14.865 1.00 18.36 ? 94  GLU A C   1 
ATOM   681 O  O   . GLU A 1 95  ? 3.660   18.034  -15.622 1.00 18.78 ? 94  GLU A O   1 
ATOM   682 C  CB  . GLU A 1 95  ? 2.411   15.381  -14.079 1.00 22.83 ? 94  GLU A CB  1 
ATOM   683 N  N   . GLU A 1 96  ? 4.843   17.319  -13.842 1.00 15.03 ? 95  GLU A N   1 
ATOM   684 C  CA  . GLU A 1 96  ? 5.263   18.652  -13.424 1.00 16.77 ? 95  GLU A CA  1 
ATOM   685 C  C   . GLU A 1 96  ? 6.095   19.243  -14.570 1.00 12.49 ? 95  GLU A C   1 
ATOM   686 O  O   . GLU A 1 96  ? 5.934   20.378  -14.961 1.00 14.41 ? 95  GLU A O   1 
ATOM   687 C  CB  . GLU A 1 96  ? 6.073   18.577  -12.125 1.00 18.82 ? 95  GLU A CB  1 
ATOM   688 C  CG  . GLU A 1 96  ? 6.669   19.866  -11.663 1.00 23.66 ? 95  GLU A CG  1 
ATOM   689 C  CD  . GLU A 1 96  ? 7.541   19.688  -10.432 1.00 32.18 ? 95  GLU A CD  1 
ATOM   690 O  OE1 . GLU A 1 96  ? 7.777   18.525  -10.023 1.00 29.70 ? 95  GLU A OE1 1 
ATOM   691 O  OE2 . GLU A 1 96  ? 8.002   20.723  -9.889  1.00 31.67 ? 95  GLU A OE2 1 
ATOM   692 N  N   . TYR A 1 97  ? 6.975   18.426  -15.100 1.00 10.55 ? 96  TYR A N   1 
ATOM   693 C  CA  . TYR A 1 97  ? 7.927   18.919  -16.107 1.00 10.70 ? 96  TYR A CA  1 
ATOM   694 C  C   . TYR A 1 97  ? 7.330   19.003  -17.480 1.00 11.44 ? 96  TYR A C   1 
ATOM   695 O  O   . TYR A 1 97  ? 7.645   19.913  -18.259 1.00 6.97  ? 96  TYR A O   1 
ATOM   696 C  CB  . TYR A 1 97  ? 9.262   18.191  -16.030 1.00 10.91 ? 96  TYR A CB  1 
ATOM   697 C  CG  . TYR A 1 97  ? 10.034  18.786  -14.876 1.00 11.92 ? 96  TYR A CG  1 
ATOM   698 C  CD1 . TYR A 1 97  ? 10.763  19.954  -15.065 1.00 12.98 ? 96  TYR A CD1 1 
ATOM   699 C  CD2 . TYR A 1 97  ? 9.972   18.259  -13.593 1.00 15.21 ? 96  TYR A CD2 1 
ATOM   700 C  CE1 . TYR A 1 97  ? 11.430  20.553  -14.038 1.00 10.00 ? 96  TYR A CE1 1 
ATOM   701 C  CE2 . TYR A 1 97  ? 10.675  18.870  -12.537 1.00 13.85 ? 96  TYR A CE2 1 
ATOM   702 C  CZ  . TYR A 1 97  ? 11.388  20.024  -12.774 1.00 13.74 ? 96  TYR A CZ  1 
ATOM   703 O  OH  . TYR A 1 97  ? 12.096  20.676  -11.776 1.00 16.17 ? 96  TYR A OH  1 
ATOM   704 N  N   A GLU A 1 98  ? 6.435   18.079  -17.789 0.50 12.03 ? 97  GLU A N   1 
ATOM   705 N  N   B GLU A 1 98  ? 6.424   18.086  -17.792 0.50 13.22 ? 97  GLU A N   1 
ATOM   706 C  CA  A GLU A 1 98  ? 5.692   18.177  -19.043 0.50 11.92 ? 97  GLU A CA  1 
ATOM   707 C  CA  B GLU A 1 98  ? 5.711   18.178  -19.066 0.50 14.10 ? 97  GLU A CA  1 
ATOM   708 C  C   A GLU A 1 98  ? 4.932   19.496  -19.045 0.50 11.17 ? 97  GLU A C   1 
ATOM   709 C  C   B GLU A 1 98  ? 4.920   19.488  -19.055 0.50 12.56 ? 97  GLU A C   1 
ATOM   710 O  O   A GLU A 1 98  ? 4.886   20.230  -20.045 0.50 9.76  ? 97  GLU A O   1 
ATOM   711 O  O   B GLU A 1 98  ? 4.836   20.207  -20.062 0.50 12.11 ? 97  GLU A O   1 
ATOM   712 C  CB  A GLU A 1 98  ? 4.741   16.995  -19.195 0.50 12.06 ? 97  GLU A CB  1 
ATOM   713 C  CB  B GLU A 1 98  ? 4.785   16.977  -19.288 0.50 15.32 ? 97  GLU A CB  1 
ATOM   714 C  CG  A GLU A 1 98  ? 5.476   15.732  -19.571 0.50 12.69 ? 97  GLU A CG  1 
ATOM   715 C  CG  B GLU A 1 98  ? 3.324   17.289  -19.094 0.50 22.01 ? 97  GLU A CG  1 
ATOM   716 C  CD  A GLU A 1 98  ? 4.544   14.559  -19.794 0.50 17.45 ? 97  GLU A CD  1 
ATOM   717 C  CD  B GLU A 1 98  ? 2.405   16.191  -19.620 0.50 26.59 ? 97  GLU A CD  1 
ATOM   718 O  OE1 A GLU A 1 98  ? 3.317   14.720  -19.621 0.50 14.75 ? 97  GLU A OE1 1 
ATOM   719 O  OE1 B GLU A 1 98  ? 2.077   16.206  -20.827 0.50 31.56 ? 97  GLU A OE1 1 
ATOM   720 O  OE2 A GLU A 1 98  ? 5.051   13.481  -20.147 0.50 14.77 ? 97  GLU A OE2 1 
ATOM   721 O  OE2 B GLU A 1 98  ? 2.004   15.324  -18.812 0.50 24.44 ? 97  GLU A OE2 1 
ATOM   722 N  N   . GLN A 1 99  ? 4.386   19.834  -17.895 1.00 9.20  ? 98  GLN A N   1 
ATOM   723 C  CA  . GLN A 1 99  ? 3.631   21.093  -17.746 1.00 10.24 ? 98  GLN A CA  1 
ATOM   724 C  C   . GLN A 1 99  ? 4.528   22.331  -17.956 1.00 6.73  ? 98  GLN A C   1 
ATOM   725 O  O   . GLN A 1 99  ? 4.169   23.286  -18.650 1.00 8.78  ? 98  GLN A O   1 
ATOM   726 C  CB  . GLN A 1 99  ? 2.941   21.191  -16.378 1.00 15.18 ? 98  GLN A CB  1 
ATOM   727 N  N   . VAL A 1 100 ? 5.710   22.277  -17.370 1.00 7.74  ? 99  VAL A N   1 
ATOM   728 C  CA  . VAL A 1 100 ? 6.610   23.403  -17.461 1.00 3.80  ? 99  VAL A CA  1 
ATOM   729 C  C   . VAL A 1 100 ? 7.019   23.615  -18.903 1.00 2.00  ? 99  VAL A C   1 
ATOM   730 O  O   . VAL A 1 100 ? 7.264   24.725  -19.363 1.00 4.48  ? 99  VAL A O   1 
ATOM   731 C  CB  . VAL A 1 100 ? 7.924   23.222  -16.652 1.00 6.22  ? 99  VAL A CB  1 
ATOM   732 C  CG1 . VAL A 1 100 ? 8.835   24.401  -16.874 1.00 7.56  ? 99  VAL A CG1 1 
ATOM   733 C  CG2 . VAL A 1 100 ? 7.633   23.069  -15.135 1.00 10.80 ? 99  VAL A CG2 1 
HETATM 734 N  N   A MSE A 1 101 ? 7.054   22.482  -19.623 0.50 3.63  ? 100 MSE A N   1 
HETATM 735 N  N   B MSE A 1 101 ? 7.082   22.514  -19.644 0.30 2.31  ? 100 MSE A N   1 
HETATM 736 N  N   C MSE A 1 101 ? 7.046   22.503  -19.635 0.20 2.72  ? 100 MSE A N   1 
HETATM 737 C  CA  A MSE A 1 101 ? 7.606   22.451  -20.993 0.50 3.50  ? 100 MSE A CA  1 
HETATM 738 C  CA  B MSE A 1 101 ? 7.630   22.618  -20.997 0.30 2.00  ? 100 MSE A CA  1 
HETATM 739 C  CA  C MSE A 1 101 ? 7.629   22.502  -20.987 0.20 2.00  ? 100 MSE A CA  1 
HETATM 740 C  C   A MSE A 1 101 ? 6.553   22.649  -22.075 0.50 2.35  ? 100 MSE A C   1 
HETATM 741 C  C   B MSE A 1 101 ? 6.554   22.502  -22.056 0.30 2.00  ? 100 MSE A C   1 
HETATM 742 C  C   C MSE A 1 101 ? 6.561   22.588  -22.065 0.20 2.00  ? 100 MSE A C   1 
HETATM 743 O  O   A MSE A 1 101 ? 6.847   22.829  -23.260 0.50 2.00  ? 100 MSE A O   1 
HETATM 744 O  O   B MSE A 1 101 ? 6.828   22.278  -23.210 0.30 2.00  ? 100 MSE A O   1 
HETATM 745 O  O   C MSE A 1 101 ? 6.856   22.598  -23.247 0.20 2.00  ? 100 MSE A O   1 
HETATM 746 C  CB  A MSE A 1 101 ? 8.337   21.135  -21.226 0.50 6.44  ? 100 MSE A CB  1 
HETATM 747 C  CB  B MSE A 1 101 ? 8.785   21.637  -21.201 0.30 2.00  ? 100 MSE A CB  1 
HETATM 748 C  CB  C MSE A 1 101 ? 8.528   21.279  -21.208 0.20 3.25  ? 100 MSE A CB  1 
HETATM 749 C  CG  A MSE A 1 101 ? 9.466   20.959  -20.268 0.50 11.27 ? 100 MSE A CG  1 
HETATM 750 C  CG  B MSE A 1 101 ? 9.920   21.942  -20.268 0.30 2.00  ? 100 MSE A CG  1 
HETATM 751 C  CG  C MSE A 1 101 ? 9.715   21.233  -20.266 0.20 2.00  ? 100 MSE A CG  1 
HETATM 752 SE SE  A MSE A 1 101 ? 10.899  22.208  -20.555 0.38 9.31  ? 100 MSE A SE  1 
HETATM 753 SE SE  B MSE A 1 101 ? 11.491  20.904  -20.540 0.22 2.00  ? 100 MSE A SE  1 
HETATM 754 SE SE  C MSE A 1 101 ? 11.006  19.766  -20.613 0.15 9.80  ? 100 MSE A SE  1 
HETATM 755 C  CE  A MSE A 1 101 ? 12.063  21.170  -21.726 0.30 12.52 ? 100 MSE A CE  1 
HETATM 756 C  CE  B MSE A 1 101 ? 10.572  19.220  -20.050 0.30 2.00  ? 100 MSE A CE  1 
HETATM 757 C  CE  C MSE A 1 101 ? 12.170  20.132  -19.108 0.20 2.00  ? 100 MSE A CE  1 
ATOM   758 N  N   . THR A 1 102 ? 5.317   22.692  -21.637 1.00 2.04  ? 101 THR A N   1 
ATOM   759 C  CA  . THR A 1 102 ? 4.205   22.809  -22.579 1.00 2.00  ? 101 THR A CA  1 
ATOM   760 C  C   . THR A 1 102 ? 3.868   24.260  -22.858 1.00 5.37  ? 101 THR A C   1 
ATOM   761 O  O   . THR A 1 102 ? 3.753   25.060  -21.931 1.00 8.62  ? 101 THR A O   1 
ATOM   762 C  CB  . THR A 1 102 ? 2.977   22.065  -22.015 1.00 2.43  ? 101 THR A CB  1 
ATOM   763 O  OG1 . THR A 1 102 ? 3.265   20.652  -22.001 1.00 5.11  ? 101 THR A OG1 1 
ATOM   764 C  CG2 . THR A 1 102 ? 1.749   22.327  -22.834 1.00 7.52  ? 101 THR A CG2 1 
ATOM   765 N  N   . LEU A 1 103 ? 3.807   24.602  -24.137 1.00 2.95  ? 102 LEU A N   1 
ATOM   766 C  CA  . LEU A 1 103 ? 3.463   25.958  -24.561 1.00 2.52  ? 102 LEU A CA  1 
ATOM   767 C  C   . LEU A 1 103 ? 1.961   26.008  -24.818 1.00 4.76  ? 102 LEU A C   1 
ATOM   768 O  O   . LEU A 1 103 ? 1.359   25.067  -25.338 1.00 4.63  ? 102 LEU A O   1 
ATOM   769 C  CB  . LEU A 1 103 ? 4.204   26.370  -25.810 1.00 2.00  ? 102 LEU A CB  1 
ATOM   770 C  CG  . LEU A 1 103 ? 5.741   26.147  -25.668 1.00 3.91  ? 102 LEU A CG  1 
ATOM   771 C  CD1 . LEU A 1 103 ? 6.428   26.507  -26.967 1.00 9.58  ? 102 LEU A CD1 1 
ATOM   772 C  CD2 . LEU A 1 103 ? 6.253   26.952  -24.510 1.00 14.08 ? 102 LEU A CD2 1 
ATOM   773 N  N   . VAL A 1 104 ? 1.374   27.125  -24.440 1.00 7.26  ? 103 VAL A N   1 
ATOM   774 C  CA  . VAL A 1 104 ? -0.067  27.360  -24.682 1.00 8.52  ? 103 VAL A CA  1 
ATOM   775 C  C   . VAL A 1 104 ? -0.267  28.251  -25.881 1.00 10.24 ? 103 VAL A C   1 
ATOM   776 O  O   . VAL A 1 104 ? -1.432  28.521  -26.271 1.00 9.51  ? 103 VAL A O   1 
ATOM   777 C  CB  . VAL A 1 104 ? -0.783  27.917  -23.425 1.00 12.32 ? 103 VAL A CB  1 
ATOM   778 C  CG1 . VAL A 1 104 ? -0.682  26.913  -22.280 1.00 13.74 ? 103 VAL A CG1 1 
ATOM   779 C  CG2 . VAL A 1 104 ? -0.207  29.268  -23.068 1.00 8.25  ? 103 VAL A CG2 1 
ATOM   780 O  OXT . VAL A 1 104 ? 0.678   28.774  -26.544 1.00 10.02 ? 103 VAL A OXT 1 
HETATM 781 C  C1  . MRD B 2 .   ? 4.426   -3.459  16.051  1.00 39.09 ? 104 MRD A C1  1 
HETATM 782 C  C2  . MRD B 2 .   ? 5.451   -2.890  17.027  1.00 49.33 ? 104 MRD A C2  1 
HETATM 783 O  O2  . MRD B 2 .   ? 6.176   -1.832  16.325  1.00 53.36 ? 104 MRD A O2  1 
HETATM 784 C  CM  . MRD B 2 .   ? 4.736   -2.386  18.278  1.00 36.31 ? 104 MRD A CM  1 
HETATM 785 C  C3  . MRD B 2 .   ? 6.403   -3.985  17.463  1.00 51.52 ? 104 MRD A C3  1 
HETATM 786 C  C4  . MRD B 2 .   ? 5.571   -5.240  17.658  1.00 57.05 ? 104 MRD A C4  1 
HETATM 787 O  O4  . MRD B 2 .   ? 4.328   -4.861  18.193  1.00 60.25 ? 104 MRD A O4  1 
HETATM 788 C  C5  . MRD B 2 .   ? 6.224   -6.261  18.574  1.00 54.15 ? 104 MRD A C5  1 
HETATM 789 C  C1  . PEG C 3 .   ? -1.366  -7.317  19.226  1.00 48.33 ? 105 PEG A C1  1 
HETATM 790 O  O1  . PEG C 3 .   ? -0.717  -6.058  19.468  1.00 31.79 ? 105 PEG A O1  1 
HETATM 791 C  C2  . PEG C 3 .   ? -0.303  -8.329  18.855  1.00 43.99 ? 105 PEG A C2  1 
HETATM 792 O  O2  . PEG C 3 .   ? 0.451   -7.760  17.781  1.00 51.00 ? 105 PEG A O2  1 
HETATM 793 C  C3  . PEG C 3 .   ? 0.889   -8.756  16.854  1.00 50.57 ? 105 PEG A C3  1 
HETATM 794 C  C4  . PEG C 3 .   ? 1.133   -8.100  15.503  1.00 41.12 ? 105 PEG A C4  1 
HETATM 795 O  O4  . PEG C 3 .   ? 0.800   -8.999  14.425  1.00 46.66 ? 105 PEG A O4  1 
HETATM 796 O  O   . HOH D 4 .   ? -4.231  -18.929 -1.504  1.00 13.05 ? 106 HOH A O   1 
HETATM 797 O  O   . HOH D 4 .   ? 1.455   -16.851 10.043  1.00 15.27 ? 107 HOH A O   1 
HETATM 798 O  O   . HOH D 4 .   ? 10.124  -9.695  4.159   1.00 17.25 ? 108 HOH A O   1 
HETATM 799 O  O   . HOH D 4 .   ? 11.863  -9.044  6.200   1.00 17.37 ? 109 HOH A O   1 
HETATM 800 O  O   . HOH D 4 .   ? -4.978  1.821   14.283  1.00 17.76 ? 110 HOH A O   1 
HETATM 801 O  O   . HOH D 4 .   ? -0.801  23.539  -24.805 1.00 18.38 ? 111 HOH A O   1 
HETATM 802 O  O   . HOH D 4 .   ? -10.020 -0.861  17.113  1.00 18.95 ? 112 HOH A O   1 
HETATM 803 O  O   . HOH D 4 .   ? -3.536  26.995  -25.537 1.00 19.94 ? 113 HOH A O   1 
HETATM 804 O  O   . HOH D 4 .   ? 8.424   -11.200 10.806  1.00 20.86 ? 114 HOH A O   1 
HETATM 805 O  O   . HOH D 4 .   ? -7.273  -4.158  16.954  1.00 21.77 ? 115 HOH A O   1 
HETATM 806 O  O   . HOH D 4 .   ? 4.605   -2.072  -5.187  1.00 22.03 ? 116 HOH A O   1 
HETATM 807 O  O   . HOH D 4 .   ? -11.309 -1.610  14.822  1.00 22.59 ? 117 HOH A O   1 
HETATM 808 O  O   . HOH D 4 .   ? -6.363  -6.290  18.372  1.00 22.62 ? 118 HOH A O   1 
HETATM 809 O  O   . HOH D 4 .   ? -8.625  4.128   13.820  1.00 22.96 ? 119 HOH A O   1 
HETATM 810 O  O   . HOH D 4 .   ? -11.936 1.161   13.058  1.00 23.30 ? 120 HOH A O   1 
HETATM 811 O  O   . HOH D 4 .   ? -12.573 -10.813 2.486   1.00 23.58 ? 121 HOH A O   1 
HETATM 812 O  O   . HOH D 4 .   ? -6.663  -7.125  -4.490  1.00 23.87 ? 122 HOH A O   1 
HETATM 813 O  O   . HOH D 4 .   ? -14.614 -9.094  3.501   1.00 24.05 ? 123 HOH A O   1 
HETATM 814 O  O   . HOH D 4 .   ? -1.719  23.308  -22.135 1.00 24.15 ? 124 HOH A O   1 
HETATM 815 O  O   . HOH D 4 .   ? 6.159   -17.463 5.279   1.00 24.45 ? 125 HOH A O   1 
HETATM 816 O  O   . HOH D 4 .   ? -14.628 -6.047  8.432   1.00 24.85 ? 126 HOH A O   1 
HETATM 817 O  O   . HOH D 4 .   ? -13.630 -6.971  4.735   1.00 25.30 ? 127 HOH A O   1 
HETATM 818 O  O   . HOH D 4 .   ? 5.725   29.100  -21.434 1.00 25.39 ? 128 HOH A O   1 
HETATM 819 O  O   . HOH D 4 .   ? -13.135 -14.953 -0.054  1.00 25.74 ? 129 HOH A O   1 
HETATM 820 O  O   . HOH D 4 .   ? 6.507   27.115  -18.132 1.00 26.93 ? 130 HOH A O   1 
HETATM 821 O  O   . HOH D 4 .   ? -10.712 -9.004  0.784   1.00 26.93 ? 131 HOH A O   1 
HETATM 822 O  O   . HOH D 4 .   ? -3.803  24.934  -21.559 1.00 27.90 ? 132 HOH A O   1 
HETATM 823 O  O   . HOH D 4 .   ? -4.316  -0.290  -2.203  1.00 29.13 ? 133 HOH A O   1 
HETATM 824 O  O   . HOH D 4 .   ? -0.231  7.441   4.817   1.00 29.65 ? 134 HOH A O   1 
HETATM 825 O  O   . HOH D 4 .   ? 6.138   26.516  -21.296 1.00 29.96 ? 135 HOH A O   1 
HETATM 826 O  O   . HOH D 4 .   ? -9.790  -19.876 -0.490  1.00 30.28 ? 136 HOH A O   1 
HETATM 827 O  O   . HOH D 4 .   ? -11.260 -5.152  14.447  1.00 30.90 ? 137 HOH A O   1 
HETATM 828 O  O   . HOH D 4 .   ? 2.195   24.888  -19.696 1.00 30.94 ? 138 HOH A O   1 
HETATM 829 O  O   . HOH D 4 .   ? -0.175  1.399   1.505   1.00 31.15 ? 139 HOH A O   1 
HETATM 830 O  O   . HOH D 4 .   ? 3.393   29.226  -23.415 1.00 31.19 ? 140 HOH A O   1 
HETATM 831 O  O   . HOH D 4 .   ? 0.294   4.642   -0.566  1.00 31.45 ? 141 HOH A O   1 
HETATM 832 O  O   . HOH D 4 .   ? 5.650   -14.777 12.641  1.00 31.71 ? 142 HOH A O   1 
HETATM 833 O  O   . HOH D 4 .   ? 8.384   1.689   -8.797  1.00 31.73 ? 143 HOH A O   1 
HETATM 834 O  O   . HOH D 4 .   ? -1.739  -14.769 12.133  1.00 32.14 ? 144 HOH A O   1 
HETATM 835 O  O   . HOH D 4 .   ? -10.647 -19.546 2.757   1.00 32.15 ? 145 HOH A O   1 
HETATM 836 O  O   . HOH D 4 .   ? -16.192 -11.771 0.385   1.00 32.59 ? 146 HOH A O   1 
HETATM 837 O  O   . HOH D 4 .   ? 11.147  -11.526 10.362  1.00 32.69 ? 147 HOH A O   1 
HETATM 838 O  O   . HOH D 4 .   ? -6.941  4.960   10.717  1.00 32.98 ? 148 HOH A O   1 
HETATM 839 O  O   . HOH D 4 .   ? 0.761   5.715   7.081   1.00 33.02 ? 149 HOH A O   1 
HETATM 840 O  O   . HOH D 4 .   ? 1.677   18.693  -22.200 1.00 33.07 ? 150 HOH A O   1 
HETATM 841 O  O   . HOH D 4 .   ? -7.072  -14.569 -5.033  1.00 33.21 ? 151 HOH A O   1 
HETATM 842 O  O   . HOH D 4 .   ? -0.725  4.598   10.052  1.00 33.52 ? 152 HOH A O   1 
HETATM 843 O  O   . HOH D 4 .   ? -13.893 -12.997 1.492   1.00 33.92 ? 153 HOH A O   1 
HETATM 844 O  O   . HOH D 4 .   ? -10.846 -7.014  2.695   1.00 33.95 ? 154 HOH A O   1 
HETATM 845 O  O   . HOH D 4 .   ? -2.024  -11.410 -2.458  1.00 34.39 ? 155 HOH A O   1 
HETATM 846 O  O   . HOH D 4 .   ? 4.602   22.201  -13.511 1.00 34.85 ? 156 HOH A O   1 
HETATM 847 O  O   . HOH D 4 .   ? -16.812 -16.297 0.596   1.00 34.86 ? 157 HOH A O   1 
HETATM 848 O  O   . HOH D 4 .   ? -15.098 -13.010 5.976   1.00 34.98 ? 158 HOH A O   1 
HETATM 849 O  O   . HOH D 4 .   ? 5.317   5.849   2.382   1.00 34.99 ? 159 HOH A O   1 
HETATM 850 O  O   . HOH D 4 .   ? -3.380  -13.832 -1.602  1.00 35.97 ? 160 HOH A O   1 
HETATM 851 O  O   . HOH D 4 .   ? -15.143 -14.727 -0.966  1.00 36.30 ? 161 HOH A O   1 
HETATM 852 O  O   . HOH D 4 .   ? -9.501  -11.987 14.426  1.00 36.33 ? 162 HOH A O   1 
HETATM 853 O  O   . HOH D 4 .   ? -0.067  23.728  -19.804 1.00 36.49 ? 163 HOH A O   1 
HETATM 854 O  O   . HOH D 4 .   ? -2.618  2.778   13.508  1.00 36.89 ? 164 HOH A O   1 
HETATM 855 O  O   . HOH D 4 .   ? 8.070   14.065  -7.630  1.00 37.68 ? 165 HOH A O   1 
HETATM 856 O  O   . HOH D 4 .   ? -15.280 -13.155 8.632   1.00 37.92 ? 166 HOH A O   1 
HETATM 857 O  O   . HOH D 4 .   ? 5.573   6.529   9.362   1.00 38.28 ? 167 HOH A O   1 
HETATM 858 O  O   . HOH D 4 .   ? -9.971  -16.343 -3.203  1.00 38.44 ? 168 HOH A O   1 
HETATM 859 O  O   . HOH D 4 .   ? 8.013   -13.239 12.147  1.00 38.52 ? 169 HOH A O   1 
HETATM 860 O  O   . HOH D 4 .   ? -8.877  -11.118 -4.676  1.00 39.51 ? 170 HOH A O   1 
HETATM 861 O  O   . HOH D 4 .   ? -7.673  -2.807  -2.906  1.00 39.79 ? 171 HOH A O   1 
HETATM 862 O  O   . HOH D 4 .   ? -0.590  -13.470 14.673  1.00 40.41 ? 172 HOH A O   1 
HETATM 863 O  O   . HOH D 4 .   ? 5.332   4.793   4.972   1.00 40.74 ? 173 HOH A O   1 
HETATM 864 O  O   . HOH D 4 .   ? -12.106 -16.793 -1.724  1.00 40.89 ? 174 HOH A O   1 
HETATM 865 O  O   . HOH D 4 .   ? 8.065   -12.579 15.910  1.00 41.04 ? 175 HOH A O   1 
HETATM 866 O  O   . HOH D 4 .   ? -16.678 -9.364  11.822  1.00 41.31 ? 176 HOH A O   1 
HETATM 867 O  O   . HOH D 4 .   ? 5.620   9.470   -3.558  1.00 41.56 ? 177 HOH A O   1 
HETATM 868 O  O   . HOH D 4 .   ? -9.936  -4.761  16.660  1.00 42.12 ? 178 HOH A O   1 
HETATM 869 O  O   . HOH D 4 .   ? -11.694 -4.583  1.498   1.00 42.68 ? 179 HOH A O   1 
HETATM 870 O  O   . HOH D 4 .   ? -12.608 -10.295 14.493  1.00 42.83 ? 180 HOH A O   1 
HETATM 871 O  O   . HOH D 4 .   ? -4.883  0.526   -4.573  1.00 44.28 ? 181 HOH A O   1 
HETATM 872 O  O   . HOH D 4 .   ? 8.749   1.798   2.591   1.00 44.90 ? 182 HOH A O   1 
HETATM 873 O  O   . HOH D 4 .   ? 9.197   5.915   0.285   1.00 45.79 ? 183 HOH A O   1 
HETATM 874 O  O   . HOH D 4 .   ? 3.473   6.816   6.810   1.00 46.22 ? 184 HOH A O   1 
HETATM 875 O  O   . HOH D 4 .   ? -1.854  -11.680 16.301  1.00 46.96 ? 185 HOH A O   1 
HETATM 876 O  O   . HOH D 4 .   ? 10.124  17.136  -9.323  1.00 47.01 ? 186 HOH A O   1 
HETATM 877 O  O   . HOH D 4 .   ? -9.159  -8.868  -3.556  1.00 47.60 ? 187 HOH A O   1 
HETATM 878 O  O   . HOH D 4 .   ? -14.193 -4.022  5.082   1.00 49.50 ? 188 HOH A O   1 
HETATM 879 O  O   . HOH D 4 .   ? -12.102 -18.861 -0.170  1.00 49.51 ? 189 HOH A O   1 
HETATM 880 O  O   . HOH D 4 .   ? 8.052   3.749   5.944   1.00 49.93 ? 190 HOH A O   1 
HETATM 881 O  O   . HOH D 4 .   ? 12.437  -1.400  1.883   1.00 50.38 ? 191 HOH A O   1 
HETATM 882 O  O   . HOH D 4 .   ? 10.788  0.497   -8.269  1.00 51.31 ? 192 HOH A O   1 
HETATM 883 O  O   . HOH D 4 .   ? -14.129 -15.819 8.361   1.00 51.49 ? 193 HOH A O   1 
HETATM 884 O  O   . HOH D 4 .   ? -14.027 1.616   10.131  1.00 53.75 ? 194 HOH A O   1 
HETATM 885 O  O   . HOH D 4 .   ? 12.954  0.995   6.593   1.00 54.05 ? 195 HOH A O   1 
HETATM 886 O  O   . HOH D 4 .   ? -15.183 -18.815 0.335   1.00 54.09 ? 196 HOH A O   1 
HETATM 887 O  O   . HOH D 4 .   ? -5.909  8.224   5.405   1.00 55.00 ? 197 HOH A O   1 
HETATM 888 O  O   . HOH D 4 .   ? 4.283   11.928  -4.854  1.00 55.06 ? 198 HOH A O   1 
HETATM 889 O  O   . HOH D 4 .   ? 0.438   20.723  -19.194 1.00 56.72 ? 199 HOH A O   1 
HETATM 890 O  O   . HOH D 4 .   ? -14.042 -14.542 -3.527  1.00 56.75 ? 200 HOH A O   1 
HETATM 891 O  O   . HOH D 4 .   ? 2.839   6.910   -2.132  1.00 59.40 ? 201 HOH A O   1 
HETATM 892 O  O   . HOH D 4 .   ? 1.444   -11.987 15.576  1.00 63.60 ? 202 HOH A O   1 
# 
